data_4O1M
#
_entry.id   4O1M
#
_cell.length_a   136.400
_cell.length_b   75.570
_cell.length_c   188.330
_cell.angle_alpha   90.00
_cell.angle_beta   90.10
_cell.angle_gamma   90.00
#
_symmetry.space_group_name_H-M   'C 1 2 1'
#
loop_
_entity.id
_entity.type
_entity.pdbx_description
1 polymer 'Enoyl-acyl carrier reductase'
2 non-polymer NICOTINAMIDE-ADENINE-DINUCLEOTIDE
3 water water
#
_entity_poly.entity_id   1
_entity_poly.type   'polypeptide(L)'
_entity_poly.pdbx_seq_one_letter_code
;SAFPIDLRGQTAFVAGVADSHGYGWAIAKHLASAGARVALGTWPPVLGLFQKSLQSGRLDEDRKLPDGSLIEFAGVYPLD
AAFDKPEDVPQDIKDNKRYAGVDGYTIKEVAVKVKQDLGNIDILVHSLANGPEVTKPLLETSRKGYLAASSNSAYSFVSL
LQHFGPIMNEGGSAVTLSYLAAERVVPGYGGGMSSAKAALESDTRTLAWEAGQKYGVRVNAISAGPLKSRAASAIGKSGE
KSFIDYAIDYSYNNAPLRRDLHSDDVGGAALFLLSPLARAVSGVTLYVDNGLHAMGQAVDSRSMPPLQRATQEIN
;
_entity_poly.pdbx_strand_id   A,B,C,D,E,F
#
# COMPACT_ATOMS: atom_id res chain seq x y z
N PRO A 4 -23.18 -1.07 24.39
CA PRO A 4 -22.86 -0.31 23.18
C PRO A 4 -23.98 -0.32 22.14
N ILE A 5 -24.66 -1.47 21.97
CA ILE A 5 -25.91 -1.54 21.15
C ILE A 5 -27.07 -2.02 22.03
N ASP A 6 -27.89 -1.09 22.48
CA ASP A 6 -29.02 -1.40 23.35
C ASP A 6 -30.27 -0.96 22.62
N LEU A 7 -31.06 -1.92 22.14
CA LEU A 7 -32.26 -1.58 21.41
C LEU A 7 -33.54 -1.78 22.25
N ARG A 8 -33.38 -1.94 23.56
CA ARG A 8 -34.56 -2.09 24.43
C ARG A 8 -35.45 -0.84 24.33
N GLY A 9 -36.76 -1.04 24.31
CA GLY A 9 -37.68 0.06 24.02
C GLY A 9 -37.91 0.33 22.52
N GLN A 10 -37.10 -0.25 21.65
CA GLN A 10 -37.33 -0.08 20.20
C GLN A 10 -38.10 -1.23 19.57
N THR A 11 -38.80 -0.92 18.48
CA THR A 11 -39.60 -1.88 17.74
C THR A 11 -39.13 -1.94 16.29
N ALA A 12 -38.98 -3.16 15.77
CA ALA A 12 -38.53 -3.36 14.41
C ALA A 12 -39.58 -4.12 13.63
N PHE A 13 -39.68 -3.80 12.33
CA PHE A 13 -40.49 -4.59 11.40
C PHE A 13 -39.58 -5.14 10.33
N VAL A 14 -39.54 -6.48 10.21
CA VAL A 14 -38.69 -7.16 9.25
C VAL A 14 -39.53 -7.79 8.14
N ALA A 15 -39.49 -7.19 6.94
CA ALA A 15 -40.31 -7.69 5.83
C ALA A 15 -39.53 -8.72 5.01
N GLY A 16 -40.05 -9.94 4.89
CA GLY A 16 -39.44 -10.98 4.02
C GLY A 16 -38.81 -12.10 4.84
N VAL A 17 -39.57 -12.66 5.78
CA VAL A 17 -39.09 -13.76 6.59
C VAL A 17 -40.14 -14.85 6.49
N ALA A 18 -39.74 -15.99 5.91
CA ALA A 18 -40.63 -17.14 5.75
C ALA A 18 -39.99 -18.44 6.29
N ASP A 19 -38.75 -18.35 6.78
CA ASP A 19 -38.06 -19.55 7.28
C ASP A 19 -36.79 -19.06 7.96
N SER A 20 -36.01 -19.98 8.51
CA SER A 20 -34.82 -19.57 9.25
C SER A 20 -33.54 -19.62 8.46
N HIS A 21 -33.62 -19.82 7.15
CA HIS A 21 -32.39 -20.03 6.35
C HIS A 21 -31.86 -18.76 5.66
N GLY A 22 -32.66 -17.70 5.63
CA GLY A 22 -32.28 -16.52 4.86
C GLY A 22 -31.69 -15.41 5.69
N TYR A 23 -31.36 -14.31 4.99
CA TYR A 23 -30.80 -13.17 5.68
C TYR A 23 -31.80 -12.48 6.60
N GLY A 24 -33.09 -12.50 6.20
CA GLY A 24 -34.17 -11.86 6.99
C GLY A 24 -34.21 -12.42 8.41
N TRP A 25 -34.23 -13.75 8.53
CA TRP A 25 -34.23 -14.40 9.83
C TRP A 25 -33.02 -13.96 10.67
N ALA A 26 -31.83 -13.96 10.06
CA ALA A 26 -30.60 -13.62 10.82
C ALA A 26 -30.64 -12.17 11.34
N ILE A 27 -31.16 -11.26 10.53
CA ILE A 27 -31.26 -9.87 10.96
C ILE A 27 -32.26 -9.79 12.14
N ALA A 28 -33.42 -10.44 12.01
CA ALA A 28 -34.43 -10.45 13.07
C ALA A 28 -33.87 -10.98 14.38
N LYS A 29 -33.05 -12.03 14.27
CA LYS A 29 -32.43 -12.67 15.43
C LYS A 29 -31.44 -11.73 16.13
N HIS A 30 -30.61 -11.01 15.37
CA HIS A 30 -29.71 -10.01 15.95
C HIS A 30 -30.42 -8.82 16.59
N LEU A 31 -31.49 -8.34 15.93
CA LEU A 31 -32.32 -7.28 16.54
C LEU A 31 -32.90 -7.72 17.87
N ALA A 32 -33.53 -8.90 17.91
CA ALA A 32 -34.06 -9.46 19.19
C ALA A 32 -32.98 -9.66 20.27
N SER A 33 -31.78 -10.13 19.89
CA SER A 33 -30.70 -10.31 20.89
C SER A 33 -30.26 -8.99 21.49
N ALA A 34 -30.39 -7.90 20.74
CA ALA A 34 -30.02 -6.58 21.26
C ALA A 34 -31.17 -5.88 22.02
N GLY A 35 -32.31 -6.54 22.16
CA GLY A 35 -33.36 -6.02 23.03
C GLY A 35 -34.58 -5.48 22.28
N ALA A 36 -34.56 -5.45 20.94
CA ALA A 36 -35.67 -4.86 20.18
C ALA A 36 -36.88 -5.79 20.19
N ARG A 37 -38.08 -5.24 20.17
CA ARG A 37 -39.25 -6.04 19.81
C ARG A 37 -39.26 -6.17 18.30
N VAL A 38 -39.48 -7.37 17.78
CA VAL A 38 -39.36 -7.61 16.36
C VAL A 38 -40.67 -8.20 15.82
N ALA A 39 -41.27 -7.52 14.84
CA ALA A 39 -42.40 -8.08 14.12
C ALA A 39 -41.93 -8.48 12.71
N LEU A 40 -42.53 -9.55 12.17
CA LEU A 40 -42.23 -10.05 10.81
C LEU A 40 -43.33 -9.83 9.80
N GLY A 41 -42.92 -9.63 8.54
CA GLY A 41 -43.81 -9.62 7.40
C GLY A 41 -43.50 -10.84 6.54
N THR A 42 -44.53 -11.65 6.24
CA THR A 42 -44.32 -12.92 5.57
C THR A 42 -45.24 -13.01 4.34
N TRP A 43 -44.69 -13.44 3.22
CA TRP A 43 -45.47 -13.66 1.98
C TRP A 43 -46.68 -14.59 2.27
N PRO A 44 -47.93 -14.14 1.97
CA PRO A 44 -49.08 -14.89 2.49
C PRO A 44 -49.18 -16.37 2.13
N PRO A 45 -48.79 -16.76 0.90
CA PRO A 45 -48.91 -18.21 0.64
C PRO A 45 -48.07 -19.11 1.55
N VAL A 46 -46.99 -18.59 2.14
CA VAL A 46 -46.17 -19.44 3.02
C VAL A 46 -46.30 -19.10 4.51
N LEU A 47 -47.26 -18.24 4.83
CA LEU A 47 -47.47 -17.82 6.19
C LEU A 47 -47.86 -19.01 7.11
N GLY A 48 -48.82 -19.83 6.67
CA GLY A 48 -49.24 -21.00 7.45
C GLY A 48 -48.11 -21.97 7.82
N LEU A 49 -47.31 -22.32 6.82
CA LEU A 49 -46.12 -23.14 6.97
C LEU A 49 -45.14 -22.54 7.97
N PHE A 50 -44.84 -21.26 7.81
CA PHE A 50 -43.92 -20.60 8.73
C PHE A 50 -44.46 -20.57 10.16
N GLN A 51 -45.72 -20.19 10.31
CA GLN A 51 -46.35 -20.16 11.64
C GLN A 51 -46.34 -21.54 12.29
N LYS A 52 -46.65 -22.57 11.49
CA LYS A 52 -46.56 -23.97 11.93
C LYS A 52 -45.15 -24.35 12.35
N SER A 53 -44.13 -23.99 11.55
CA SER A 53 -42.76 -24.27 11.96
C SER A 53 -42.39 -23.64 13.28
N LEU A 54 -42.75 -22.37 13.48
CA LEU A 54 -42.49 -21.66 14.75
C LEU A 54 -43.19 -22.34 15.90
N GLN A 55 -44.49 -22.55 15.75
CA GLN A 55 -45.28 -23.09 16.88
C GLN A 55 -44.95 -24.55 17.25
N SER A 56 -44.55 -25.36 16.26
CA SER A 56 -44.20 -26.77 16.49
C SER A 56 -42.86 -26.92 17.26
N GLY A 57 -42.02 -25.89 17.29
CA GLY A 57 -40.71 -26.00 17.94
C GLY A 57 -39.61 -26.39 16.96
N ARG A 58 -39.96 -26.61 15.70
CA ARG A 58 -38.98 -27.02 14.67
C ARG A 58 -37.86 -26.00 14.56
N LEU A 59 -38.18 -24.74 14.84
CA LEU A 59 -37.21 -23.65 14.69
C LEU A 59 -36.52 -23.29 16.02
N ASP A 60 -36.74 -24.06 17.05
CA ASP A 60 -36.20 -23.72 18.37
C ASP A 60 -34.66 -23.57 18.41
N GLU A 61 -33.94 -24.43 17.69
CA GLU A 61 -32.48 -24.34 17.64
C GLU A 61 -32.07 -23.04 16.97
N ASP A 62 -32.70 -22.75 15.83
CA ASP A 62 -32.50 -21.50 15.10
C ASP A 62 -32.92 -20.22 15.86
N ARG A 63 -33.85 -20.33 16.80
CA ARG A 63 -34.29 -19.20 17.61
C ARG A 63 -33.35 -18.92 18.80
N LYS A 64 -32.47 -19.87 19.11
CA LYS A 64 -31.69 -19.87 20.36
C LYS A 64 -30.61 -18.78 20.31
N LEU A 65 -30.59 -17.92 21.32
CA LEU A 65 -29.63 -16.81 21.42
C LEU A 65 -28.37 -17.25 22.15
N PRO A 66 -27.39 -16.33 22.32
CA PRO A 66 -26.19 -16.74 23.06
C PRO A 66 -26.51 -17.09 24.54
N ASP A 67 -27.32 -16.24 25.19
CA ASP A 67 -27.73 -16.45 26.59
C ASP A 67 -28.66 -17.65 26.83
N GLY A 68 -29.17 -18.25 25.75
CA GLY A 68 -29.97 -19.47 25.86
C GLY A 68 -31.47 -19.26 25.85
N SER A 69 -31.93 -18.01 25.86
CA SER A 69 -33.34 -17.76 25.58
C SER A 69 -33.63 -17.95 24.07
N LEU A 70 -34.90 -18.04 23.74
CA LEU A 70 -35.34 -18.15 22.37
C LEU A 70 -35.95 -16.83 21.97
N ILE A 71 -35.65 -16.33 20.77
CA ILE A 71 -36.30 -15.11 20.29
C ILE A 71 -37.82 -15.32 20.16
N GLU A 72 -38.57 -14.27 20.39
CA GLU A 72 -40.03 -14.31 20.26
C GLU A 72 -40.42 -13.12 19.42
N PHE A 73 -41.45 -13.26 18.59
CA PHE A 73 -41.81 -12.17 17.67
C PHE A 73 -43.02 -11.44 18.20
N ALA A 74 -43.13 -10.14 17.96
CA ALA A 74 -44.25 -9.38 18.50
C ALA A 74 -45.49 -9.53 17.59
N GLY A 75 -45.29 -10.07 16.40
CA GLY A 75 -46.40 -10.46 15.54
C GLY A 75 -45.80 -10.95 14.25
N VAL A 76 -46.55 -11.80 13.55
CA VAL A 76 -46.14 -12.29 12.24
C VAL A 76 -47.28 -11.95 11.31
N TYR A 77 -47.03 -11.03 10.39
CA TYR A 77 -48.08 -10.45 9.57
C TYR A 77 -47.99 -10.95 8.12
N PRO A 78 -49.14 -11.33 7.54
CA PRO A 78 -49.11 -11.57 6.09
C PRO A 78 -48.80 -10.26 5.33
N LEU A 79 -47.88 -10.35 4.39
CA LEU A 79 -47.45 -9.17 3.62
C LEU A 79 -47.07 -9.58 2.21
N ASP A 80 -47.78 -9.03 1.23
CA ASP A 80 -47.37 -9.23 -0.15
C ASP A 80 -46.89 -7.91 -0.71
N ALA A 81 -45.56 -7.80 -0.82
CA ALA A 81 -44.93 -6.56 -1.24
C ALA A 81 -45.12 -6.18 -2.71
N ALA A 82 -45.84 -7.00 -3.49
CA ALA A 82 -46.24 -6.69 -4.87
C ALA A 82 -47.42 -5.71 -4.89
N PHE A 83 -48.11 -5.52 -3.76
CA PHE A 83 -49.38 -4.79 -3.74
C PHE A 83 -49.38 -3.70 -2.68
N ASP A 84 -49.65 -2.46 -3.09
CA ASP A 84 -49.56 -1.31 -2.18
C ASP A 84 -50.85 -1.06 -1.41
N LYS A 85 -51.99 -1.29 -2.08
CA LYS A 85 -53.33 -1.01 -1.54
C LYS A 85 -54.28 -2.11 -1.93
N PRO A 86 -55.38 -2.32 -1.17
CA PRO A 86 -56.37 -3.36 -1.52
C PRO A 86 -56.91 -3.28 -2.99
N GLU A 87 -57.08 -2.07 -3.52
CA GLU A 87 -57.56 -1.87 -4.90
C GLU A 87 -56.61 -2.42 -5.96
N ASP A 88 -55.35 -2.64 -5.62
CA ASP A 88 -54.36 -3.16 -6.57
C ASP A 88 -54.39 -4.66 -6.68
N VAL A 89 -55.13 -5.32 -5.79
CA VAL A 89 -55.09 -6.79 -5.76
C VAL A 89 -56.13 -7.33 -6.77
N PRO A 90 -55.67 -8.09 -7.79
CA PRO A 90 -56.61 -8.61 -8.80
C PRO A 90 -57.50 -9.69 -8.21
N GLN A 91 -58.63 -9.96 -8.87
CA GLN A 91 -59.61 -10.94 -8.39
C GLN A 91 -59.04 -12.35 -8.26
N ASP A 92 -58.21 -12.74 -9.23
CA ASP A 92 -57.53 -14.05 -9.22
C ASP A 92 -56.68 -14.27 -7.98
N ILE A 93 -56.00 -13.22 -7.50
CA ILE A 93 -55.22 -13.34 -6.27
C ILE A 93 -56.14 -13.47 -5.06
N LYS A 94 -57.13 -12.58 -4.94
CA LYS A 94 -58.10 -12.65 -3.82
C LYS A 94 -58.79 -14.01 -3.72
N ASP A 95 -59.04 -14.65 -4.87
CA ASP A 95 -59.68 -15.96 -4.94
C ASP A 95 -58.70 -17.15 -4.90
N ASN A 96 -57.42 -16.88 -5.10
CA ASN A 96 -56.41 -17.93 -5.13
C ASN A 96 -56.39 -18.66 -3.80
N LYS A 97 -56.38 -20.00 -3.84
CA LYS A 97 -56.45 -20.83 -2.63
C LYS A 97 -55.26 -20.60 -1.69
N ARG A 98 -54.08 -20.28 -2.26
CA ARG A 98 -52.89 -19.92 -1.49
C ARG A 98 -53.07 -18.66 -0.62
N TYR A 99 -54.02 -17.81 -0.99
CA TYR A 99 -54.38 -16.64 -0.18
C TYR A 99 -55.66 -16.79 0.67
N ALA A 100 -56.27 -17.99 0.67
CA ALA A 100 -57.48 -18.23 1.47
C ALA A 100 -57.18 -18.14 2.96
N GLY A 101 -58.06 -17.49 3.70
CA GLY A 101 -57.91 -17.35 5.15
C GLY A 101 -56.91 -16.29 5.60
N VAL A 102 -56.38 -15.51 4.66
CA VAL A 102 -55.52 -14.39 5.01
C VAL A 102 -56.07 -13.10 4.41
N ASP A 103 -56.00 -12.02 5.18
CA ASP A 103 -56.57 -10.74 4.79
C ASP A 103 -55.66 -9.60 5.22
N GLY A 104 -55.76 -8.44 4.55
CA GLY A 104 -55.09 -7.24 5.01
C GLY A 104 -53.58 -7.32 4.84
N TYR A 105 -53.15 -7.84 3.68
CA TYR A 105 -51.75 -8.11 3.43
C TYR A 105 -51.09 -7.13 2.41
N THR A 106 -51.79 -6.07 2.01
CA THR A 106 -51.09 -5.10 1.17
C THR A 106 -50.21 -4.25 2.08
N ILE A 107 -49.23 -3.58 1.46
CA ILE A 107 -48.28 -2.80 2.23
C ILE A 107 -48.96 -1.76 3.11
N LYS A 108 -49.94 -1.03 2.57
CA LYS A 108 -50.61 0.03 3.30
C LYS A 108 -51.33 -0.57 4.51
N GLU A 109 -52.00 -1.70 4.30
CA GLU A 109 -52.78 -2.34 5.36
C GLU A 109 -51.90 -2.87 6.48
N VAL A 110 -50.73 -3.42 6.12
CA VAL A 110 -49.84 -3.97 7.12
C VAL A 110 -49.32 -2.81 7.98
N ALA A 111 -48.95 -1.68 7.35
CA ALA A 111 -48.44 -0.55 8.10
C ALA A 111 -49.51 -0.05 9.10
N VAL A 112 -50.78 -0.04 8.68
CA VAL A 112 -51.89 0.36 9.56
C VAL A 112 -52.00 -0.59 10.75
N LYS A 113 -51.94 -1.89 10.49
CA LYS A 113 -52.05 -2.88 11.55
C LYS A 113 -50.89 -2.77 12.53
N VAL A 114 -49.67 -2.62 12.01
CA VAL A 114 -48.50 -2.48 12.88
C VAL A 114 -48.67 -1.24 13.80
N LYS A 115 -49.05 -0.11 13.22
CA LYS A 115 -49.31 1.11 14.01
C LYS A 115 -50.33 0.85 15.11
N GLN A 116 -51.45 0.20 14.77
CA GLN A 116 -52.52 -0.11 15.75
C GLN A 116 -52.05 -1.09 16.84
N ASP A 117 -51.31 -2.14 16.46
CA ASP A 117 -50.94 -3.20 17.40
C ASP A 117 -49.70 -2.84 18.22
N LEU A 118 -48.76 -2.14 17.61
CA LEU A 118 -47.44 -1.97 18.22
C LEU A 118 -47.06 -0.51 18.45
N GLY A 119 -47.68 0.40 17.72
CA GLY A 119 -47.34 1.81 17.82
C GLY A 119 -46.30 2.12 16.75
N ASN A 120 -45.61 3.25 16.94
CA ASN A 120 -44.53 3.69 16.05
C ASN A 120 -43.35 2.73 16.11
N ILE A 121 -42.67 2.57 14.99
CA ILE A 121 -41.50 1.71 14.92
C ILE A 121 -40.20 2.54 14.78
N ASP A 122 -39.07 1.90 15.08
CA ASP A 122 -37.79 2.56 14.99
C ASP A 122 -36.94 1.97 13.84
N ILE A 123 -37.26 0.74 13.46
CA ILE A 123 -36.37 -0.05 12.61
C ILE A 123 -37.15 -0.78 11.53
N LEU A 124 -36.70 -0.64 10.28
CA LEU A 124 -37.43 -1.26 9.18
C LEU A 124 -36.44 -2.03 8.30
N VAL A 125 -36.76 -3.29 8.02
CA VAL A 125 -35.85 -4.12 7.24
C VAL A 125 -36.61 -4.67 6.02
N HIS A 126 -35.99 -4.54 4.86
CA HIS A 126 -36.53 -5.05 3.61
C HIS A 126 -35.56 -6.16 3.18
N SER A 127 -35.97 -7.40 3.36
CA SER A 127 -35.15 -8.57 3.02
C SER A 127 -35.94 -9.46 2.08
N LEU A 128 -36.30 -8.95 0.92
CA LEU A 128 -37.19 -9.67 0.03
C LEU A 128 -36.89 -9.36 -1.41
N ALA A 129 -37.04 -10.36 -2.27
CA ALA A 129 -36.74 -10.19 -3.69
C ALA A 129 -37.43 -11.30 -4.41
N ASN A 130 -37.76 -11.09 -5.66
CA ASN A 130 -38.33 -12.12 -6.46
C ASN A 130 -38.19 -11.74 -7.93
N GLY A 131 -37.48 -12.60 -8.66
CA GLY A 131 -37.25 -12.42 -10.08
C GLY A 131 -37.73 -13.66 -10.81
N PRO A 132 -38.94 -13.61 -11.43
CA PRO A 132 -39.44 -14.84 -12.04
C PRO A 132 -38.57 -15.36 -13.22
N GLU A 133 -37.70 -14.53 -13.81
CA GLU A 133 -36.84 -15.01 -14.90
C GLU A 133 -35.35 -14.97 -14.55
N VAL A 134 -35.05 -15.08 -13.27
CA VAL A 134 -33.65 -15.01 -12.77
C VAL A 134 -32.66 -15.96 -13.46
N THR A 135 -33.12 -17.11 -13.92
CA THR A 135 -32.19 -18.03 -14.61
C THR A 135 -31.98 -17.63 -16.08
N LYS A 136 -32.66 -16.60 -16.56
CA LYS A 136 -32.49 -16.21 -17.97
C LYS A 136 -31.44 -15.11 -18.10
N PRO A 137 -30.47 -15.26 -19.03
CA PRO A 137 -29.66 -14.09 -19.36
C PRO A 137 -30.51 -12.84 -19.73
N LEU A 138 -29.92 -11.66 -19.62
CA LEU A 138 -30.65 -10.44 -19.96
C LEU A 138 -31.12 -10.40 -21.43
N LEU A 139 -30.30 -10.92 -22.35
CA LEU A 139 -30.72 -11.06 -23.75
C LEU A 139 -31.91 -12.01 -23.96
N GLU A 140 -32.33 -12.77 -22.93
CA GLU A 140 -33.49 -13.68 -23.07
C GLU A 140 -34.59 -13.35 -22.04
N THR A 141 -34.47 -12.21 -21.38
CA THR A 141 -35.43 -11.79 -20.35
C THR A 141 -36.55 -10.95 -20.99
N SER A 142 -37.81 -11.31 -20.74
CA SER A 142 -38.99 -10.58 -21.28
C SER A 142 -39.23 -9.27 -20.47
N ARG A 143 -40.00 -8.35 -21.06
CA ARG A 143 -40.32 -7.08 -20.39
C ARG A 143 -41.10 -7.40 -19.13
N LYS A 144 -42.04 -8.33 -19.23
CA LYS A 144 -42.85 -8.70 -18.08
C LYS A 144 -41.98 -9.28 -16.95
N GLY A 145 -41.00 -10.11 -17.27
CA GLY A 145 -40.15 -10.69 -16.22
C GLY A 145 -39.27 -9.62 -15.58
N TYR A 146 -38.75 -8.72 -16.41
CA TYR A 146 -37.87 -7.68 -15.95
C TYR A 146 -38.62 -6.74 -14.99
N LEU A 147 -39.83 -6.37 -15.38
CA LEU A 147 -40.61 -5.42 -14.62
C LEU A 147 -41.11 -6.07 -13.33
N ALA A 148 -41.44 -7.36 -13.36
CA ALA A 148 -41.80 -8.10 -12.13
C ALA A 148 -40.62 -8.11 -11.18
N ALA A 149 -39.40 -8.35 -11.69
CA ALA A 149 -38.23 -8.29 -10.82
C ALA A 149 -38.15 -6.92 -10.11
N SER A 150 -38.35 -5.85 -10.89
CA SER A 150 -38.20 -4.49 -10.38
C SER A 150 -39.37 -4.18 -9.40
N SER A 151 -40.58 -4.57 -9.79
CA SER A 151 -41.75 -4.38 -8.92
C SER A 151 -41.56 -5.07 -7.51
N ASN A 152 -41.21 -6.36 -7.52
CA ASN A 152 -41.06 -7.18 -6.32
C ASN A 152 -39.83 -6.81 -5.45
N SER A 153 -38.75 -6.39 -6.10
CA SER A 153 -37.44 -6.30 -5.46
C SER A 153 -36.94 -4.89 -5.25
N ALA A 154 -37.36 -3.95 -6.10
CA ALA A 154 -36.89 -2.53 -5.95
C ALA A 154 -38.01 -1.63 -5.51
N TYR A 155 -39.09 -1.56 -6.29
CA TYR A 155 -40.21 -0.70 -5.88
C TYR A 155 -40.80 -1.08 -4.50
N SER A 156 -40.81 -2.36 -4.16
CA SER A 156 -41.32 -2.77 -2.85
C SER A 156 -40.61 -2.03 -1.69
N PHE A 157 -39.33 -1.68 -1.84
CA PHE A 157 -38.61 -0.93 -0.78
C PHE A 157 -39.12 0.51 -0.70
N VAL A 158 -39.30 1.14 -1.86
CA VAL A 158 -39.89 2.49 -1.93
C VAL A 158 -41.25 2.49 -1.22
N SER A 159 -42.09 1.52 -1.53
CA SER A 159 -43.44 1.52 -0.99
C SER A 159 -43.43 1.24 0.51
N LEU A 160 -42.54 0.37 0.94
CA LEU A 160 -42.37 0.16 2.39
C LEU A 160 -42.00 1.43 3.11
N LEU A 161 -41.05 2.20 2.56
CA LEU A 161 -40.72 3.49 3.18
C LEU A 161 -41.86 4.50 3.10
N GLN A 162 -42.60 4.53 1.97
CA GLN A 162 -43.73 5.45 1.91
C GLN A 162 -44.76 5.17 2.99
N HIS A 163 -45.02 3.90 3.29
CA HIS A 163 -46.12 3.58 4.23
C HIS A 163 -45.66 3.45 5.67
N PHE A 164 -44.42 3.03 5.88
CA PHE A 164 -43.89 2.94 7.26
C PHE A 164 -43.25 4.26 7.71
N GLY A 165 -42.68 5.03 6.78
CA GLY A 165 -42.04 6.31 7.13
C GLY A 165 -42.87 7.17 8.06
N PRO A 166 -44.18 7.32 7.77
CA PRO A 166 -44.97 8.17 8.65
C PRO A 166 -45.11 7.62 10.08
N ILE A 167 -44.83 6.33 10.29
CA ILE A 167 -44.94 5.79 11.66
C ILE A 167 -43.58 5.39 12.25
N MET A 168 -42.52 5.91 11.66
CA MET A 168 -41.16 5.70 12.17
C MET A 168 -40.76 6.90 13.01
N ASN A 169 -40.20 6.64 14.18
CA ASN A 169 -39.63 7.69 15.01
C ASN A 169 -38.41 8.36 14.36
N GLU A 170 -38.24 9.65 14.65
CA GLU A 170 -37.09 10.41 14.20
C GLU A 170 -35.80 9.70 14.70
N GLY A 171 -34.78 9.60 13.87
CA GLY A 171 -33.60 8.85 14.23
C GLY A 171 -33.69 7.37 13.93
N GLY A 172 -34.87 6.91 13.48
CA GLY A 172 -35.04 5.52 13.09
C GLY A 172 -34.27 5.20 11.81
N SER A 173 -34.30 3.93 11.40
CA SER A 173 -33.46 3.53 10.29
C SER A 173 -34.06 2.37 9.51
N ALA A 174 -33.72 2.30 8.23
CA ALA A 174 -34.16 1.21 7.35
C ALA A 174 -32.93 0.65 6.67
N VAL A 175 -32.97 -0.63 6.39
CA VAL A 175 -31.90 -1.24 5.62
C VAL A 175 -32.52 -2.22 4.57
N THR A 176 -31.87 -2.35 3.43
CA THR A 176 -32.26 -3.36 2.42
C THR A 176 -31.02 -4.15 2.02
N LEU A 177 -31.22 -5.21 1.24
CA LEU A 177 -30.14 -6.16 0.86
C LEU A 177 -29.97 -6.17 -0.64
N SER A 178 -28.72 -6.07 -1.06
CA SER A 178 -28.39 -6.00 -2.45
C SER A 178 -27.26 -7.02 -2.73
N TYR A 179 -26.72 -6.98 -3.95
CA TYR A 179 -25.70 -7.92 -4.36
C TYR A 179 -24.82 -7.23 -5.39
N LEU A 180 -23.55 -7.65 -5.44
CA LEU A 180 -22.52 -7.11 -6.33
C LEU A 180 -22.93 -7.00 -7.81
N ALA A 181 -23.76 -7.94 -8.26
CA ALA A 181 -24.33 -7.88 -9.62
C ALA A 181 -24.93 -6.51 -10.03
N ALA A 182 -25.36 -5.69 -9.05
CA ALA A 182 -25.82 -4.32 -9.30
C ALA A 182 -24.74 -3.41 -9.89
N GLU A 183 -23.47 -3.70 -9.59
CA GLU A 183 -22.35 -2.82 -10.01
C GLU A 183 -21.43 -3.48 -11.01
N ARG A 184 -21.33 -4.82 -10.98
CA ARG A 184 -20.42 -5.55 -11.86
C ARG A 184 -21.07 -6.83 -12.26
N VAL A 185 -20.69 -7.35 -13.42
CA VAL A 185 -21.44 -8.40 -14.07
C VAL A 185 -21.17 -9.73 -13.37
N VAL A 186 -22.24 -10.36 -12.87
CA VAL A 186 -22.14 -11.71 -12.33
C VAL A 186 -22.97 -12.65 -13.23
N PRO A 187 -22.32 -13.44 -14.12
CA PRO A 187 -23.11 -14.37 -14.97
C PRO A 187 -24.05 -15.28 -14.13
N GLY A 188 -25.27 -15.50 -14.60
CA GLY A 188 -26.21 -16.35 -13.86
C GLY A 188 -27.19 -15.59 -12.97
N TYR A 189 -26.89 -14.34 -12.59
CA TYR A 189 -27.87 -13.54 -11.83
C TYR A 189 -28.71 -12.73 -12.87
N GLY A 190 -29.70 -13.39 -13.47
CA GLY A 190 -30.35 -12.88 -14.66
C GLY A 190 -31.73 -12.32 -14.39
N GLY A 191 -32.55 -12.30 -15.44
CA GLY A 191 -33.93 -11.89 -15.34
C GLY A 191 -34.16 -10.45 -14.95
N GLY A 192 -33.15 -9.62 -15.15
CA GLY A 192 -33.23 -8.23 -14.69
C GLY A 192 -33.11 -8.07 -13.20
N MET A 193 -32.62 -9.10 -12.50
CA MET A 193 -32.41 -8.95 -11.07
C MET A 193 -31.18 -8.08 -10.81
N SER A 194 -30.18 -8.13 -11.69
CA SER A 194 -29.04 -7.26 -11.52
C SER A 194 -29.50 -5.80 -11.64
N SER A 195 -30.36 -5.56 -12.64
CA SER A 195 -30.94 -4.22 -12.88
C SER A 195 -31.80 -3.76 -11.71
N ALA A 196 -32.63 -4.66 -11.19
CA ALA A 196 -33.41 -4.32 -9.98
C ALA A 196 -32.55 -3.99 -8.75
N LYS A 197 -31.42 -4.69 -8.54
CA LYS A 197 -30.56 -4.37 -7.42
C LYS A 197 -29.85 -3.03 -7.63
N ALA A 198 -29.47 -2.71 -8.86
CA ALA A 198 -28.91 -1.37 -9.16
C ALA A 198 -29.96 -0.28 -8.85
N ALA A 199 -31.21 -0.52 -9.26
CA ALA A 199 -32.29 0.44 -8.95
C ALA A 199 -32.47 0.57 -7.43
N LEU A 200 -32.43 -0.57 -6.74
CA LEU A 200 -32.57 -0.60 -5.28
C LEU A 200 -31.48 0.19 -4.56
N GLU A 201 -30.22 0.04 -4.98
CA GLU A 201 -29.11 0.81 -4.39
C GLU A 201 -29.24 2.28 -4.69
N SER A 202 -29.68 2.63 -5.92
CA SER A 202 -29.92 4.05 -6.25
C SER A 202 -31.05 4.60 -5.37
N ASP A 203 -32.16 3.87 -5.27
CA ASP A 203 -33.26 4.25 -4.35
C ASP A 203 -32.84 4.34 -2.87
N THR A 204 -31.86 3.54 -2.46
CA THR A 204 -31.33 3.67 -1.10
C THR A 204 -30.75 5.07 -0.88
N ARG A 205 -29.99 5.54 -1.85
CA ARG A 205 -29.45 6.90 -1.80
C ARG A 205 -30.55 7.95 -1.88
N THR A 206 -31.48 7.80 -2.82
CA THR A 206 -32.51 8.81 -3.02
C THR A 206 -33.42 8.87 -1.78
N LEU A 207 -33.75 7.72 -1.21
CA LEU A 207 -34.57 7.68 -0.01
C LEU A 207 -33.82 8.17 1.24
N ALA A 208 -32.51 7.97 1.26
CA ALA A 208 -31.68 8.54 2.35
C ALA A 208 -31.84 10.07 2.35
N TRP A 209 -31.77 10.68 1.18
CA TRP A 209 -32.04 12.11 1.07
C TRP A 209 -33.51 12.39 1.43
N GLU A 210 -34.47 11.75 0.79
CA GLU A 210 -35.88 12.16 1.01
C GLU A 210 -36.40 11.85 2.42
N ALA A 211 -36.13 10.64 2.91
CA ALA A 211 -36.54 10.21 4.25
C ALA A 211 -35.67 10.85 5.34
N GLY A 212 -34.41 11.10 5.03
CA GLY A 212 -33.57 11.81 6.00
C GLY A 212 -34.09 13.24 6.21
N GLN A 213 -34.49 13.90 5.13
CA GLN A 213 -35.01 15.27 5.23
C GLN A 213 -36.40 15.32 5.85
N LYS A 214 -37.26 14.40 5.43
CA LYS A 214 -38.67 14.48 5.80
C LYS A 214 -38.95 13.87 7.18
N TYR A 215 -38.29 12.75 7.50
CA TYR A 215 -38.55 11.97 8.72
C TYR A 215 -37.39 11.88 9.72
N GLY A 216 -36.20 12.37 9.32
CA GLY A 216 -34.96 12.16 10.12
C GLY A 216 -34.62 10.67 10.21
N VAL A 217 -34.98 9.92 9.17
CA VAL A 217 -34.77 8.48 9.09
C VAL A 217 -33.55 8.17 8.22
N ARG A 218 -32.72 7.23 8.67
CA ARG A 218 -31.54 6.79 7.88
C ARG A 218 -31.93 5.63 7.00
N VAL A 219 -31.32 5.53 5.82
CA VAL A 219 -31.63 4.47 4.87
C VAL A 219 -30.30 3.94 4.26
N ASN A 220 -30.06 2.64 4.37
CA ASN A 220 -28.79 2.07 3.94
C ASN A 220 -29.03 0.73 3.30
N ALA A 221 -27.97 0.28 2.62
CA ALA A 221 -28.04 -1.05 2.00
C ALA A 221 -26.85 -1.89 2.41
N ILE A 222 -27.08 -3.20 2.51
CA ILE A 222 -25.97 -4.17 2.64
C ILE A 222 -25.90 -4.94 1.31
N SER A 223 -24.71 -4.97 0.72
CA SER A 223 -24.43 -5.81 -0.47
C SER A 223 -23.78 -7.08 0.05
N ALA A 224 -24.58 -8.15 0.11
CA ALA A 224 -24.19 -9.38 0.74
C ALA A 224 -23.54 -10.36 -0.24
N GLY A 225 -22.74 -11.26 0.29
CA GLY A 225 -22.23 -12.39 -0.50
C GLY A 225 -23.22 -13.55 -0.61
N PRO A 226 -22.83 -14.61 -1.32
CA PRO A 226 -23.77 -15.72 -1.58
C PRO A 226 -24.04 -16.55 -0.34
N LEU A 227 -25.31 -16.93 -0.18
CA LEU A 227 -25.81 -17.67 0.99
C LEU A 227 -26.78 -18.74 0.48
N LYS A 228 -26.66 -19.94 1.03
CA LYS A 228 -27.55 -21.04 0.62
C LYS A 228 -28.92 -20.94 1.35
N SER A 229 -29.68 -19.90 1.02
CA SER A 229 -31.00 -19.70 1.55
C SER A 229 -31.96 -20.67 0.83
N ARG A 230 -33.22 -20.72 1.27
CA ARG A 230 -34.19 -21.51 0.52
C ARG A 230 -34.45 -20.92 -0.89
N ALA A 231 -34.61 -19.61 -0.98
CA ALA A 231 -34.75 -18.97 -2.32
C ALA A 231 -33.58 -19.33 -3.26
N ALA A 232 -32.34 -19.28 -2.74
CA ALA A 232 -31.15 -19.57 -3.54
C ALA A 232 -31.02 -21.05 -3.96
N SER A 233 -31.30 -21.98 -3.05
CA SER A 233 -31.13 -23.40 -3.37
C SER A 233 -32.26 -23.99 -4.25
N ALA A 234 -33.37 -23.25 -4.36
CA ALA A 234 -34.49 -23.65 -5.25
C ALA A 234 -34.19 -23.40 -6.75
N ILE A 235 -33.25 -22.49 -7.04
CA ILE A 235 -32.93 -22.05 -8.40
C ILE A 235 -32.16 -23.16 -9.15
N SER A 242 -25.07 -27.79 -8.58
CA SER A 242 -25.99 -26.75 -8.11
C SER A 242 -25.39 -25.32 -8.04
N PHE A 243 -26.09 -24.36 -8.63
CA PHE A 243 -25.52 -23.04 -8.89
C PHE A 243 -25.09 -22.20 -7.67
N ILE A 244 -25.94 -22.18 -6.64
CA ILE A 244 -25.59 -21.44 -5.45
C ILE A 244 -24.30 -22.02 -4.87
N ASP A 245 -24.10 -23.33 -5.01
CA ASP A 245 -22.91 -24.02 -4.50
C ASP A 245 -21.63 -23.54 -5.21
N TYR A 246 -21.69 -23.36 -6.53
CA TYR A 246 -20.56 -22.79 -7.27
C TYR A 246 -20.25 -21.36 -6.83
N ALA A 247 -21.28 -20.54 -6.57
CA ALA A 247 -21.09 -19.13 -6.24
C ALA A 247 -20.41 -19.05 -4.87
N ILE A 248 -20.82 -19.91 -3.96
CA ILE A 248 -20.19 -20.01 -2.64
C ILE A 248 -18.74 -20.48 -2.74
N ASP A 249 -18.49 -21.50 -3.53
CA ASP A 249 -17.12 -21.99 -3.71
C ASP A 249 -16.20 -20.87 -4.25
N TYR A 250 -16.72 -20.12 -5.24
CA TYR A 250 -15.97 -19.05 -5.89
C TYR A 250 -15.55 -18.02 -4.84
N SER A 251 -16.52 -17.61 -4.03
CA SER A 251 -16.28 -16.66 -2.94
C SER A 251 -15.24 -17.20 -1.94
N TYR A 252 -15.41 -18.44 -1.51
CA TYR A 252 -14.48 -19.08 -0.57
C TYR A 252 -13.03 -19.06 -1.12
N ASN A 253 -12.89 -19.34 -2.41
CA ASN A 253 -11.58 -19.48 -3.03
C ASN A 253 -10.96 -18.18 -3.51
N ASN A 254 -11.73 -17.09 -3.52
CA ASN A 254 -11.26 -15.85 -4.15
C ASN A 254 -11.33 -14.59 -3.27
N ALA A 255 -11.97 -14.69 -2.12
CA ALA A 255 -12.11 -13.55 -1.21
C ALA A 255 -10.89 -13.37 -0.27
N PRO A 256 -10.59 -12.12 0.13
CA PRO A 256 -9.55 -11.81 1.13
C PRO A 256 -9.64 -12.70 2.35
N LEU A 257 -10.85 -12.84 2.90
CA LEU A 257 -11.03 -13.71 4.08
C LEU A 257 -11.48 -15.09 3.61
N ARG A 258 -10.66 -16.10 3.81
CA ARG A 258 -11.02 -17.45 3.44
C ARG A 258 -11.82 -18.07 4.61
N ARG A 259 -13.14 -17.97 4.54
CA ARG A 259 -13.99 -18.47 5.63
C ARG A 259 -15.36 -18.62 5.06
N ASP A 260 -16.22 -19.38 5.73
CA ASP A 260 -17.61 -19.51 5.26
C ASP A 260 -18.37 -18.21 5.60
N LEU A 261 -19.27 -17.82 4.73
CA LEU A 261 -20.15 -16.68 4.97
C LEU A 261 -21.46 -17.20 5.54
N HIS A 262 -21.79 -16.79 6.76
CA HIS A 262 -23.00 -17.23 7.46
C HIS A 262 -24.02 -16.13 7.45
N SER A 263 -25.29 -16.50 7.55
CA SER A 263 -26.34 -15.49 7.56
C SER A 263 -26.15 -14.55 8.77
N ASP A 264 -25.66 -15.08 9.87
CA ASP A 264 -25.34 -14.24 11.03
C ASP A 264 -24.35 -13.08 10.75
N ASP A 265 -23.49 -13.24 9.75
CA ASP A 265 -22.49 -12.22 9.43
C ASP A 265 -23.21 -10.98 8.91
N VAL A 266 -24.25 -11.19 8.10
CA VAL A 266 -25.07 -10.09 7.61
C VAL A 266 -26.01 -9.61 8.72
N GLY A 267 -26.56 -10.52 9.51
CA GLY A 267 -27.33 -10.10 10.69
C GLY A 267 -26.62 -9.09 11.59
N GLY A 268 -25.34 -9.35 11.89
CA GLY A 268 -24.51 -8.46 12.73
C GLY A 268 -24.26 -7.10 12.11
N ALA A 269 -24.01 -7.09 10.80
CA ALA A 269 -23.83 -5.82 10.07
C ALA A 269 -25.10 -5.00 9.99
N ALA A 270 -26.22 -5.68 9.74
CA ALA A 270 -27.51 -5.01 9.74
C ALA A 270 -27.81 -4.42 11.13
N LEU A 271 -27.49 -5.17 12.19
CA LEU A 271 -27.70 -4.68 13.57
C LEU A 271 -26.98 -3.34 13.77
N PHE A 272 -25.72 -3.26 13.37
CA PHE A 272 -25.01 -1.99 13.41
C PHE A 272 -25.75 -0.86 12.68
N LEU A 273 -26.09 -1.07 11.40
CA LEU A 273 -26.72 -0.03 10.60
C LEU A 273 -28.07 0.45 11.15
N LEU A 274 -28.71 -0.42 11.92
CA LEU A 274 -30.04 -0.12 12.46
C LEU A 274 -29.93 0.33 13.90
N SER A 275 -28.72 0.55 14.38
CA SER A 275 -28.49 0.96 15.79
C SER A 275 -28.01 2.43 15.89
N PRO A 276 -28.07 3.04 17.08
CA PRO A 276 -27.51 4.37 17.33
C PRO A 276 -26.00 4.52 17.08
N LEU A 277 -25.26 3.41 17.04
CA LEU A 277 -23.86 3.49 16.63
C LEU A 277 -23.71 4.01 15.20
N ALA A 278 -24.74 3.77 14.37
CA ALA A 278 -24.72 4.23 12.99
C ALA A 278 -25.48 5.56 12.78
N ARG A 279 -25.62 6.37 13.85
CA ARG A 279 -26.44 7.60 13.74
C ARG A 279 -25.98 8.64 12.68
N ALA A 280 -24.73 8.54 12.21
CA ALA A 280 -24.24 9.42 11.11
C ALA A 280 -24.09 8.68 9.77
N VAL A 281 -24.61 7.46 9.69
CA VAL A 281 -24.43 6.67 8.47
C VAL A 281 -25.77 6.58 7.69
N SER A 282 -25.78 7.11 6.47
CA SER A 282 -26.96 7.03 5.62
C SER A 282 -26.57 7.05 4.17
N GLY A 283 -27.34 6.31 3.37
CA GLY A 283 -27.10 6.23 1.93
C GLY A 283 -25.98 5.29 1.50
N VAL A 284 -25.44 4.49 2.42
CA VAL A 284 -24.29 3.65 2.09
C VAL A 284 -24.70 2.30 1.50
N THR A 285 -23.77 1.71 0.75
CA THR A 285 -23.83 0.30 0.40
C THR A 285 -22.68 -0.36 1.09
N LEU A 286 -22.99 -1.12 2.14
CA LEU A 286 -21.96 -1.77 2.93
C LEU A 286 -21.78 -3.21 2.43
N TYR A 287 -20.57 -3.53 1.97
CA TYR A 287 -20.25 -4.90 1.57
C TYR A 287 -20.03 -5.79 2.77
N VAL A 288 -20.77 -6.89 2.77
CA VAL A 288 -20.64 -7.91 3.78
C VAL A 288 -20.47 -9.22 3.03
N ASP A 289 -19.22 -9.51 2.65
CA ASP A 289 -18.97 -10.48 1.60
C ASP A 289 -17.55 -11.07 1.69
N ASN A 290 -16.97 -11.03 2.89
CA ASN A 290 -15.59 -11.51 3.12
C ASN A 290 -14.53 -10.76 2.30
N GLY A 291 -14.88 -9.57 1.83
CA GLY A 291 -13.95 -8.70 1.13
C GLY A 291 -13.97 -8.90 -0.36
N LEU A 292 -14.77 -9.84 -0.85
CA LEU A 292 -14.72 -10.16 -2.29
C LEU A 292 -14.83 -8.93 -3.22
N HIS A 293 -15.70 -7.99 -2.87
CA HIS A 293 -15.96 -6.81 -3.70
C HIS A 293 -14.63 -6.07 -4.01
N ALA A 294 -13.62 -6.20 -3.13
CA ALA A 294 -12.40 -5.43 -3.28
C ALA A 294 -11.49 -5.98 -4.34
N MET A 295 -11.72 -7.24 -4.75
CA MET A 295 -10.81 -7.94 -5.66
C MET A 295 -10.99 -7.55 -7.13
N GLY A 296 -9.88 -7.39 -7.83
CA GLY A 296 -9.93 -7.02 -9.25
C GLY A 296 -9.57 -8.17 -10.16
N GLN A 297 -9.30 -9.33 -9.56
CA GLN A 297 -8.88 -10.50 -10.32
C GLN A 297 -9.19 -11.71 -9.47
N ALA A 298 -9.64 -12.80 -10.09
CA ALA A 298 -9.77 -14.06 -9.38
C ALA A 298 -8.35 -14.62 -9.17
N VAL A 299 -8.13 -15.34 -8.07
CA VAL A 299 -6.81 -15.94 -7.81
C VAL A 299 -6.78 -17.42 -8.15
N ASP A 300 -7.93 -17.99 -8.54
CA ASP A 300 -7.93 -19.38 -8.96
C ASP A 300 -8.36 -19.53 -10.42
N SER A 301 -8.05 -18.52 -11.23
CA SER A 301 -8.28 -18.60 -12.67
C SER A 301 -7.45 -19.69 -13.34
N ARG A 302 -8.04 -20.43 -14.30
CA ARG A 302 -7.25 -21.36 -15.14
C ARG A 302 -6.21 -20.66 -16.01
N SER A 303 -6.28 -19.33 -16.10
CA SER A 303 -5.27 -18.56 -16.86
C SER A 303 -3.95 -18.44 -16.11
N MET A 304 -4.01 -18.58 -14.78
CA MET A 304 -2.86 -18.44 -13.87
C MET A 304 -2.43 -19.79 -13.31
N PRO A 305 -1.15 -19.90 -12.88
CA PRO A 305 -0.68 -21.13 -12.22
C PRO A 305 -1.49 -21.46 -10.95
N PRO A 306 -1.71 -22.75 -10.66
CA PRO A 306 -2.48 -23.22 -9.49
C PRO A 306 -2.29 -22.45 -8.18
N PRO B 4 -9.10 9.43 -39.39
CA PRO B 4 -9.14 8.82 -38.05
C PRO B 4 -10.51 8.19 -37.71
N ILE B 5 -11.62 8.91 -37.91
CA ILE B 5 -12.97 8.31 -37.78
C ILE B 5 -13.69 8.32 -39.14
N ASP B 6 -13.69 7.18 -39.81
CA ASP B 6 -14.27 7.07 -41.13
C ASP B 6 -15.35 6.00 -41.06
N LEU B 7 -16.63 6.41 -41.09
CA LEU B 7 -17.77 5.47 -40.97
C LEU B 7 -18.45 5.14 -42.29
N ARG B 8 -17.81 5.49 -43.41
CA ARG B 8 -18.36 5.18 -44.72
C ARG B 8 -18.50 3.68 -44.86
N GLY B 9 -19.62 3.26 -45.42
CA GLY B 9 -19.95 1.85 -45.52
C GLY B 9 -20.65 1.28 -44.30
N GLN B 10 -20.70 2.02 -43.19
CA GLN B 10 -21.43 1.53 -42.02
C GLN B 10 -22.84 2.10 -41.98
N THR B 11 -23.73 1.39 -41.28
CA THR B 11 -25.14 1.80 -41.13
C THR B 11 -25.52 1.93 -39.65
N ALA B 12 -26.21 3.01 -39.29
CA ALA B 12 -26.57 3.30 -37.91
C ALA B 12 -28.07 3.39 -37.79
N PHE B 13 -28.59 2.93 -36.66
CA PHE B 13 -29.98 3.14 -36.30
C PHE B 13 -30.04 3.92 -35.01
N VAL B 14 -30.69 5.09 -35.04
CA VAL B 14 -30.76 5.99 -33.87
C VAL B 14 -32.21 6.09 -33.36
N ALA B 15 -32.48 5.44 -32.22
CA ALA B 15 -33.82 5.36 -31.63
C ALA B 15 -34.01 6.54 -30.69
N GLY B 16 -34.98 7.40 -31.00
CA GLY B 16 -35.41 8.48 -30.11
C GLY B 16 -35.05 9.84 -30.70
N VAL B 17 -35.40 10.06 -31.96
CA VAL B 17 -35.21 11.38 -32.56
C VAL B 17 -36.56 11.88 -33.07
N ALA B 18 -37.03 13.00 -32.50
CA ALA B 18 -38.30 13.60 -32.95
C ALA B 18 -38.18 15.08 -33.30
N ASP B 19 -37.00 15.67 -33.19
CA ASP B 19 -36.79 17.07 -33.51
C ASP B 19 -35.29 17.30 -33.46
N SER B 20 -34.85 18.53 -33.67
CA SER B 20 -33.40 18.80 -33.76
C SER B 20 -32.75 19.33 -32.48
N HIS B 21 -33.49 19.36 -31.38
CA HIS B 21 -33.01 20.01 -30.18
C HIS B 21 -32.46 19.06 -29.11
N GLY B 22 -32.60 17.76 -29.34
CA GLY B 22 -32.13 16.83 -28.29
C GLY B 22 -30.83 16.14 -28.64
N TYR B 23 -30.37 15.29 -27.72
CA TYR B 23 -29.14 14.58 -27.93
C TYR B 23 -29.19 13.59 -29.12
N GLY B 24 -30.36 12.97 -29.38
CA GLY B 24 -30.48 12.03 -30.50
C GLY B 24 -30.09 12.64 -31.84
N TRP B 25 -30.58 13.84 -32.11
CA TRP B 25 -30.31 14.54 -33.34
C TRP B 25 -28.81 14.80 -33.46
N ALA B 26 -28.22 15.31 -32.39
CA ALA B 26 -26.79 15.63 -32.41
C ALA B 26 -25.93 14.38 -32.72
N ILE B 27 -26.29 13.25 -32.11
CA ILE B 27 -25.57 11.98 -32.39
C ILE B 27 -25.74 11.56 -33.86
N ALA B 28 -26.97 11.64 -34.37
CA ALA B 28 -27.26 11.28 -35.74
C ALA B 28 -26.48 12.14 -36.72
N LYS B 29 -26.43 13.43 -36.44
CA LYS B 29 -25.68 14.39 -37.25
C LYS B 29 -24.16 14.10 -37.30
N HIS B 30 -23.59 13.78 -36.14
CA HIS B 30 -22.19 13.41 -36.09
C HIS B 30 -21.89 12.12 -36.84
N LEU B 31 -22.76 11.11 -36.66
CA LEU B 31 -22.62 9.85 -37.43
C LEU B 31 -22.66 10.10 -38.94
N ALA B 32 -23.65 10.85 -39.40
CA ALA B 32 -23.73 11.17 -40.83
C ALA B 32 -22.53 11.98 -41.32
N SER B 33 -22.03 12.93 -40.54
CA SER B 33 -20.86 13.71 -40.97
C SER B 33 -19.63 12.82 -41.16
N ALA B 34 -19.54 11.76 -40.38
CA ALA B 34 -18.43 10.82 -40.48
C ALA B 34 -18.65 9.77 -41.57
N GLY B 35 -19.80 9.85 -42.25
CA GLY B 35 -20.04 9.05 -43.45
C GLY B 35 -20.94 7.83 -43.26
N ALA B 36 -21.52 7.68 -42.08
CA ALA B 36 -22.43 6.56 -41.83
C ALA B 36 -23.77 6.81 -42.49
N ARG B 37 -24.45 5.77 -43.01
CA ARG B 37 -25.88 5.92 -43.39
C ARG B 37 -26.63 5.86 -42.06
N VAL B 38 -27.60 6.75 -41.85
CA VAL B 38 -28.27 6.87 -40.53
C VAL B 38 -29.78 6.73 -40.73
N ALA B 39 -30.37 5.72 -40.10
CA ALA B 39 -31.82 5.58 -39.99
C ALA B 39 -32.26 6.05 -38.62
N LEU B 40 -33.48 6.55 -38.51
CA LEU B 40 -34.04 7.04 -37.23
C LEU B 40 -35.27 6.26 -36.79
N GLY B 41 -35.42 6.15 -35.49
CA GLY B 41 -36.67 5.65 -34.91
C GLY B 41 -37.33 6.79 -34.16
N THR B 42 -38.62 6.98 -34.41
CA THR B 42 -39.37 8.14 -33.93
C THR B 42 -40.69 7.71 -33.30
N TRP B 43 -40.96 8.25 -32.11
CA TRP B 43 -42.20 7.97 -31.39
C TRP B 43 -43.41 8.28 -32.28
N PRO B 44 -44.30 7.26 -32.52
CA PRO B 44 -45.29 7.44 -33.59
C PRO B 44 -46.21 8.65 -33.47
N PRO B 45 -46.62 9.05 -32.23
CA PRO B 45 -47.48 10.24 -32.23
C PRO B 45 -46.81 11.54 -32.72
N VAL B 46 -45.49 11.64 -32.71
CA VAL B 46 -44.84 12.85 -33.27
C VAL B 46 -44.17 12.62 -34.63
N LEU B 47 -44.41 11.46 -35.23
CA LEU B 47 -43.77 11.12 -36.48
C LEU B 47 -44.18 12.05 -37.64
N GLY B 48 -45.49 12.24 -37.83
CA GLY B 48 -46.04 13.16 -38.84
C GLY B 48 -45.43 14.56 -38.79
N LEU B 49 -45.42 15.18 -37.60
CA LEU B 49 -44.82 16.53 -37.42
C LEU B 49 -43.32 16.56 -37.77
N PHE B 50 -42.58 15.56 -37.32
CA PHE B 50 -41.14 15.47 -37.60
C PHE B 50 -40.87 15.31 -39.11
N GLN B 51 -41.59 14.40 -39.77
CA GLN B 51 -41.43 14.22 -41.23
C GLN B 51 -41.75 15.49 -42.01
N LYS B 52 -42.76 16.20 -41.55
CA LYS B 52 -43.18 17.41 -42.22
C LYS B 52 -42.13 18.47 -42.02
N SER B 53 -41.62 18.59 -40.79
CA SER B 53 -40.59 19.59 -40.57
C SER B 53 -39.30 19.28 -41.38
N LEU B 54 -38.93 18.01 -41.53
CA LEU B 54 -37.85 17.60 -42.49
C LEU B 54 -38.16 17.98 -43.95
N GLN B 55 -39.32 17.60 -44.45
CA GLN B 55 -39.66 17.82 -45.87
C GLN B 55 -39.90 19.30 -46.25
N SER B 56 -40.37 20.09 -45.29
CA SER B 56 -40.65 21.52 -45.50
C SER B 56 -39.39 22.36 -45.71
N GLY B 57 -38.25 21.92 -45.18
CA GLY B 57 -37.03 22.70 -45.21
C GLY B 57 -36.80 23.49 -43.93
N ARG B 58 -37.77 23.47 -43.03
CA ARG B 58 -37.66 24.07 -41.69
C ARG B 58 -36.39 23.61 -40.92
N LEU B 59 -35.98 22.36 -41.14
CA LEU B 59 -34.80 21.84 -40.44
C LEU B 59 -33.48 21.99 -41.22
N ASP B 60 -33.51 22.75 -42.33
CA ASP B 60 -32.35 22.83 -43.21
C ASP B 60 -31.08 23.35 -42.54
N GLU B 61 -31.21 24.43 -41.75
CA GLU B 61 -30.09 24.93 -40.92
C GLU B 61 -29.53 23.87 -39.95
N ASP B 62 -30.41 23.16 -39.24
CA ASP B 62 -29.98 22.12 -38.30
C ASP B 62 -29.40 20.89 -39.01
N ARG B 63 -29.68 20.72 -40.31
CA ARG B 63 -29.18 19.57 -41.05
C ARG B 63 -27.82 19.82 -41.68
N LYS B 64 -27.41 21.10 -41.71
CA LYS B 64 -26.21 21.55 -42.42
C LYS B 64 -24.94 21.01 -41.75
N LEU B 65 -24.07 20.40 -42.55
CA LEU B 65 -22.80 19.89 -42.05
C LEU B 65 -21.70 20.93 -42.23
N PRO B 66 -20.51 20.69 -41.63
CA PRO B 66 -19.38 21.62 -41.80
C PRO B 66 -19.03 21.93 -43.27
N ASP B 67 -18.99 20.91 -44.12
CA ASP B 67 -18.71 21.10 -45.56
C ASP B 67 -19.84 21.77 -46.37
N GLY B 68 -21.04 21.88 -45.80
CA GLY B 68 -22.15 22.59 -46.46
C GLY B 68 -23.25 21.75 -47.07
N SER B 69 -23.08 20.43 -47.09
CA SER B 69 -24.17 19.56 -47.50
C SER B 69 -25.15 19.42 -46.32
N LEU B 70 -26.31 18.83 -46.58
CA LEU B 70 -27.30 18.56 -45.55
C LEU B 70 -27.35 17.06 -45.28
N ILE B 71 -27.45 16.67 -44.02
CA ILE B 71 -27.63 15.25 -43.70
C ILE B 71 -28.92 14.72 -44.30
N GLU B 72 -28.86 13.47 -44.76
CA GLU B 72 -30.03 12.77 -45.28
C GLU B 72 -30.13 11.48 -44.51
N PHE B 73 -31.35 11.06 -44.20
CA PHE B 73 -31.58 9.85 -43.43
C PHE B 73 -31.92 8.71 -44.36
N ALA B 74 -31.51 7.49 -44.00
CA ALA B 74 -31.79 6.29 -44.81
C ALA B 74 -33.23 5.81 -44.62
N GLY B 75 -33.88 6.32 -43.58
CA GLY B 75 -35.33 6.19 -43.39
C GLY B 75 -35.67 6.67 -41.99
N VAL B 76 -36.94 7.04 -41.80
CA VAL B 76 -37.42 7.46 -40.50
C VAL B 76 -38.56 6.49 -40.16
N TYR B 77 -38.35 5.65 -39.16
CA TYR B 77 -39.27 4.56 -38.83
C TYR B 77 -40.09 4.91 -37.59
N PRO B 78 -41.41 4.69 -37.63
CA PRO B 78 -42.14 4.83 -36.38
C PRO B 78 -41.68 3.78 -35.37
N LEU B 79 -41.43 4.19 -34.13
CA LEU B 79 -40.99 3.25 -33.12
C LEU B 79 -41.51 3.64 -31.75
N ASP B 80 -42.25 2.73 -31.12
CA ASP B 80 -42.65 2.93 -29.73
C ASP B 80 -41.95 1.90 -28.86
N ALA B 81 -40.93 2.35 -28.12
CA ALA B 81 -40.07 1.46 -27.40
C ALA B 81 -40.71 0.91 -26.10
N ALA B 82 -41.96 1.28 -25.82
CA ALA B 82 -42.72 0.63 -24.73
C ALA B 82 -43.22 -0.77 -25.17
N PHE B 83 -43.16 -1.08 -26.46
CA PHE B 83 -43.78 -2.33 -26.96
C PHE B 83 -42.77 -3.16 -27.72
N ASP B 84 -42.61 -4.42 -27.34
CA ASP B 84 -41.65 -5.30 -28.01
C ASP B 84 -42.22 -6.00 -29.24
N LYS B 85 -43.49 -6.35 -29.19
CA LYS B 85 -44.16 -7.13 -30.24
C LYS B 85 -45.59 -6.66 -30.38
N PRO B 86 -46.23 -6.94 -31.54
CA PRO B 86 -47.61 -6.50 -31.79
C PRO B 86 -48.62 -6.87 -30.71
N GLU B 87 -48.54 -8.08 -30.17
CA GLU B 87 -49.51 -8.48 -29.15
C GLU B 87 -49.35 -7.71 -27.82
N ASP B 88 -48.25 -6.99 -27.63
CA ASP B 88 -48.12 -6.10 -26.43
C ASP B 88 -48.94 -4.80 -26.53
N VAL B 89 -49.35 -4.42 -27.73
CA VAL B 89 -49.96 -3.11 -27.91
C VAL B 89 -51.43 -3.16 -27.51
N PRO B 90 -51.85 -2.42 -26.48
CA PRO B 90 -53.28 -2.43 -26.10
C PRO B 90 -54.18 -1.83 -27.15
N GLN B 91 -55.44 -2.23 -27.13
CA GLN B 91 -56.41 -1.75 -28.10
C GLN B 91 -56.54 -0.22 -28.14
N ASP B 92 -56.60 0.43 -26.98
CA ASP B 92 -56.72 1.89 -26.94
C ASP B 92 -55.53 2.65 -27.59
N ILE B 93 -54.33 2.06 -27.57
CA ILE B 93 -53.21 2.64 -28.34
C ILE B 93 -53.45 2.45 -29.84
N LYS B 94 -53.78 1.22 -30.25
CA LYS B 94 -54.02 0.91 -31.66
C LYS B 94 -55.09 1.83 -32.25
N ASP B 95 -56.09 2.17 -31.44
CA ASP B 95 -57.20 3.02 -31.87
C ASP B 95 -56.98 4.52 -31.65
N ASN B 96 -55.92 4.91 -30.95
CA ASN B 96 -55.65 6.33 -30.70
C ASN B 96 -55.34 7.05 -32.02
N LYS B 97 -56.03 8.17 -32.26
CA LYS B 97 -55.84 8.95 -33.50
C LYS B 97 -54.38 9.32 -33.76
N ARG B 98 -53.63 9.57 -32.70
CA ARG B 98 -52.19 9.87 -32.79
C ARG B 98 -51.38 8.72 -33.44
N TYR B 99 -51.82 7.49 -33.25
CA TYR B 99 -51.23 6.31 -33.91
C TYR B 99 -51.98 5.90 -35.18
N ALA B 100 -52.92 6.72 -35.63
CA ALA B 100 -53.66 6.43 -36.85
C ALA B 100 -52.71 6.51 -38.05
N GLY B 101 -52.83 5.56 -38.96
CA GLY B 101 -52.08 5.60 -40.22
C GLY B 101 -50.62 5.19 -40.10
N VAL B 102 -50.20 4.81 -38.89
CA VAL B 102 -48.88 4.22 -38.69
C VAL B 102 -48.96 2.75 -38.24
N ASP B 103 -48.05 1.94 -38.75
CA ASP B 103 -48.07 0.50 -38.51
C ASP B 103 -46.64 -0.01 -38.28
N GLY B 104 -46.52 -1.18 -37.66
CA GLY B 104 -45.22 -1.85 -37.54
C GLY B 104 -44.18 -1.09 -36.69
N TYR B 105 -44.65 -0.52 -35.58
CA TYR B 105 -43.81 0.31 -34.72
C TYR B 105 -43.34 -0.35 -33.43
N THR B 106 -43.58 -1.64 -33.21
CA THR B 106 -42.97 -2.29 -32.04
C THR B 106 -41.49 -2.57 -32.36
N ILE B 107 -40.69 -2.71 -31.30
CA ILE B 107 -39.25 -2.89 -31.47
C ILE B 107 -38.90 -4.07 -32.41
N LYS B 108 -39.54 -5.21 -32.18
CA LYS B 108 -39.33 -6.37 -33.04
C LYS B 108 -39.65 -6.05 -34.51
N GLU B 109 -40.76 -5.36 -34.76
CA GLU B 109 -41.14 -5.08 -36.14
C GLU B 109 -40.17 -4.12 -36.82
N VAL B 110 -39.70 -3.13 -36.07
CA VAL B 110 -38.78 -2.14 -36.63
C VAL B 110 -37.48 -2.82 -37.02
N ALA B 111 -36.94 -3.65 -36.14
CA ALA B 111 -35.72 -4.42 -36.45
C ALA B 111 -35.88 -5.29 -37.71
N VAL B 112 -37.03 -5.93 -37.88
CA VAL B 112 -37.32 -6.67 -39.12
C VAL B 112 -37.31 -5.74 -40.34
N LYS B 113 -37.99 -4.60 -40.26
CA LYS B 113 -38.03 -3.65 -41.39
C LYS B 113 -36.63 -3.13 -41.72
N VAL B 114 -35.84 -2.81 -40.70
CA VAL B 114 -34.49 -2.34 -40.94
C VAL B 114 -33.66 -3.41 -41.69
N LYS B 115 -33.73 -4.65 -41.21
CA LYS B 115 -32.98 -5.74 -41.84
C LYS B 115 -33.42 -5.90 -43.30
N GLN B 116 -34.73 -5.81 -43.54
CA GLN B 116 -35.28 -5.90 -44.93
C GLN B 116 -34.87 -4.74 -45.82
N ASP B 117 -34.94 -3.50 -45.30
CA ASP B 117 -34.66 -2.31 -46.11
C ASP B 117 -33.18 -2.01 -46.28
N LEU B 118 -32.40 -2.27 -45.23
CA LEU B 118 -31.05 -1.75 -45.12
C LEU B 118 -29.99 -2.84 -44.91
N GLY B 119 -30.39 -4.02 -44.46
CA GLY B 119 -29.42 -5.10 -44.22
C GLY B 119 -28.92 -4.98 -42.80
N ASN B 120 -27.79 -5.63 -42.52
CA ASN B 120 -27.16 -5.57 -41.20
C ASN B 120 -26.72 -4.15 -40.87
N ILE B 121 -26.70 -3.82 -39.58
CA ILE B 121 -26.22 -2.52 -39.13
C ILE B 121 -24.99 -2.68 -38.27
N ASP B 122 -24.31 -1.59 -38.02
CA ASP B 122 -23.05 -1.55 -37.30
C ASP B 122 -23.18 -0.78 -36.01
N ILE B 123 -24.16 0.10 -35.95
CA ILE B 123 -24.23 1.14 -34.90
C ILE B 123 -25.67 1.31 -34.41
N LEU B 124 -25.85 1.27 -33.09
CA LEU B 124 -27.17 1.34 -32.50
C LEU B 124 -27.15 2.41 -31.39
N VAL B 125 -28.11 3.31 -31.40
CA VAL B 125 -28.18 4.39 -30.43
C VAL B 125 -29.54 4.41 -29.79
N HIS B 126 -29.53 4.48 -28.46
CA HIS B 126 -30.72 4.55 -27.67
C HIS B 126 -30.72 5.90 -26.96
N SER B 127 -31.55 6.82 -27.43
CA SER B 127 -31.60 8.19 -26.90
C SER B 127 -33.05 8.55 -26.56
N LEU B 128 -33.62 7.86 -25.60
CA LEU B 128 -35.04 8.00 -25.35
C LEU B 128 -35.31 7.64 -23.90
N ALA B 129 -36.23 8.37 -23.30
CA ALA B 129 -36.63 8.20 -21.91
C ALA B 129 -38.01 8.76 -21.78
N ASN B 130 -38.74 8.27 -20.78
CA ASN B 130 -40.03 8.84 -20.44
C ASN B 130 -40.39 8.37 -19.06
N GLY B 131 -40.65 9.33 -18.19
CA GLY B 131 -41.09 9.00 -16.82
C GLY B 131 -42.29 9.83 -16.53
N PRO B 132 -43.50 9.20 -16.55
CA PRO B 132 -44.72 10.01 -16.41
C PRO B 132 -44.80 10.75 -15.07
N GLU B 133 -44.05 10.30 -14.06
CA GLU B 133 -44.15 10.91 -12.72
C GLU B 133 -42.85 11.61 -12.31
N VAL B 134 -42.09 12.02 -13.33
CA VAL B 134 -40.77 12.60 -13.10
C VAL B 134 -40.78 13.79 -12.13
N THR B 135 -41.86 14.58 -12.08
CA THR B 135 -41.86 15.72 -11.12
C THR B 135 -42.18 15.32 -9.69
N LYS B 136 -42.49 14.04 -9.44
CA LYS B 136 -42.82 13.61 -8.09
C LYS B 136 -41.59 13.04 -7.37
N PRO B 137 -41.36 13.47 -6.13
CA PRO B 137 -40.36 12.80 -5.29
C PRO B 137 -40.63 11.27 -5.28
N LEU B 138 -39.59 10.47 -5.05
CA LEU B 138 -39.73 9.04 -4.90
C LEU B 138 -40.73 8.61 -3.79
N LEU B 139 -40.79 9.34 -2.66
CA LEU B 139 -41.79 9.11 -1.62
C LEU B 139 -43.23 9.42 -2.07
N GLU B 140 -43.43 10.01 -3.26
CA GLU B 140 -44.80 10.21 -3.77
C GLU B 140 -45.03 9.52 -5.15
N THR B 141 -44.11 8.64 -5.56
CA THR B 141 -44.20 7.99 -6.87
C THR B 141 -44.96 6.66 -6.73
N SER B 142 -45.96 6.46 -7.58
CA SER B 142 -46.75 5.22 -7.58
C SER B 142 -45.95 4.08 -8.24
N ARG B 143 -46.37 2.85 -7.96
CA ARG B 143 -45.76 1.68 -8.57
C ARG B 143 -45.90 1.76 -10.10
N LYS B 144 -47.09 2.14 -10.57
CA LYS B 144 -47.37 2.25 -12.01
C LYS B 144 -46.46 3.26 -12.68
N GLY B 145 -46.27 4.43 -12.06
CA GLY B 145 -45.35 5.44 -12.58
C GLY B 145 -43.90 4.99 -12.61
N TYR B 146 -43.49 4.34 -11.53
CA TYR B 146 -42.11 3.86 -11.39
C TYR B 146 -41.76 2.79 -12.43
N LEU B 147 -42.68 1.87 -12.60
CA LEU B 147 -42.49 0.78 -13.56
C LEU B 147 -42.57 1.33 -14.99
N ALA B 148 -43.42 2.32 -15.25
CA ALA B 148 -43.44 2.96 -16.59
C ALA B 148 -42.10 3.65 -16.91
N ALA B 149 -41.46 4.27 -15.90
CA ALA B 149 -40.15 4.89 -16.13
C ALA B 149 -39.14 3.81 -16.50
N SER B 150 -39.18 2.69 -15.78
CA SER B 150 -38.26 1.60 -16.04
C SER B 150 -38.52 0.96 -17.43
N SER B 151 -39.79 0.70 -17.75
CA SER B 151 -40.15 0.12 -19.02
C SER B 151 -39.70 0.97 -20.22
N ASN B 152 -40.03 2.26 -20.16
CA ASN B 152 -39.74 3.19 -21.24
C ASN B 152 -38.26 3.50 -21.38
N SER B 153 -37.57 3.55 -20.25
CA SER B 153 -36.24 4.14 -20.22
C SER B 153 -35.08 3.17 -20.02
N ALA B 154 -35.32 2.03 -19.35
CA ALA B 154 -34.26 1.02 -19.11
C ALA B 154 -34.49 -0.23 -19.93
N TYR B 155 -35.64 -0.88 -19.73
CA TYR B 155 -35.90 -2.11 -20.51
C TYR B 155 -35.89 -1.88 -22.04
N SER B 156 -36.34 -0.71 -22.51
CA SER B 156 -36.31 -0.41 -23.91
C SER B 156 -34.91 -0.62 -24.50
N PHE B 157 -33.84 -0.34 -23.74
CA PHE B 157 -32.48 -0.56 -24.24
C PHE B 157 -32.15 -2.06 -24.35
N VAL B 158 -32.54 -2.82 -23.32
CA VAL B 158 -32.39 -4.28 -23.38
C VAL B 158 -33.12 -4.84 -24.61
N SER B 159 -34.37 -4.43 -24.80
CA SER B 159 -35.15 -4.94 -25.94
C SER B 159 -34.53 -4.56 -27.28
N LEU B 160 -34.03 -3.32 -27.38
CA LEU B 160 -33.35 -2.91 -28.60
C LEU B 160 -32.15 -3.83 -28.90
N LEU B 161 -31.33 -4.12 -27.89
CA LEU B 161 -30.20 -5.05 -28.15
C LEU B 161 -30.68 -6.43 -28.49
N GLN B 162 -31.74 -6.92 -27.84
CA GLN B 162 -32.24 -8.27 -28.14
C GLN B 162 -32.68 -8.41 -29.61
N HIS B 163 -33.28 -7.35 -30.17
CA HIS B 163 -33.85 -7.42 -31.51
C HIS B 163 -32.90 -6.93 -32.60
N PHE B 164 -32.05 -5.96 -32.27
CA PHE B 164 -31.04 -5.52 -33.21
C PHE B 164 -29.73 -6.32 -33.13
N GLY B 165 -29.39 -6.84 -31.97
CA GLY B 165 -28.18 -7.67 -31.79
C GLY B 165 -28.01 -8.71 -32.90
N PRO B 166 -29.08 -9.47 -33.22
CA PRO B 166 -28.94 -10.48 -34.28
C PRO B 166 -28.64 -9.92 -35.69
N ILE B 167 -28.84 -8.62 -35.92
CA ILE B 167 -28.52 -8.03 -37.24
C ILE B 167 -27.40 -6.99 -37.18
N MET B 168 -26.61 -7.05 -36.11
CA MET B 168 -25.45 -6.20 -35.98
C MET B 168 -24.19 -6.95 -36.42
N ASN B 169 -23.34 -6.28 -37.17
CA ASN B 169 -22.05 -6.86 -37.55
C ASN B 169 -21.09 -6.99 -36.32
N GLU B 170 -20.25 -8.01 -36.37
CA GLU B 170 -19.24 -8.21 -35.37
C GLU B 170 -18.35 -6.97 -35.29
N GLY B 171 -18.04 -6.51 -34.10
CA GLY B 171 -17.31 -5.25 -33.98
C GLY B 171 -18.23 -4.00 -33.99
N GLY B 172 -19.52 -4.20 -34.20
CA GLY B 172 -20.51 -3.13 -34.05
C GLY B 172 -20.62 -2.64 -32.62
N SER B 173 -21.46 -1.63 -32.41
CA SER B 173 -21.41 -0.89 -31.19
C SER B 173 -22.77 -0.28 -30.85
N ALA B 174 -23.09 -0.21 -29.57
CA ALA B 174 -24.36 0.41 -29.13
C ALA B 174 -24.06 1.39 -28.01
N VAL B 175 -24.84 2.47 -27.93
CA VAL B 175 -24.65 3.43 -26.84
C VAL B 175 -26.00 3.89 -26.34
N THR B 176 -26.09 4.16 -25.05
CA THR B 176 -27.27 4.78 -24.48
C THR B 176 -26.88 6.04 -23.66
N LEU B 177 -27.89 6.81 -23.24
CA LEU B 177 -27.66 8.01 -22.47
C LEU B 177 -28.26 7.90 -21.07
N SER B 178 -27.43 8.26 -20.09
CA SER B 178 -27.81 8.26 -18.70
C SER B 178 -27.54 9.64 -18.12
N TYR B 179 -27.64 9.71 -16.80
CA TYR B 179 -27.47 10.95 -16.07
C TYR B 179 -26.94 10.62 -14.64
N LEU B 180 -26.18 11.54 -14.04
CA LEU B 180 -25.57 11.42 -12.69
C LEU B 180 -26.53 11.00 -11.57
N ALA B 181 -27.82 11.31 -11.74
CA ALA B 181 -28.85 10.92 -10.75
C ALA B 181 -28.89 9.39 -10.51
N ALA B 182 -28.37 8.58 -11.46
CA ALA B 182 -28.24 7.14 -11.29
C ALA B 182 -27.29 6.77 -10.16
N GLU B 183 -26.28 7.61 -9.94
CA GLU B 183 -25.22 7.30 -8.95
C GLU B 183 -25.27 8.14 -7.71
N ARG B 184 -25.83 9.37 -7.82
CA ARG B 184 -25.88 10.29 -6.69
C ARG B 184 -27.17 11.08 -6.77
N VAL B 185 -27.60 11.61 -5.64
CA VAL B 185 -28.93 12.16 -5.58
C VAL B 185 -28.99 13.55 -6.25
N VAL B 186 -29.93 13.70 -7.20
CA VAL B 186 -30.23 15.00 -7.80
C VAL B 186 -31.70 15.35 -7.52
N PRO B 187 -31.97 16.27 -6.58
CA PRO B 187 -33.39 16.62 -6.27
C PRO B 187 -34.13 17.12 -7.53
N GLY B 188 -35.39 16.69 -7.70
CA GLY B 188 -36.18 17.06 -8.87
C GLY B 188 -36.14 16.04 -9.99
N TYR B 189 -35.16 15.14 -10.00
CA TYR B 189 -35.20 14.06 -10.98
C TYR B 189 -35.96 12.86 -10.40
N GLY B 190 -37.28 12.97 -10.35
CA GLY B 190 -38.10 12.01 -9.58
C GLY B 190 -38.77 10.93 -10.39
N GLY B 191 -39.90 10.43 -9.89
CA GLY B 191 -40.75 9.49 -10.66
C GLY B 191 -40.09 8.14 -10.91
N GLY B 192 -39.03 7.84 -10.16
CA GLY B 192 -38.28 6.61 -10.42
C GLY B 192 -37.37 6.67 -11.64
N MET B 193 -37.22 7.86 -12.22
CA MET B 193 -36.24 8.04 -13.33
C MET B 193 -34.79 7.88 -12.86
N SER B 194 -34.47 8.26 -11.62
CA SER B 194 -33.08 8.00 -11.15
C SER B 194 -32.84 6.49 -11.08
N SER B 195 -33.86 5.77 -10.64
CA SER B 195 -33.77 4.30 -10.47
C SER B 195 -33.66 3.65 -11.83
N ALA B 196 -34.41 4.15 -12.80
CA ALA B 196 -34.33 3.62 -14.15
C ALA B 196 -32.99 3.88 -14.82
N LYS B 197 -32.41 5.07 -14.63
CA LYS B 197 -31.06 5.31 -15.12
C LYS B 197 -29.99 4.41 -14.44
N ALA B 198 -30.13 4.16 -13.14
CA ALA B 198 -29.21 3.18 -12.51
C ALA B 198 -29.31 1.76 -13.14
N ALA B 199 -30.54 1.32 -13.39
CA ALA B 199 -30.78 0.01 -14.00
C ALA B 199 -30.21 0.03 -15.41
N LEU B 200 -30.39 1.16 -16.11
CA LEU B 200 -29.81 1.31 -17.46
C LEU B 200 -28.27 1.21 -17.49
N GLU B 201 -27.59 1.86 -16.55
CA GLU B 201 -26.11 1.73 -16.47
C GLU B 201 -25.69 0.29 -16.11
N SER B 202 -26.43 -0.34 -15.21
CA SER B 202 -26.11 -1.73 -14.83
C SER B 202 -26.30 -2.64 -16.08
N ASP B 203 -27.40 -2.42 -16.80
CA ASP B 203 -27.69 -3.19 -18.02
C ASP B 203 -26.66 -2.96 -19.12
N THR B 204 -26.11 -1.74 -19.21
CA THR B 204 -25.03 -1.45 -20.13
C THR B 204 -23.85 -2.42 -19.86
N ARG B 205 -23.50 -2.61 -18.58
CA ARG B 205 -22.43 -3.56 -18.19
C ARG B 205 -22.82 -4.99 -18.47
N THR B 206 -24.01 -5.38 -18.06
CA THR B 206 -24.44 -6.78 -18.30
C THR B 206 -24.54 -7.10 -19.80
N LEU B 207 -25.11 -6.18 -20.59
CA LEU B 207 -25.20 -6.38 -22.05
C LEU B 207 -23.82 -6.29 -22.72
N ALA B 208 -22.92 -5.50 -22.13
CA ALA B 208 -21.51 -5.48 -22.67
C ALA B 208 -20.93 -6.89 -22.59
N TRP B 209 -21.14 -7.55 -21.46
CA TRP B 209 -20.73 -8.96 -21.31
C TRP B 209 -21.50 -9.85 -22.30
N GLU B 210 -22.83 -9.81 -22.26
CA GLU B 210 -23.66 -10.78 -23.05
C GLU B 210 -23.54 -10.60 -24.53
N ALA B 211 -23.66 -9.35 -24.97
CA ALA B 211 -23.51 -8.98 -26.39
C ALA B 211 -22.06 -8.97 -26.87
N GLY B 212 -21.12 -8.68 -26.00
CA GLY B 212 -19.72 -8.86 -26.35
C GLY B 212 -19.37 -10.32 -26.66
N GLN B 213 -19.87 -11.23 -25.85
CA GLN B 213 -19.59 -12.67 -26.06
C GLN B 213 -20.38 -13.27 -27.23
N LYS B 214 -21.66 -12.93 -27.31
CA LYS B 214 -22.50 -13.52 -28.33
C LYS B 214 -22.31 -12.93 -29.73
N TYR B 215 -22.16 -11.60 -29.80
CA TYR B 215 -22.16 -10.89 -31.11
C TYR B 215 -20.86 -10.18 -31.43
N GLY B 216 -19.97 -10.05 -30.43
CA GLY B 216 -18.75 -9.27 -30.63
C GLY B 216 -19.09 -7.77 -30.70
N VAL B 217 -20.18 -7.39 -30.03
CA VAL B 217 -20.69 -6.01 -30.04
C VAL B 217 -20.34 -5.31 -28.72
N ARG B 218 -19.90 -4.06 -28.82
CA ARG B 218 -19.55 -3.23 -27.65
C ARG B 218 -20.78 -2.46 -27.23
N VAL B 219 -20.92 -2.23 -25.94
CA VAL B 219 -22.12 -1.59 -25.40
C VAL B 219 -21.63 -0.61 -24.31
N ASN B 220 -21.93 0.68 -24.50
CA ASN B 220 -21.47 1.71 -23.53
C ASN B 220 -22.60 2.72 -23.25
N ALA B 221 -22.38 3.56 -22.27
CA ALA B 221 -23.32 4.60 -21.88
C ALA B 221 -22.55 5.93 -21.78
N ILE B 222 -23.24 7.03 -22.07
CA ILE B 222 -22.76 8.35 -21.83
C ILE B 222 -23.64 8.94 -20.74
N SER B 223 -23.02 9.39 -19.65
CA SER B 223 -23.74 10.10 -18.62
C SER B 223 -23.58 11.59 -18.95
N ALA B 224 -24.66 12.20 -19.42
CA ALA B 224 -24.65 13.53 -19.97
C ALA B 224 -25.01 14.59 -18.94
N GLY B 225 -24.57 15.82 -19.17
CA GLY B 225 -25.06 16.97 -18.38
C GLY B 225 -26.41 17.49 -18.89
N PRO B 226 -26.96 18.52 -18.22
CA PRO B 226 -28.27 19.08 -18.57
C PRO B 226 -28.26 19.85 -19.89
N LEU B 227 -29.34 19.64 -20.65
CA LEU B 227 -29.54 20.17 -21.99
C LEU B 227 -31.00 20.63 -22.09
N LYS B 228 -31.20 21.81 -22.65
CA LYS B 228 -32.56 22.33 -22.84
C LYS B 228 -33.18 21.72 -24.10
N SER B 229 -33.41 20.41 -24.06
CA SER B 229 -34.11 19.73 -25.15
C SER B 229 -35.60 20.08 -25.08
N ARG B 230 -36.40 19.65 -26.06
CA ARG B 230 -37.86 19.80 -25.90
C ARG B 230 -38.41 18.99 -24.71
N ALA B 231 -37.95 17.74 -24.53
CA ALA B 231 -38.42 16.97 -23.37
C ALA B 231 -38.09 17.69 -22.05
N ALA B 232 -36.87 18.25 -21.94
CA ALA B 232 -36.46 18.94 -20.70
C ALA B 232 -37.27 20.25 -20.45
N SER B 233 -37.54 21.02 -21.49
CA SER B 233 -38.22 22.30 -21.29
C SER B 233 -39.72 22.18 -21.03
N ALA B 234 -40.26 20.97 -21.26
CA ALA B 234 -41.69 20.68 -21.05
C ALA B 234 -42.05 20.44 -19.57
N ILE B 235 -41.03 20.12 -18.76
CA ILE B 235 -41.22 19.65 -17.38
C ILE B 235 -41.52 20.79 -16.40
N PHE B 243 -37.13 24.95 -14.62
CA PHE B 243 -36.32 24.03 -13.84
C PHE B 243 -35.03 23.58 -14.60
N ILE B 244 -35.17 23.20 -15.86
CA ILE B 244 -34.00 22.85 -16.66
C ILE B 244 -33.02 24.02 -16.66
N ASP B 245 -33.54 25.26 -16.63
CA ASP B 245 -32.71 26.48 -16.57
C ASP B 245 -31.87 26.53 -15.30
N TYR B 246 -32.44 26.09 -14.18
CA TYR B 246 -31.70 26.02 -12.90
C TYR B 246 -30.62 24.96 -12.90
N ALA B 247 -30.94 23.79 -13.45
CA ALA B 247 -29.94 22.73 -13.62
C ALA B 247 -28.74 23.20 -14.49
N ILE B 248 -29.04 23.94 -15.54
CA ILE B 248 -28.00 24.38 -16.48
C ILE B 248 -27.13 25.42 -15.79
N ASP B 249 -27.77 26.35 -15.08
CA ASP B 249 -27.04 27.34 -14.27
C ASP B 249 -26.14 26.72 -13.21
N TYR B 250 -26.67 25.74 -12.46
CA TYR B 250 -25.88 25.01 -11.47
C TYR B 250 -24.60 24.41 -12.10
N SER B 251 -24.76 23.72 -13.22
CA SER B 251 -23.65 23.08 -13.90
C SER B 251 -22.63 24.15 -14.38
N TYR B 252 -23.14 25.24 -14.94
CA TYR B 252 -22.28 26.30 -15.43
C TYR B 252 -21.42 26.87 -14.29
N ASN B 253 -22.05 27.07 -13.14
CA ASN B 253 -21.41 27.69 -11.98
C ASN B 253 -20.56 26.78 -11.12
N ASN B 254 -20.70 25.46 -11.29
CA ASN B 254 -20.01 24.53 -10.40
C ASN B 254 -19.07 23.49 -11.06
N ALA B 255 -19.10 23.39 -12.39
CA ALA B 255 -18.33 22.36 -13.09
C ALA B 255 -16.88 22.85 -13.32
N PRO B 256 -15.92 21.94 -13.43
CA PRO B 256 -14.52 22.30 -13.76
C PRO B 256 -14.37 23.21 -15.01
N LEU B 257 -15.04 22.84 -16.10
CA LEU B 257 -15.06 23.67 -17.31
C LEU B 257 -16.27 24.59 -17.24
N ARG B 258 -16.04 25.90 -17.16
CA ARG B 258 -17.12 26.88 -17.16
C ARG B 258 -17.44 27.18 -18.62
N ARG B 259 -18.44 26.52 -19.17
CA ARG B 259 -18.73 26.68 -20.60
C ARG B 259 -20.13 26.13 -20.76
N ASP B 260 -20.81 26.51 -21.83
CA ASP B 260 -22.15 25.97 -22.12
C ASP B 260 -21.97 24.52 -22.56
N LEU B 261 -22.90 23.66 -22.20
CA LEU B 261 -22.89 22.29 -22.67
C LEU B 261 -23.87 22.24 -23.85
N HIS B 262 -23.38 21.88 -25.05
CA HIS B 262 -24.22 21.82 -26.27
C HIS B 262 -24.49 20.36 -26.62
N SER B 263 -25.58 20.11 -27.35
CA SER B 263 -25.92 18.76 -27.76
C SER B 263 -24.79 18.15 -28.60
N ASP B 264 -24.08 18.96 -29.36
CA ASP B 264 -22.93 18.44 -30.17
C ASP B 264 -21.77 17.91 -29.35
N ASP B 265 -21.64 18.39 -28.11
CA ASP B 265 -20.62 17.86 -27.22
C ASP B 265 -20.85 16.36 -26.93
N VAL B 266 -22.11 15.98 -26.75
CA VAL B 266 -22.46 14.59 -26.53
C VAL B 266 -22.48 13.84 -27.88
N GLY B 267 -22.92 14.51 -28.95
CA GLY B 267 -22.80 13.95 -30.32
C GLY B 267 -21.37 13.50 -30.63
N GLY B 268 -20.39 14.34 -30.31
CA GLY B 268 -18.97 13.99 -30.52
C GLY B 268 -18.46 12.80 -29.71
N ALA B 269 -18.77 12.79 -28.41
CA ALA B 269 -18.44 11.65 -27.55
C ALA B 269 -19.09 10.34 -27.98
N ALA B 270 -20.37 10.40 -28.40
CA ALA B 270 -21.04 9.21 -28.95
C ALA B 270 -20.36 8.71 -30.24
N LEU B 271 -20.01 9.64 -31.13
CA LEU B 271 -19.32 9.26 -32.38
C LEU B 271 -18.05 8.46 -32.01
N PHE B 272 -17.31 8.91 -31.00
CA PHE B 272 -16.13 8.16 -30.57
C PHE B 272 -16.49 6.72 -30.15
N LEU B 273 -17.43 6.60 -29.23
CA LEU B 273 -17.83 5.29 -28.68
C LEU B 273 -18.39 4.37 -29.73
N LEU B 274 -18.91 4.97 -30.80
CA LEU B 274 -19.50 4.20 -31.90
C LEU B 274 -18.55 3.95 -33.06
N SER B 275 -17.27 4.29 -32.90
CA SER B 275 -16.28 4.19 -33.96
C SER B 275 -15.18 3.17 -33.67
N PRO B 276 -14.41 2.81 -34.69
CA PRO B 276 -13.24 1.90 -34.50
C PRO B 276 -12.15 2.42 -33.57
N LEU B 277 -12.13 3.72 -33.28
CA LEU B 277 -11.22 4.20 -32.27
C LEU B 277 -11.52 3.62 -30.89
N ALA B 278 -12.77 3.24 -30.64
CA ALA B 278 -13.17 2.71 -29.36
C ALA B 278 -13.28 1.19 -29.36
N ARG B 279 -12.54 0.52 -30.24
CA ARG B 279 -12.70 -0.92 -30.38
C ARG B 279 -12.37 -1.75 -29.11
N ALA B 280 -11.64 -1.18 -28.13
CA ALA B 280 -11.37 -1.89 -26.87
C ALA B 280 -12.22 -1.36 -25.71
N VAL B 281 -13.20 -0.51 -26.02
CA VAL B 281 -14.02 0.15 -25.00
C VAL B 281 -15.42 -0.47 -24.94
N SER B 282 -15.75 -1.05 -23.79
CA SER B 282 -17.08 -1.62 -23.62
C SER B 282 -17.44 -1.63 -22.15
N GLY B 283 -18.75 -1.50 -21.92
CA GLY B 283 -19.30 -1.41 -20.57
C GLY B 283 -19.01 -0.13 -19.78
N VAL B 284 -18.54 0.95 -20.44
CA VAL B 284 -18.20 2.15 -19.65
C VAL B 284 -19.38 3.09 -19.48
N THR B 285 -19.29 3.93 -18.44
CA THR B 285 -20.16 5.10 -18.32
C THR B 285 -19.26 6.30 -18.49
N LEU B 286 -19.37 6.96 -19.65
CA LEU B 286 -18.50 8.07 -19.95
C LEU B 286 -19.21 9.39 -19.61
N TYR B 287 -18.64 10.18 -18.68
CA TYR B 287 -19.25 11.45 -18.29
C TYR B 287 -18.94 12.51 -19.33
N VAL B 288 -20.00 13.13 -19.83
CA VAL B 288 -19.89 14.21 -20.82
C VAL B 288 -20.72 15.38 -20.28
N ASP B 289 -20.11 16.10 -19.34
CA ASP B 289 -20.85 16.96 -18.44
C ASP B 289 -20.01 18.10 -17.91
N ASN B 290 -18.98 18.48 -18.68
CA ASN B 290 -18.01 19.54 -18.29
C ASN B 290 -17.23 19.25 -17.00
N GLY B 291 -17.15 17.98 -16.62
CA GLY B 291 -16.37 17.56 -15.48
C GLY B 291 -17.15 17.57 -14.15
N LEU B 292 -18.43 17.93 -14.19
CA LEU B 292 -19.20 18.11 -12.97
C LEU B 292 -19.21 16.86 -12.06
N HIS B 293 -19.31 15.68 -12.66
CA HIS B 293 -19.30 14.42 -11.91
C HIS B 293 -18.11 14.35 -10.94
N ALA B 294 -17.01 15.04 -11.26
CA ALA B 294 -15.78 14.88 -10.44
C ALA B 294 -15.81 15.62 -9.12
N MET B 295 -16.75 16.56 -8.98
CA MET B 295 -16.78 17.49 -7.87
C MET B 295 -17.42 16.84 -6.63
N GLY B 296 -16.86 17.13 -5.45
CA GLY B 296 -17.41 16.64 -4.20
C GLY B 296 -18.05 17.73 -3.39
N GLN B 297 -18.10 18.95 -3.94
CA GLN B 297 -18.67 20.08 -3.24
C GLN B 297 -19.07 21.13 -4.27
N ALA B 298 -20.24 21.79 -4.11
CA ALA B 298 -20.56 22.99 -4.89
C ALA B 298 -19.64 24.14 -4.52
N VAL B 299 -19.28 24.99 -5.47
CA VAL B 299 -18.41 26.11 -5.15
C VAL B 299 -19.21 27.42 -4.99
N ASP B 300 -20.51 27.41 -5.32
CA ASP B 300 -21.34 28.61 -5.06
C ASP B 300 -22.40 28.37 -4.00
N SER B 301 -22.12 27.48 -3.04
CA SER B 301 -23.03 27.23 -1.93
C SER B 301 -23.20 28.49 -1.07
N ARG B 302 -24.42 28.74 -0.58
CA ARG B 302 -24.61 29.84 0.36
C ARG B 302 -23.92 29.59 1.68
N SER B 303 -23.47 28.36 1.95
CA SER B 303 -22.66 28.08 3.17
C SER B 303 -21.24 28.69 3.13
N MET B 304 -20.74 28.93 1.92
CA MET B 304 -19.39 29.46 1.69
C MET B 304 -19.48 30.92 1.26
N PRO B 305 -18.35 31.66 1.33
CA PRO B 305 -18.33 33.07 0.87
C PRO B 305 -18.48 33.21 -0.66
N PRO B 306 -19.04 34.34 -1.14
CA PRO B 306 -19.12 34.60 -2.59
C PRO B 306 -17.73 34.76 -3.22
N PHE C 3 -23.95 -7.62 25.46
CA PHE C 3 -23.34 -8.75 24.71
C PHE C 3 -23.10 -8.51 23.20
N PRO C 4 -24.04 -7.83 22.49
CA PRO C 4 -23.82 -7.68 21.05
C PRO C 4 -22.37 -7.27 20.67
N ILE C 5 -21.80 -6.27 21.35
CA ILE C 5 -20.37 -5.93 21.17
C ILE C 5 -19.60 -6.06 22.51
N ASP C 6 -18.99 -7.22 22.71
CA ASP C 6 -18.23 -7.49 23.91
C ASP C 6 -16.75 -7.63 23.53
N LEU C 7 -15.90 -6.70 23.97
CA LEU C 7 -14.47 -6.75 23.60
C LEU C 7 -13.57 -7.11 24.81
N ARG C 8 -14.18 -7.56 25.90
CA ARG C 8 -13.41 -7.99 27.05
C ARG C 8 -12.48 -9.10 26.64
N GLY C 9 -11.25 -9.01 27.15
CA GLY C 9 -10.19 -9.94 26.82
C GLY C 9 -9.42 -9.54 25.58
N GLN C 10 -9.87 -8.47 24.89
CA GLN C 10 -9.16 -8.01 23.67
C GLN C 10 -8.29 -6.80 23.95
N THR C 11 -7.28 -6.60 23.10
CA THR C 11 -6.36 -5.48 23.24
C THR C 11 -6.29 -4.66 21.95
N ALA C 12 -6.39 -3.35 22.10
CA ALA C 12 -6.34 -2.41 20.98
C ALA C 12 -5.11 -1.52 21.04
N PHE C 13 -4.54 -1.19 19.86
CA PHE C 13 -3.53 -0.12 19.78
C PHE C 13 -4.09 0.97 18.87
N VAL C 14 -4.19 2.19 19.40
CA VAL C 14 -4.73 3.33 18.65
C VAL C 14 -3.62 4.35 18.39
N ALA C 15 -3.23 4.46 17.12
CA ALA C 15 -2.14 5.34 16.73
C ALA C 15 -2.72 6.69 16.31
N GLY C 16 -2.30 7.76 16.98
CA GLY C 16 -2.65 9.14 16.60
C GLY C 16 -3.61 9.78 17.58
N VAL C 17 -3.26 9.75 18.88
CA VAL C 17 -4.08 10.35 19.90
C VAL C 17 -3.20 11.29 20.73
N ALA C 18 -3.47 12.58 20.63
CA ALA C 18 -2.67 13.56 21.36
C ALA C 18 -3.53 14.49 22.20
N ASP C 19 -4.85 14.33 22.13
CA ASP C 19 -5.76 15.19 22.90
C ASP C 19 -7.12 14.52 22.79
N SER C 20 -8.13 15.14 23.39
CA SER C 20 -9.45 14.55 23.45
C SER C 20 -10.42 15.06 22.35
N HIS C 21 -9.92 15.89 21.42
CA HIS C 21 -10.82 16.59 20.47
C HIS C 21 -10.94 15.92 19.10
N GLY C 22 -10.15 14.87 18.86
CA GLY C 22 -10.15 14.30 17.53
C GLY C 22 -10.84 12.94 17.44
N TYR C 23 -10.79 12.36 16.24
CA TYR C 23 -11.47 11.08 16.05
C TYR C 23 -10.79 9.95 16.81
N GLY C 24 -9.46 10.00 16.94
CA GLY C 24 -8.69 8.95 17.61
C GLY C 24 -9.13 8.76 19.05
N TRP C 25 -9.28 9.86 19.79
CA TRP C 25 -9.79 9.79 21.16
C TRP C 25 -11.18 9.13 21.24
N ALA C 26 -12.05 9.48 20.29
CA ALA C 26 -13.44 9.00 20.36
C ALA C 26 -13.44 7.49 20.10
N ILE C 27 -12.60 7.04 19.16
CA ILE C 27 -12.44 5.61 18.88
C ILE C 27 -11.94 4.85 20.13
N ALA C 28 -10.85 5.35 20.73
CA ALA C 28 -10.29 4.75 21.94
C ALA C 28 -11.33 4.65 23.05
N LYS C 29 -12.12 5.71 23.22
CA LYS C 29 -13.16 5.76 24.27
C LYS C 29 -14.24 4.68 24.04
N HIS C 30 -14.68 4.51 22.78
CA HIS C 30 -15.65 3.46 22.45
C HIS C 30 -15.11 2.06 22.62
N LEU C 31 -13.86 1.84 22.21
CA LEU C 31 -13.21 0.57 22.43
C LEU C 31 -13.12 0.24 23.92
N ALA C 32 -12.73 1.20 24.74
CA ALA C 32 -12.68 0.97 26.21
C ALA C 32 -14.04 0.72 26.85
N SER C 33 -15.08 1.43 26.40
CA SER C 33 -16.43 1.25 26.94
C SER C 33 -16.94 -0.14 26.63
N ALA C 34 -16.50 -0.73 25.53
CA ALA C 34 -16.90 -2.08 25.15
C ALA C 34 -16.03 -3.17 25.83
N GLY C 35 -15.08 -2.78 26.67
CA GLY C 35 -14.28 -3.75 27.45
C GLY C 35 -12.87 -4.05 26.96
N ALA C 36 -12.42 -3.43 25.87
CA ALA C 36 -11.04 -3.65 25.38
C ALA C 36 -10.01 -2.94 26.25
N ARG C 37 -8.85 -3.54 26.42
CA ARG C 37 -7.65 -2.80 26.90
C ARG C 37 -7.15 -1.92 25.75
N VAL C 38 -6.86 -0.66 26.02
CA VAL C 38 -6.55 0.27 24.91
C VAL C 38 -5.23 0.93 25.18
N ALA C 39 -4.26 0.75 24.27
CA ALA C 39 -2.98 1.47 24.33
C ALA C 39 -2.98 2.52 23.25
N LEU C 40 -2.25 3.61 23.48
CA LEU C 40 -2.18 4.74 22.54
C LEU C 40 -0.77 4.97 21.99
N GLY C 41 -0.69 5.41 20.75
CA GLY C 41 0.55 5.93 20.16
C GLY C 41 0.37 7.43 19.94
N THR C 42 1.34 8.21 20.40
CA THR C 42 1.24 9.66 20.44
C THR C 42 2.52 10.26 19.87
N TRP C 43 2.35 11.22 18.95
CA TRP C 43 3.46 11.91 18.32
C TRP C 43 4.43 12.48 19.39
N PRO C 44 5.74 12.11 19.33
CA PRO C 44 6.58 12.38 20.52
C PRO C 44 6.69 13.84 20.97
N PRO C 45 6.77 14.81 20.06
CA PRO C 45 6.81 16.19 20.57
C PRO C 45 5.63 16.61 21.43
N VAL C 46 4.45 16.04 21.24
CA VAL C 46 3.30 16.41 22.09
C VAL C 46 2.99 15.41 23.20
N LEU C 47 3.85 14.40 23.36
CA LEU C 47 3.62 13.37 24.35
C LEU C 47 3.57 13.94 25.79
N GLY C 48 4.55 14.77 26.16
CA GLY C 48 4.62 15.34 27.53
C GLY C 48 3.36 16.12 27.89
N LEU C 49 2.91 16.99 27.00
CA LEU C 49 1.67 17.78 27.19
C LEU C 49 0.43 16.87 27.40
N PHE C 50 0.30 15.83 26.56
CA PHE C 50 -0.77 14.85 26.68
C PHE C 50 -0.71 14.09 28.00
N GLN C 51 0.45 13.55 28.35
CA GLN C 51 0.62 12.85 29.65
C GLN C 51 0.31 13.75 30.83
N LYS C 52 0.73 15.00 30.71
CA LYS C 52 0.47 16.00 31.73
C LYS C 52 -1.02 16.29 31.87
N SER C 53 -1.72 16.43 30.76
CA SER C 53 -3.15 16.71 30.84
C SER C 53 -3.98 15.50 31.36
N LEU C 54 -3.52 14.28 31.10
CA LEU C 54 -4.11 13.04 31.68
C LEU C 54 -3.87 12.94 33.18
N GLN C 55 -2.62 13.10 33.59
CA GLN C 55 -2.27 12.91 35.00
C GLN C 55 -2.76 14.03 35.89
N SER C 56 -2.92 15.23 35.33
CA SER C 56 -3.45 16.37 36.09
C SER C 56 -4.94 16.27 36.43
N GLY C 57 -5.70 15.51 35.64
CA GLY C 57 -7.15 15.41 35.83
C GLY C 57 -7.92 16.36 34.94
N ARG C 58 -7.21 17.13 34.12
CA ARG C 58 -7.87 18.03 33.16
C ARG C 58 -8.74 17.27 32.12
N LEU C 59 -8.39 16.03 31.80
CA LEU C 59 -9.17 15.25 30.82
C LEU C 59 -10.28 14.35 31.44
N ASP C 60 -10.46 14.43 32.74
CA ASP C 60 -11.37 13.52 33.45
C ASP C 60 -12.81 13.56 32.94
N GLU C 61 -13.29 14.74 32.55
CA GLU C 61 -14.61 14.85 31.92
C GLU C 61 -14.66 14.08 30.61
N ASP C 62 -13.65 14.26 29.76
CA ASP C 62 -13.58 13.60 28.46
C ASP C 62 -13.32 12.11 28.58
N ARG C 63 -12.80 11.65 29.71
CA ARG C 63 -12.59 10.22 29.95
C ARG C 63 -13.79 9.50 30.53
N LYS C 64 -14.81 10.25 30.93
CA LYS C 64 -15.97 9.67 31.63
C LYS C 64 -16.76 8.77 30.70
N LEU C 65 -17.14 7.60 31.22
CA LEU C 65 -17.92 6.61 30.47
C LEU C 65 -19.38 6.63 30.89
N PRO C 66 -20.28 6.00 30.11
CA PRO C 66 -21.71 6.07 30.46
C PRO C 66 -21.97 5.65 31.90
N ASP C 67 -21.36 4.54 32.32
CA ASP C 67 -21.51 4.03 33.69
C ASP C 67 -20.86 4.92 34.76
N GLY C 68 -20.04 5.89 34.37
CA GLY C 68 -19.46 6.86 35.29
C GLY C 68 -18.00 6.64 35.64
N SER C 69 -17.44 5.50 35.25
CA SER C 69 -16.01 5.27 35.43
C SER C 69 -15.21 6.04 34.36
N LEU C 70 -13.89 6.11 34.55
CA LEU C 70 -13.04 6.84 33.63
C LEU C 70 -12.23 5.83 32.84
N ILE C 71 -12.09 6.04 31.53
CA ILE C 71 -11.21 5.17 30.76
C ILE C 71 -9.78 5.25 31.29
N GLU C 72 -9.10 4.12 31.29
CA GLU C 72 -7.69 4.04 31.65
C GLU C 72 -6.98 3.41 30.46
N PHE C 73 -5.77 3.88 30.15
CA PHE C 73 -5.03 3.36 29.00
C PHE C 73 -4.02 2.32 29.45
N ALA C 74 -3.81 1.28 28.65
CA ALA C 74 -2.85 0.24 29.03
C ALA C 74 -1.40 0.70 28.85
N GLY C 75 -1.22 1.85 28.21
CA GLY C 75 0.11 2.45 28.04
C GLY C 75 -0.04 3.55 27.01
N VAL C 76 0.81 4.57 27.11
CA VAL C 76 0.78 5.64 26.11
C VAL C 76 2.17 5.68 25.54
N TYR C 77 2.32 5.31 24.28
CA TYR C 77 3.68 5.08 23.71
C TYR C 77 4.04 6.23 22.74
N PRO C 78 5.27 6.77 22.85
CA PRO C 78 5.67 7.75 21.83
C PRO C 78 5.81 7.04 20.49
N LEU C 79 5.33 7.67 19.43
CA LEU C 79 5.24 7.02 18.12
C LEU C 79 5.29 8.09 17.05
N ASP C 80 6.29 8.01 16.20
CA ASP C 80 6.36 8.91 15.08
C ASP C 80 6.23 8.08 13.82
N ALA C 81 5.06 8.18 13.19
CA ALA C 81 4.72 7.29 12.11
C ALA C 81 5.40 7.65 10.80
N ALA C 82 6.26 8.68 10.79
CA ALA C 82 7.11 8.97 9.66
C ALA C 82 8.35 8.04 9.61
N PHE C 83 8.62 7.28 10.67
CA PHE C 83 9.84 6.49 10.76
C PHE C 83 9.52 5.04 11.06
N ASP C 84 10.00 4.14 10.22
CA ASP C 84 9.75 2.73 10.41
C ASP C 84 10.71 2.04 11.41
N LYS C 85 11.99 2.41 11.38
CA LYS C 85 13.02 1.74 12.15
C LYS C 85 14.05 2.78 12.57
N PRO C 86 14.83 2.50 13.64
CA PRO C 86 15.80 3.45 14.19
C PRO C 86 16.76 4.06 13.19
N GLU C 87 17.29 3.26 12.27
CA GLU C 87 18.22 3.82 11.27
C GLU C 87 17.57 4.82 10.27
N ASP C 88 16.25 4.92 10.23
CA ASP C 88 15.59 5.95 9.39
C ASP C 88 15.53 7.32 10.03
N VAL C 89 15.79 7.41 11.33
CA VAL C 89 15.64 8.69 12.00
C VAL C 89 16.90 9.53 11.78
N PRO C 90 16.75 10.72 11.15
CA PRO C 90 17.93 11.57 10.96
C PRO C 90 18.47 12.13 12.27
N GLN C 91 19.74 12.51 12.25
CA GLN C 91 20.38 13.18 13.38
C GLN C 91 19.69 14.46 13.90
N ASP C 92 19.14 15.32 13.03
CA ASP C 92 18.37 16.51 13.50
C ASP C 92 17.18 16.17 14.39
N ILE C 93 16.45 15.12 14.02
CA ILE C 93 15.36 14.61 14.86
C ILE C 93 15.87 14.08 16.20
N LYS C 94 16.89 13.20 16.19
CA LYS C 94 17.40 12.62 17.44
C LYS C 94 17.88 13.71 18.37
N ASP C 95 18.37 14.80 17.81
CA ASP C 95 18.91 15.94 18.57
C ASP C 95 17.88 17.03 18.85
N ASN C 96 16.74 16.98 18.16
CA ASN C 96 15.67 17.94 18.38
C ASN C 96 15.23 17.92 19.85
N LYS C 97 15.19 19.08 20.49
CA LYS C 97 14.79 19.18 21.91
C LYS C 97 13.38 18.62 22.15
N ARG C 98 12.50 18.76 21.16
CA ARG C 98 11.13 18.24 21.26
C ARG C 98 11.09 16.70 21.35
N TYR C 99 12.17 16.03 20.93
CA TYR C 99 12.29 14.59 21.05
C TYR C 99 13.20 14.16 22.21
N ALA C 100 13.67 15.12 23.00
CA ALA C 100 14.56 14.81 24.15
C ALA C 100 13.82 14.04 25.23
N GLY C 101 14.43 12.96 25.72
CA GLY C 101 13.84 12.18 26.79
C GLY C 101 12.78 11.18 26.38
N VAL C 102 12.53 11.04 25.07
CA VAL C 102 11.83 9.88 24.53
C VAL C 102 12.72 9.05 23.63
N ASP C 103 12.46 7.76 23.64
CA ASP C 103 13.23 6.80 22.90
C ASP C 103 12.27 5.73 22.38
N GLY C 104 12.70 5.00 21.35
CA GLY C 104 12.01 3.82 20.87
C GLY C 104 10.68 4.16 20.23
N TYR C 105 10.65 5.21 19.41
CA TYR C 105 9.40 5.74 18.87
C TYR C 105 9.15 5.46 17.38
N THR C 106 10.02 4.67 16.74
CA THR C 106 9.72 4.24 15.36
C THR C 106 8.66 3.13 15.39
N ILE C 107 7.96 2.96 14.28
CA ILE C 107 6.85 2.02 14.22
C ILE C 107 7.28 0.59 14.64
N LYS C 108 8.41 0.13 14.08
CA LYS C 108 8.93 -1.20 14.45
C LYS C 108 9.20 -1.31 15.96
N GLU C 109 9.83 -0.30 16.54
CA GLU C 109 10.15 -0.35 17.96
C GLU C 109 8.89 -0.33 18.83
N VAL C 110 7.90 0.47 18.44
CA VAL C 110 6.63 0.50 19.16
C VAL C 110 5.93 -0.88 19.15
N ALA C 111 5.88 -1.51 17.98
CA ALA C 111 5.30 -2.86 17.88
C ALA C 111 6.02 -3.88 18.76
N VAL C 112 7.36 -3.80 18.83
CA VAL C 112 8.13 -4.66 19.73
C VAL C 112 7.77 -4.40 21.20
N LYS C 113 7.69 -3.14 21.60
CA LYS C 113 7.34 -2.83 23.00
C LYS C 113 5.93 -3.31 23.35
N VAL C 114 4.99 -3.10 22.43
CA VAL C 114 3.61 -3.51 22.67
C VAL C 114 3.55 -5.04 22.89
N LYS C 115 4.17 -5.79 21.97
CA LYS C 115 4.32 -7.24 22.10
C LYS C 115 4.91 -7.65 23.46
N GLN C 116 6.01 -7.02 23.86
CA GLN C 116 6.63 -7.30 25.17
C GLN C 116 5.74 -6.95 26.38
N ASP C 117 5.09 -5.79 26.34
CA ASP C 117 4.35 -5.27 27.49
C ASP C 117 2.97 -5.89 27.59
N LEU C 118 2.30 -6.07 26.44
CA LEU C 118 0.90 -6.43 26.41
C LEU C 118 0.60 -7.78 25.76
N GLY C 119 1.49 -8.30 24.91
CA GLY C 119 1.21 -9.51 24.18
C GLY C 119 0.63 -9.21 22.81
N ASN C 120 0.01 -10.22 22.19
CA ASN C 120 -0.64 -10.06 20.89
C ASN C 120 -1.83 -9.12 21.04
N ILE C 121 -2.11 -8.36 20.00
CA ILE C 121 -3.27 -7.49 19.97
C ILE C 121 -4.35 -8.01 19.02
N ASP C 122 -5.55 -7.44 19.13
CA ASP C 122 -6.69 -7.82 18.31
C ASP C 122 -7.16 -6.69 17.37
N ILE C 123 -6.85 -5.45 17.74
CA ILE C 123 -7.46 -4.25 17.15
C ILE C 123 -6.38 -3.19 16.89
N LEU C 124 -6.36 -2.64 15.69
CA LEU C 124 -5.35 -1.67 15.32
C LEU C 124 -6.08 -0.49 14.68
N VAL C 125 -5.79 0.72 15.18
CA VAL C 125 -6.42 1.92 14.67
C VAL C 125 -5.36 2.92 14.18
N HIS C 126 -5.56 3.43 12.96
CA HIS C 126 -4.70 4.46 12.37
C HIS C 126 -5.52 5.73 12.20
N SER C 127 -5.29 6.70 13.08
CA SER C 127 -6.04 7.93 13.09
C SER C 127 -5.09 9.12 13.08
N LEU C 128 -4.29 9.19 12.03
CA LEU C 128 -3.22 10.17 11.97
C LEU C 128 -2.98 10.59 10.53
N ALA C 129 -2.62 11.85 10.36
CA ALA C 129 -2.40 12.41 9.05
C ALA C 129 -1.59 13.65 9.26
N ASN C 130 -0.79 14.00 8.27
CA ASN C 130 -0.11 15.26 8.31
C ASN C 130 0.31 15.67 6.91
N GLY C 131 -0.12 16.85 6.47
CA GLY C 131 0.26 17.34 5.15
C GLY C 131 0.77 18.75 5.31
N PRO C 132 2.08 18.94 5.20
CA PRO C 132 2.64 20.27 5.49
C PRO C 132 2.18 21.34 4.50
N GLU C 133 1.72 20.97 3.31
CA GLU C 133 1.26 22.00 2.34
C GLU C 133 -0.25 21.94 2.09
N VAL C 134 -0.98 21.45 3.07
CA VAL C 134 -2.43 21.26 2.93
C VAL C 134 -3.20 22.51 2.47
N THR C 135 -2.71 23.72 2.79
CA THR C 135 -3.43 24.93 2.37
C THR C 135 -3.08 25.34 0.94
N LYS C 136 -2.17 24.63 0.27
CA LYS C 136 -1.80 24.97 -1.11
C LYS C 136 -2.66 24.12 -2.10
N PRO C 137 -3.20 24.73 -3.16
CA PRO C 137 -3.77 23.96 -4.27
C PRO C 137 -2.71 22.98 -4.84
N LEU C 138 -3.18 21.93 -5.49
CA LEU C 138 -2.27 20.93 -6.08
C LEU C 138 -1.35 21.55 -7.13
N LEU C 139 -1.85 22.54 -7.89
CA LEU C 139 -0.99 23.26 -8.84
C LEU C 139 0.12 24.10 -8.16
N GLU C 140 0.10 24.22 -6.84
CA GLU C 140 1.18 24.98 -6.14
C GLU C 140 1.88 24.10 -5.08
N THR C 141 1.66 22.78 -5.13
CA THR C 141 2.22 21.83 -4.16
C THR C 141 3.58 21.29 -4.66
N SER C 142 4.60 21.37 -3.80
CA SER C 142 5.97 20.91 -4.13
C SER C 142 6.04 19.37 -4.02
N ARG C 143 7.05 18.80 -4.65
CA ARG C 143 7.22 17.36 -4.59
C ARG C 143 7.46 16.92 -3.14
N LYS C 144 8.26 17.70 -2.44
CA LYS C 144 8.56 17.41 -1.04
C LYS C 144 7.29 17.46 -0.17
N GLY C 145 6.44 18.47 -0.38
CA GLY C 145 5.19 18.55 0.41
C GLY C 145 4.28 17.36 0.08
N TYR C 146 4.22 17.01 -1.21
CA TYR C 146 3.30 15.97 -1.68
C TYR C 146 3.71 14.61 -1.11
N LEU C 147 5.00 14.33 -1.17
CA LEU C 147 5.55 13.08 -0.65
C LEU C 147 5.51 13.03 0.88
N ALA C 148 5.77 14.17 1.57
CA ALA C 148 5.52 14.21 3.03
C ALA C 148 4.06 13.83 3.38
N ALA C 149 3.07 14.37 2.63
CA ALA C 149 1.67 13.98 2.86
C ALA C 149 1.50 12.47 2.74
N SER C 150 2.07 11.92 1.68
CA SER C 150 1.90 10.49 1.41
C SER C 150 2.62 9.63 2.46
N SER C 151 3.83 10.01 2.84
CA SER C 151 4.61 9.26 3.84
C SER C 151 3.92 9.25 5.22
N ASN C 152 3.50 10.44 5.65
CA ASN C 152 2.86 10.61 6.95
C ASN C 152 1.48 10.00 7.02
N SER C 153 0.73 10.06 5.93
CA SER C 153 -0.73 9.82 5.98
C SER C 153 -1.19 8.51 5.31
N ALA C 154 -0.43 8.00 4.34
CA ALA C 154 -0.78 6.79 3.63
C ALA C 154 0.19 5.66 3.95
N TYR C 155 1.48 5.86 3.68
CA TYR C 155 2.43 4.78 3.96
C TYR C 155 2.50 4.41 5.48
N SER C 156 2.30 5.38 6.37
CA SER C 156 2.25 5.07 7.84
C SER C 156 1.24 3.94 8.15
N PHE C 157 0.10 3.86 7.44
CA PHE C 157 -0.85 2.73 7.62
C PHE C 157 -0.28 1.39 7.12
N VAL C 158 0.35 1.41 5.95
CA VAL C 158 1.04 0.20 5.44
C VAL C 158 2.07 -0.30 6.47
N SER C 159 2.89 0.59 6.97
CA SER C 159 3.93 0.21 7.90
C SER C 159 3.36 -0.29 9.22
N LEU C 160 2.31 0.36 9.71
CA LEU C 160 1.62 -0.13 10.90
C LEU C 160 1.16 -1.57 10.72
N LEU C 161 0.56 -1.90 9.57
CA LEU C 161 0.18 -3.30 9.33
C LEU C 161 1.35 -4.23 9.18
N GLN C 162 2.42 -3.78 8.54
CA GLN C 162 3.58 -4.63 8.42
C GLN C 162 4.14 -5.04 9.78
N HIS C 163 4.13 -4.11 10.75
CA HIS C 163 4.81 -4.35 12.04
C HIS C 163 3.88 -4.87 13.14
N PHE C 164 2.60 -4.48 13.09
CA PHE C 164 1.62 -5.03 13.99
C PHE C 164 0.97 -6.30 13.49
N GLY C 165 0.82 -6.45 12.16
CA GLY C 165 0.25 -7.69 11.57
C GLY C 165 0.77 -8.99 12.20
N PRO C 166 2.11 -9.13 12.32
CA PRO C 166 2.71 -10.31 12.94
C PRO C 166 2.29 -10.54 14.39
N ILE C 167 1.88 -9.52 15.10
CA ILE C 167 1.45 -9.74 16.51
C ILE C 167 -0.07 -9.57 16.70
N MET C 168 -0.83 -9.69 15.61
CA MET C 168 -2.27 -9.59 15.67
C MET C 168 -2.84 -10.99 15.68
N ASN C 169 -3.85 -11.21 16.52
CA ASN C 169 -4.57 -12.48 16.54
C ASN C 169 -5.41 -12.65 15.27
N GLU C 170 -5.59 -13.90 14.85
CA GLU C 170 -6.42 -14.21 13.70
C GLU C 170 -7.86 -13.73 13.99
N GLY C 171 -8.54 -13.16 13.01
CA GLY C 171 -9.86 -12.59 13.27
C GLY C 171 -9.77 -11.14 13.76
N GLY C 172 -8.56 -10.64 13.94
CA GLY C 172 -8.33 -9.26 14.35
C GLY C 172 -8.65 -8.28 13.23
N SER C 173 -8.55 -6.99 13.52
CA SER C 173 -9.11 -5.96 12.67
C SER C 173 -8.33 -4.67 12.74
N ALA C 174 -8.25 -3.95 11.63
CA ALA C 174 -7.56 -2.65 11.55
C ALA C 174 -8.46 -1.66 10.81
N VAL C 175 -8.44 -0.40 11.23
CA VAL C 175 -9.28 0.60 10.55
C VAL C 175 -8.42 1.85 10.42
N THR C 176 -8.63 2.58 9.33
CA THR C 176 -8.03 3.90 9.13
C THR C 176 -9.11 4.91 8.77
N LEU C 177 -8.76 6.20 8.80
CA LEU C 177 -9.70 7.29 8.50
C LEU C 177 -9.35 8.04 7.23
N SER C 178 -10.36 8.26 6.39
CA SER C 178 -10.16 8.91 5.11
C SER C 178 -11.22 10.01 4.97
N TYR C 179 -11.32 10.57 3.78
CA TYR C 179 -12.17 11.73 3.55
C TYR C 179 -12.55 11.70 2.07
N LEU C 180 -13.75 12.21 1.76
CA LEU C 180 -14.37 12.21 0.41
C LEU C 180 -13.48 12.79 -0.70
N ALA C 181 -12.60 13.73 -0.32
CA ALA C 181 -11.60 14.31 -1.25
C ALA C 181 -10.76 13.26 -2.00
N ALA C 182 -10.63 12.07 -1.45
CA ALA C 182 -9.95 10.95 -2.14
C ALA C 182 -10.68 10.56 -3.43
N GLU C 183 -11.99 10.73 -3.45
CA GLU C 183 -12.82 10.27 -4.59
C GLU C 183 -13.40 11.40 -5.43
N ARG C 184 -13.61 12.57 -4.82
CA ARG C 184 -14.20 13.70 -5.51
C ARG C 184 -13.58 14.99 -5.03
N VAL C 185 -13.65 16.04 -5.85
CA VAL C 185 -12.81 17.20 -5.58
C VAL C 185 -13.41 18.02 -4.45
N VAL C 186 -12.63 18.28 -3.39
CA VAL C 186 -13.05 19.21 -2.35
C VAL C 186 -12.05 20.37 -2.30
N PRO C 187 -12.41 21.53 -2.83
CA PRO C 187 -11.47 22.67 -2.86
C PRO C 187 -10.97 22.98 -1.44
N GLY C 188 -9.69 23.26 -1.31
CA GLY C 188 -9.11 23.61 -0.01
C GLY C 188 -8.46 22.45 0.68
N TYR C 189 -8.74 21.20 0.27
CA TYR C 189 -8.03 20.08 0.85
C TYR C 189 -6.82 19.80 -0.05
N GLY C 190 -5.78 20.61 0.13
CA GLY C 190 -4.66 20.64 -0.81
C GLY C 190 -3.43 19.87 -0.40
N GLY C 191 -2.27 20.28 -0.93
CA GLY C 191 -0.99 19.75 -0.49
C GLY C 191 -0.78 18.28 -0.82
N GLY C 192 -1.59 17.73 -1.71
CA GLY C 192 -1.49 16.29 -2.01
C GLY C 192 -2.14 15.44 -0.93
N MET C 193 -2.91 16.05 -0.03
CA MET C 193 -3.68 15.26 0.95
C MET C 193 -4.81 14.47 0.30
N SER C 194 -5.44 15.03 -0.74
CA SER C 194 -6.46 14.27 -1.45
C SER C 194 -5.86 13.01 -2.09
N SER C 195 -4.68 13.20 -2.70
CA SER C 195 -3.94 12.10 -3.33
C SER C 195 -3.53 11.05 -2.29
N ALA C 196 -3.02 11.51 -1.13
CA ALA C 196 -2.70 10.58 -0.04
C ALA C 196 -3.88 9.79 0.49
N LYS C 197 -5.03 10.42 0.68
CA LYS C 197 -6.23 9.67 1.08
C LYS C 197 -6.70 8.67 0.01
N ALA C 198 -6.58 9.02 -1.27
CA ALA C 198 -6.89 8.07 -2.33
C ALA C 198 -5.95 6.82 -2.24
N ALA C 199 -4.64 7.07 -2.05
CA ALA C 199 -3.65 6.00 -1.87
C ALA C 199 -4.02 5.16 -0.67
N LEU C 200 -4.43 5.84 0.39
CA LEU C 200 -4.78 5.15 1.66
C LEU C 200 -6.02 4.23 1.52
N GLU C 201 -7.07 4.69 0.83
CA GLU C 201 -8.21 3.80 0.54
C GLU C 201 -7.80 2.66 -0.39
N SER C 202 -6.94 2.93 -1.36
CA SER C 202 -6.48 1.84 -2.26
C SER C 202 -5.68 0.79 -1.47
N ASP C 203 -4.84 1.29 -0.57
CA ASP C 203 -4.07 0.45 0.32
C ASP C 203 -4.91 -0.36 1.30
N THR C 204 -6.02 0.25 1.76
CA THR C 204 -6.98 -0.46 2.58
C THR C 204 -7.47 -1.74 1.87
N ARG C 205 -7.81 -1.63 0.58
CA ARG C 205 -8.21 -2.79 -0.19
C ARG C 205 -7.06 -3.79 -0.38
N THR C 206 -5.90 -3.30 -0.83
CA THR C 206 -4.77 -4.20 -1.05
C THR C 206 -4.35 -4.91 0.25
N LEU C 207 -4.32 -4.19 1.35
CA LEU C 207 -3.98 -4.83 2.63
C LEU C 207 -5.09 -5.77 3.12
N ALA C 208 -6.35 -5.45 2.80
CA ALA C 208 -7.43 -6.38 3.09
C ALA C 208 -7.16 -7.74 2.45
N TRP C 209 -6.74 -7.72 1.17
CA TRP C 209 -6.32 -8.94 0.52
C TRP C 209 -5.07 -9.53 1.21
N GLU C 210 -4.00 -8.74 1.34
CA GLU C 210 -2.73 -9.35 1.81
C GLU C 210 -2.79 -9.82 3.26
N ALA C 211 -3.35 -8.98 4.13
CA ALA C 211 -3.45 -9.32 5.54
C ALA C 211 -4.59 -10.30 5.82
N GLY C 212 -5.65 -10.27 5.01
CA GLY C 212 -6.69 -11.26 5.08
C GLY C 212 -6.12 -12.65 4.86
N GLN C 213 -5.28 -12.79 3.83
CA GLN C 213 -4.71 -14.10 3.49
C GLN C 213 -3.61 -14.56 4.46
N LYS C 214 -2.72 -13.66 4.82
CA LYS C 214 -1.55 -14.02 5.61
C LYS C 214 -1.91 -14.16 7.09
N TYR C 215 -2.72 -13.25 7.62
CA TYR C 215 -3.01 -13.21 9.06
C TYR C 215 -4.47 -13.45 9.47
N GLY C 216 -5.39 -13.53 8.51
CA GLY C 216 -6.82 -13.64 8.86
C GLY C 216 -7.31 -12.33 9.47
N VAL C 217 -6.66 -11.24 9.09
CA VAL C 217 -6.96 -9.90 9.65
C VAL C 217 -7.78 -9.07 8.66
N ARG C 218 -8.79 -8.38 9.17
CA ARG C 218 -9.65 -7.51 8.35
C ARG C 218 -9.08 -6.08 8.35
N VAL C 219 -9.23 -5.41 7.23
CA VAL C 219 -8.73 -4.04 7.08
C VAL C 219 -9.79 -3.19 6.40
N ASN C 220 -10.20 -2.11 7.06
CA ASN C 220 -11.24 -1.23 6.50
C ASN C 220 -10.90 0.22 6.69
N ALA C 221 -11.67 1.07 6.02
CA ALA C 221 -11.56 2.51 6.16
C ALA C 221 -12.92 3.17 6.49
N ILE C 222 -12.85 4.25 7.27
CA ILE C 222 -14.02 5.10 7.47
C ILE C 222 -13.71 6.41 6.76
N SER C 223 -14.60 6.84 5.86
CA SER C 223 -14.52 8.16 5.22
C SER C 223 -15.43 9.07 6.01
N ALA C 224 -14.80 9.89 6.85
CA ALA C 224 -15.50 10.72 7.80
C ALA C 224 -15.84 12.09 7.26
N GLY C 225 -16.85 12.68 7.86
CA GLY C 225 -17.19 14.07 7.58
C GLY C 225 -16.31 15.01 8.40
N PRO C 226 -16.54 16.31 8.24
CA PRO C 226 -15.67 17.32 8.89
C PRO C 226 -15.93 17.45 10.38
N LEU C 227 -14.83 17.60 11.15
CA LEU C 227 -14.86 17.67 12.59
C LEU C 227 -13.86 18.76 13.04
N LYS C 228 -14.29 19.58 13.96
CA LYS C 228 -13.40 20.63 14.50
C LYS C 228 -12.41 20.05 15.54
N SER C 229 -11.53 19.19 15.05
CA SER C 229 -10.43 18.66 15.84
C SER C 229 -9.36 19.76 16.03
N ARG C 230 -8.37 19.51 16.89
CA ARG C 230 -7.23 20.45 17.02
C ARG C 230 -6.44 20.61 15.69
N ALA C 231 -6.18 19.50 14.99
CA ALA C 231 -5.52 19.60 13.68
C ALA C 231 -6.34 20.46 12.69
N ALA C 232 -7.64 20.22 12.62
CA ALA C 232 -8.50 20.98 11.68
C ALA C 232 -8.57 22.49 12.03
N SER C 233 -8.69 22.83 13.30
CA SER C 233 -8.83 24.24 13.65
C SER C 233 -7.50 25.03 13.56
N ALA C 234 -6.35 24.34 13.52
CA ALA C 234 -5.02 24.99 13.37
C ALA C 234 -4.77 25.64 11.99
N PHE C 243 -12.01 28.12 8.24
CA PHE C 243 -12.23 27.22 7.11
C PHE C 243 -12.94 25.91 7.47
N ILE C 244 -12.54 25.30 8.58
CA ILE C 244 -13.16 24.07 9.06
C ILE C 244 -14.61 24.41 9.36
N ASP C 245 -14.85 25.66 9.75
CA ASP C 245 -16.18 26.16 10.10
C ASP C 245 -17.07 26.16 8.88
N TYR C 246 -16.51 26.58 7.74
CA TYR C 246 -17.24 26.55 6.48
C TYR C 246 -17.57 25.16 6.01
N ALA C 247 -16.62 24.23 6.17
CA ALA C 247 -16.85 22.84 5.77
C ALA C 247 -17.97 22.19 6.59
N ILE C 248 -18.03 22.51 7.88
CA ILE C 248 -19.02 21.94 8.75
C ILE C 248 -20.39 22.53 8.40
N ASP C 249 -20.46 23.85 8.14
CA ASP C 249 -21.72 24.50 7.75
C ASP C 249 -22.23 23.90 6.44
N TYR C 250 -21.34 23.67 5.48
CA TYR C 250 -21.73 23.13 4.19
C TYR C 250 -22.40 21.76 4.40
N SER C 251 -21.75 20.93 5.21
CA SER C 251 -22.28 19.59 5.51
C SER C 251 -23.64 19.68 6.21
N TYR C 252 -23.73 20.52 7.22
CA TYR C 252 -24.98 20.71 7.94
C TYR C 252 -26.15 21.11 7.02
N ASN C 253 -25.85 22.01 6.07
CA ASN C 253 -26.86 22.53 5.14
C ASN C 253 -27.13 21.67 3.88
N ASN C 254 -26.31 20.65 3.61
CA ASN C 254 -26.44 19.86 2.38
C ASN C 254 -26.57 18.37 2.54
N ALA C 255 -26.36 17.84 3.74
CA ALA C 255 -26.44 16.40 3.97
C ALA C 255 -27.91 15.91 4.16
N PRO C 256 -28.21 14.66 3.77
CA PRO C 256 -29.51 14.03 4.05
C PRO C 256 -29.95 14.17 5.53
N LEU C 257 -29.02 13.90 6.45
CA LEU C 257 -29.33 14.05 7.89
C LEU C 257 -28.89 15.44 8.36
N ARG C 258 -29.83 16.25 8.82
CA ARG C 258 -29.48 17.59 9.29
C ARG C 258 -29.19 17.51 10.77
N ARG C 259 -27.94 17.30 11.12
CA ARG C 259 -27.53 17.14 12.50
C ARG C 259 -26.05 17.46 12.56
N ASP C 260 -25.55 17.78 13.76
CA ASP C 260 -24.11 17.96 13.98
C ASP C 260 -23.41 16.59 13.83
N LEU C 261 -22.22 16.57 13.22
CA LEU C 261 -21.37 15.37 13.24
C LEU C 261 -20.41 15.41 14.46
N HIS C 262 -20.51 14.44 15.36
CA HIS C 262 -19.69 14.39 16.61
C HIS C 262 -18.59 13.36 16.46
N SER C 263 -17.48 13.53 17.17
CA SER C 263 -16.39 12.56 17.06
C SER C 263 -16.88 11.17 17.50
N ASP C 264 -17.80 11.11 18.46
CA ASP C 264 -18.45 9.86 18.87
C ASP C 264 -19.18 9.09 17.75
N ASP C 265 -19.66 9.81 16.73
CA ASP C 265 -20.36 9.17 15.61
C ASP C 265 -19.41 8.26 14.82
N VAL C 266 -18.17 8.74 14.64
CA VAL C 266 -17.11 7.95 14.05
C VAL C 266 -16.59 6.90 15.05
N GLY C 267 -16.47 7.27 16.33
CA GLY C 267 -16.12 6.29 17.37
C GLY C 267 -17.01 5.05 17.29
N GLY C 268 -18.31 5.25 17.18
CA GLY C 268 -19.26 4.14 17.15
C GLY C 268 -19.15 3.29 15.88
N ALA C 269 -18.93 3.93 14.74
CA ALA C 269 -18.74 3.19 13.48
C ALA C 269 -17.43 2.38 13.46
N ALA C 270 -16.37 2.96 14.00
CA ALA C 270 -15.11 2.24 14.18
C ALA C 270 -15.29 1.06 15.12
N LEU C 271 -16.03 1.24 16.20
CA LEU C 271 -16.22 0.14 17.15
C LEU C 271 -16.83 -1.03 16.40
N PHE C 272 -17.85 -0.76 15.57
CA PHE C 272 -18.45 -1.83 14.75
C PHE C 272 -17.39 -2.54 13.87
N LEU C 273 -16.61 -1.76 13.11
CA LEU C 273 -15.69 -2.37 12.14
C LEU C 273 -14.59 -3.15 12.82
N LEU C 274 -14.33 -2.78 14.08
CA LEU C 274 -13.32 -3.43 14.86
C LEU C 274 -13.84 -4.58 15.74
N SER C 275 -15.12 -4.93 15.62
CA SER C 275 -15.76 -5.90 16.51
C SER C 275 -16.11 -7.19 15.75
N PRO C 276 -16.46 -8.27 16.47
CA PRO C 276 -16.94 -9.51 15.81
C PRO C 276 -18.22 -9.36 14.98
N LEU C 277 -19.03 -8.32 15.21
CA LEU C 277 -20.17 -8.09 14.34
C LEU C 277 -19.74 -7.91 12.87
N ALA C 278 -18.51 -7.45 12.64
CA ALA C 278 -18.04 -7.14 11.34
C ALA C 278 -17.15 -8.24 10.78
N ARG C 279 -17.33 -9.47 11.25
CA ARG C 279 -16.37 -10.53 10.92
C ARG C 279 -16.31 -10.88 9.42
N ALA C 280 -17.33 -10.51 8.67
CA ALA C 280 -17.29 -10.68 7.21
C ALA C 280 -16.98 -9.39 6.45
N VAL C 281 -16.59 -8.32 7.16
CA VAL C 281 -16.43 -7.02 6.49
C VAL C 281 -14.96 -6.73 6.33
N SER C 282 -14.49 -6.60 5.09
CA SER C 282 -13.09 -6.23 4.85
C SER C 282 -12.94 -5.52 3.52
N GLY C 283 -12.01 -4.58 3.49
CA GLY C 283 -11.76 -3.74 2.31
C GLY C 283 -12.76 -2.61 2.04
N VAL C 284 -13.66 -2.29 2.98
CA VAL C 284 -14.69 -1.30 2.68
C VAL C 284 -14.22 0.11 3.00
N THR C 285 -14.86 1.07 2.34
CA THR C 285 -14.81 2.45 2.75
C THR C 285 -16.19 2.80 3.24
N LEU C 286 -16.35 2.97 4.55
CA LEU C 286 -17.66 3.23 5.12
C LEU C 286 -17.80 4.71 5.37
N TYR C 287 -18.79 5.34 4.69
CA TYR C 287 -19.05 6.77 4.89
C TYR C 287 -19.74 7.02 6.21
N VAL C 288 -19.17 7.91 7.01
CA VAL C 288 -19.78 8.32 8.25
C VAL C 288 -19.80 9.85 8.26
N ASP C 289 -20.81 10.42 7.58
CA ASP C 289 -20.72 11.81 7.16
C ASP C 289 -22.13 12.36 7.01
N ASN C 290 -23.09 11.80 7.75
CA ASN C 290 -24.51 12.25 7.68
C ASN C 290 -25.17 12.07 6.31
N GLY C 291 -24.57 11.22 5.49
CA GLY C 291 -25.15 10.90 4.18
C GLY C 291 -24.61 11.80 3.08
N LEU C 292 -23.68 12.70 3.40
CA LEU C 292 -23.28 13.73 2.40
C LEU C 292 -22.73 13.13 1.08
N HIS C 293 -22.01 12.01 1.20
CA HIS C 293 -21.36 11.30 0.06
C HIS C 293 -22.41 10.91 -0.98
N ALA C 294 -23.65 10.71 -0.56
CA ALA C 294 -24.66 10.28 -1.52
C ALA C 294 -25.18 11.39 -2.42
N MET C 295 -24.93 12.67 -2.08
CA MET C 295 -25.54 13.79 -2.85
C MET C 295 -24.79 14.10 -4.16
N GLY C 296 -25.56 14.36 -5.23
CA GLY C 296 -25.00 14.80 -6.52
C GLY C 296 -25.18 16.32 -6.76
N GLN C 297 -25.72 17.05 -5.77
CA GLN C 297 -25.99 18.46 -5.95
C GLN C 297 -26.11 19.09 -4.57
N ALA C 298 -25.56 20.31 -4.38
CA ALA C 298 -25.80 21.05 -3.17
C ALA C 298 -27.24 21.54 -3.22
N VAL C 299 -27.92 21.59 -2.08
CA VAL C 299 -29.29 22.13 -2.08
C VAL C 299 -29.32 23.61 -1.67
N ASP C 300 -28.18 24.17 -1.22
CA ASP C 300 -28.17 25.62 -0.94
C ASP C 300 -27.28 26.43 -1.92
N SER C 301 -27.21 25.94 -3.16
CA SER C 301 -26.42 26.65 -4.19
C SER C 301 -27.06 27.96 -4.54
N ARG C 302 -26.24 28.99 -4.80
CA ARG C 302 -26.78 30.31 -5.23
C ARG C 302 -27.37 30.26 -6.63
N SER C 303 -27.10 29.18 -7.38
CA SER C 303 -27.74 28.97 -8.67
C SER C 303 -29.23 28.59 -8.54
N MET C 304 -29.63 28.12 -7.36
CA MET C 304 -31.00 27.64 -7.05
C MET C 304 -31.73 28.69 -6.19
N PRO C 305 -33.08 28.66 -6.14
CA PRO C 305 -33.77 29.58 -5.21
C PRO C 305 -33.52 29.24 -3.70
N PRO C 306 -33.56 30.26 -2.80
CA PRO C 306 -33.21 30.13 -1.35
C PRO C 306 -34.19 29.31 -0.47
N LEU C 307 -33.97 29.38 0.85
CA LEU C 307 -34.84 28.77 1.91
C LEU C 307 -36.34 28.91 1.65
N PRO D 4 60.46 6.80 38.83
CA PRO D 4 60.21 5.54 38.12
C PRO D 4 59.42 5.72 36.81
N ILE D 5 58.39 6.60 36.80
CA ILE D 5 57.72 6.99 35.52
C ILE D 5 57.96 8.47 35.18
N ASP D 6 58.88 8.73 34.28
CA ASP D 6 59.27 10.09 33.93
C ASP D 6 59.01 10.28 32.45
N LEU D 7 57.98 11.04 32.10
CA LEU D 7 57.61 11.26 30.69
C LEU D 7 58.06 12.64 30.18
N ARG D 8 58.90 13.34 30.95
CA ARG D 8 59.44 14.64 30.53
C ARG D 8 60.18 14.50 29.20
N GLY D 9 59.92 15.44 28.29
CA GLY D 9 60.46 15.38 26.93
C GLY D 9 59.62 14.56 25.93
N GLN D 10 58.57 13.86 26.41
CA GLN D 10 57.67 13.11 25.52
C GLN D 10 56.36 13.86 25.20
N THR D 11 55.75 13.50 24.07
CA THR D 11 54.51 14.12 23.61
C THR D 11 53.45 13.03 23.41
N ALA D 12 52.23 13.30 23.88
CA ALA D 12 51.11 12.39 23.77
C ALA D 12 49.98 13.05 23.00
N PHE D 13 49.28 12.25 22.18
CA PHE D 13 48.03 12.69 21.58
C PHE D 13 46.91 11.82 22.11
N VAL D 14 45.89 12.43 22.72
CA VAL D 14 44.77 11.68 23.31
C VAL D 14 43.47 11.96 22.52
N ALA D 15 43.02 10.95 21.78
CA ALA D 15 41.85 11.12 20.91
C ALA D 15 40.60 10.70 21.68
N GLY D 16 39.65 11.63 21.80
CA GLY D 16 38.35 11.34 22.41
C GLY D 16 38.18 11.96 23.79
N VAL D 17 38.43 13.26 23.90
CA VAL D 17 38.25 13.98 25.17
C VAL D 17 37.40 15.20 24.90
N ALA D 18 36.22 15.25 25.53
CA ALA D 18 35.28 16.34 25.31
C ALA D 18 34.77 16.92 26.63
N ASP D 19 35.19 16.32 27.73
CA ASP D 19 34.81 16.78 29.07
C ASP D 19 35.72 16.08 30.07
N SER D 20 35.53 16.38 31.36
CA SER D 20 36.38 15.83 32.40
C SER D 20 35.80 14.58 33.11
N HIS D 21 34.74 13.99 32.58
CA HIS D 21 34.07 12.87 33.28
C HIS D 21 34.40 11.49 32.74
N GLY D 22 35.20 11.41 31.68
CA GLY D 22 35.46 10.13 31.02
C GLY D 22 36.86 9.59 31.26
N TYR D 23 37.12 8.43 30.67
CA TYR D 23 38.41 7.79 30.85
C TYR D 23 39.48 8.60 30.12
N GLY D 24 39.11 9.26 29.02
CA GLY D 24 40.09 10.00 28.20
C GLY D 24 40.71 11.12 29.03
N TRP D 25 39.89 11.89 29.73
CA TRP D 25 40.39 12.95 30.60
C TRP D 25 41.35 12.37 31.66
N ALA D 26 40.95 11.27 32.31
CA ALA D 26 41.80 10.69 33.40
C ALA D 26 43.17 10.24 32.86
N ILE D 27 43.19 9.66 31.67
CA ILE D 27 44.47 9.26 31.06
C ILE D 27 45.33 10.51 30.74
N ALA D 28 44.74 11.52 30.10
CA ALA D 28 45.45 12.78 29.78
C ALA D 28 46.05 13.39 31.03
N LYS D 29 45.26 13.44 32.09
CA LYS D 29 45.70 13.99 33.35
C LYS D 29 46.89 13.23 33.95
N HIS D 30 46.86 11.88 33.92
CA HIS D 30 47.99 11.09 34.41
C HIS D 30 49.23 11.33 33.56
N LEU D 31 49.07 11.38 32.25
CA LEU D 31 50.21 11.66 31.35
C LEU D 31 50.83 13.03 31.65
N ALA D 32 50.01 14.07 31.75
CA ALA D 32 50.52 15.40 32.17
C ALA D 32 51.22 15.37 33.53
N SER D 33 50.68 14.63 34.50
CA SER D 33 51.31 14.62 35.82
C SER D 33 52.70 13.99 35.79
N ALA D 34 52.95 13.12 34.82
CA ALA D 34 54.24 12.46 34.70
C ALA D 34 55.21 13.26 33.82
N GLY D 35 54.75 14.41 33.33
CA GLY D 35 55.64 15.34 32.62
C GLY D 35 55.49 15.36 31.12
N ALA D 36 54.57 14.58 30.56
CA ALA D 36 54.33 14.55 29.10
C ALA D 36 53.64 15.84 28.65
N ARG D 37 54.02 16.36 27.48
CA ARG D 37 53.20 17.33 26.75
C ARG D 37 52.00 16.56 26.21
N VAL D 38 50.80 17.10 26.42
CA VAL D 38 49.58 16.36 26.02
C VAL D 38 48.71 17.20 25.10
N ALA D 39 48.47 16.69 23.90
CA ALA D 39 47.46 17.27 22.99
C ALA D 39 46.20 16.41 22.95
N LEU D 40 45.05 17.06 22.75
CA LEU D 40 43.76 16.39 22.69
C LEU D 40 43.09 16.47 21.31
N GLY D 41 42.34 15.42 20.99
CA GLY D 41 41.48 15.36 19.83
C GLY D 41 40.06 15.31 20.37
N THR D 42 39.22 16.20 19.85
CA THR D 42 37.87 16.42 20.34
C THR D 42 36.85 16.39 19.15
N TRP D 43 35.76 15.66 19.33
CA TRP D 43 34.68 15.58 18.31
C TRP D 43 34.19 16.99 17.96
N PRO D 44 34.19 17.35 16.66
CA PRO D 44 34.04 18.76 16.33
C PRO D 44 32.76 19.46 16.79
N PRO D 45 31.59 18.79 16.75
CA PRO D 45 30.39 19.47 17.28
C PRO D 45 30.52 19.92 18.74
N VAL D 46 31.31 19.22 19.55
CA VAL D 46 31.43 19.62 20.97
C VAL D 46 32.73 20.37 21.33
N LEU D 47 33.52 20.71 20.31
CA LEU D 47 34.80 21.37 20.51
C LEU D 47 34.64 22.75 21.14
N GLY D 48 33.67 23.53 20.67
CA GLY D 48 33.36 24.85 21.24
C GLY D 48 33.03 24.85 22.73
N LEU D 49 32.05 24.02 23.11
CA LEU D 49 31.69 23.80 24.53
C LEU D 49 32.89 23.39 25.38
N PHE D 50 33.68 22.42 24.89
CA PHE D 50 34.88 21.99 25.59
C PHE D 50 35.94 23.12 25.77
N GLN D 51 36.35 23.72 24.66
CA GLN D 51 37.30 24.84 24.76
C GLN D 51 36.79 25.91 25.72
N LYS D 52 35.48 26.20 25.66
CA LYS D 52 34.86 27.17 26.56
C LYS D 52 35.02 26.74 28.00
N SER D 53 34.65 25.48 28.29
CA SER D 53 34.84 24.92 29.64
C SER D 53 36.26 25.09 30.19
N LEU D 54 37.27 24.82 29.36
CA LEU D 54 38.68 24.95 29.74
C LEU D 54 39.08 26.38 30.02
N GLN D 55 38.81 27.26 29.07
CA GLN D 55 39.20 28.66 29.19
C GLN D 55 38.43 29.42 30.27
N SER D 56 37.17 29.04 30.52
CA SER D 56 36.33 29.69 31.56
C SER D 56 36.80 29.37 32.99
N GLY D 57 37.63 28.35 33.17
CA GLY D 57 38.06 27.94 34.51
C GLY D 57 37.11 26.92 35.11
N ARG D 58 36.03 26.57 34.38
CA ARG D 58 35.05 25.60 34.89
C ARG D 58 35.69 24.27 35.24
N LEU D 59 36.72 23.89 34.48
CA LEU D 59 37.43 22.63 34.70
C LEU D 59 38.66 22.74 35.62
N ASP D 60 38.83 23.88 36.27
CA ASP D 60 40.02 24.08 37.12
C ASP D 60 40.21 23.00 38.21
N GLU D 61 39.15 22.68 38.95
CA GLU D 61 39.21 21.62 39.97
C GLU D 61 39.64 20.28 39.36
N ASP D 62 39.07 19.92 38.21
CA ASP D 62 39.43 18.68 37.51
C ASP D 62 40.82 18.67 36.89
N ARG D 63 41.38 19.84 36.62
CA ARG D 63 42.74 19.98 36.09
C ARG D 63 43.83 19.95 37.18
N LYS D 64 43.42 20.06 38.44
CA LYS D 64 44.36 20.20 39.57
C LYS D 64 45.14 18.92 39.85
N LEU D 65 46.45 19.05 39.99
CA LEU D 65 47.33 17.89 40.23
C LEU D 65 47.61 17.67 41.73
N PRO D 66 48.27 16.56 42.09
CA PRO D 66 48.51 16.34 43.52
C PRO D 66 49.36 17.47 44.14
N ASP D 67 50.37 17.94 43.40
CA ASP D 67 51.24 19.02 43.84
C ASP D 67 50.60 20.42 43.88
N GLY D 68 49.47 20.63 43.18
CA GLY D 68 48.77 21.90 43.23
C GLY D 68 48.78 22.74 41.96
N SER D 69 49.57 22.34 40.96
CA SER D 69 49.51 22.98 39.64
C SER D 69 48.36 22.40 38.81
N LEU D 70 48.02 23.07 37.70
CA LEU D 70 46.92 22.68 36.85
C LEU D 70 47.47 22.13 35.53
N ILE D 71 46.87 21.06 35.00
CA ILE D 71 47.36 20.51 33.73
C ILE D 71 47.11 21.50 32.60
N GLU D 72 48.02 21.55 31.63
CA GLU D 72 47.82 22.41 30.47
C GLU D 72 47.95 21.53 29.25
N PHE D 73 47.17 21.82 28.21
CA PHE D 73 47.24 21.02 26.99
C PHE D 73 48.06 21.74 25.93
N ALA D 74 48.82 20.99 25.13
CA ALA D 74 49.66 21.60 24.10
C ALA D 74 48.83 21.98 22.86
N GLY D 75 47.63 21.43 22.75
CA GLY D 75 46.65 21.87 21.77
C GLY D 75 45.38 21.03 21.90
N VAL D 76 44.26 21.59 21.45
CA VAL D 76 43.02 20.84 21.43
C VAL D 76 42.53 20.88 19.98
N TYR D 77 42.55 19.73 19.32
CA TYR D 77 42.28 19.67 17.89
C TYR D 77 40.89 19.10 17.62
N PRO D 78 40.19 19.67 16.64
CA PRO D 78 38.95 19.02 16.22
C PRO D 78 39.31 17.73 15.49
N LEU D 79 38.67 16.65 15.88
CA LEU D 79 38.92 15.33 15.27
C LEU D 79 37.60 14.57 15.17
N ASP D 80 37.19 14.20 13.95
CA ASP D 80 36.07 13.30 13.80
C ASP D 80 36.60 11.97 13.30
N ALA D 81 36.63 10.98 14.18
CA ALA D 81 37.26 9.72 13.87
C ALA D 81 36.45 8.81 12.92
N ALA D 82 35.29 9.27 12.45
CA ALA D 82 34.55 8.58 11.40
C ALA D 82 35.14 8.86 9.99
N PHE D 83 36.05 9.84 9.88
CA PHE D 83 36.58 10.27 8.55
C PHE D 83 38.10 10.24 8.50
N ASP D 84 38.64 9.60 7.49
CA ASP D 84 40.06 9.42 7.37
C ASP D 84 40.75 10.58 6.60
N LYS D 85 40.11 11.05 5.55
CA LYS D 85 40.63 12.08 4.64
C LYS D 85 39.51 13.02 4.24
N PRO D 86 39.85 14.25 3.77
CA PRO D 86 38.83 15.26 3.45
C PRO D 86 37.79 14.78 2.40
N GLU D 87 38.20 13.95 1.44
CA GLU D 87 37.26 13.45 0.41
C GLU D 87 36.20 12.50 0.98
N ASP D 88 36.43 11.96 2.16
CA ASP D 88 35.46 11.09 2.82
C ASP D 88 34.30 11.83 3.47
N VAL D 89 34.44 13.15 3.63
CA VAL D 89 33.42 13.88 4.38
C VAL D 89 32.28 14.26 3.43
N PRO D 90 31.05 13.78 3.70
CA PRO D 90 29.97 14.12 2.78
C PRO D 90 29.59 15.59 2.90
N GLN D 91 28.97 16.12 1.84
CA GLN D 91 28.57 17.52 1.78
C GLN D 91 27.67 17.94 2.95
N ASP D 92 26.72 17.08 3.32
CA ASP D 92 25.79 17.40 4.40
C ASP D 92 26.46 17.47 5.78
N ILE D 93 27.64 16.87 5.92
CA ILE D 93 28.43 17.07 7.15
C ILE D 93 29.16 18.43 7.05
N LYS D 94 29.87 18.67 5.95
CA LYS D 94 30.59 19.94 5.76
C LYS D 94 29.68 21.16 5.94
N ASP D 95 28.40 21.01 5.60
CA ASP D 95 27.44 22.10 5.68
C ASP D 95 26.64 22.11 6.98
N ASN D 96 26.84 21.07 7.80
CA ASN D 96 26.09 20.98 9.04
C ASN D 96 26.50 22.11 9.96
N LYS D 97 25.50 22.72 10.61
CA LYS D 97 25.70 23.81 11.58
C LYS D 97 26.65 23.43 12.70
N ARG D 98 26.58 22.17 13.14
CA ARG D 98 27.46 21.64 14.19
C ARG D 98 28.95 21.69 13.82
N TYR D 99 29.25 21.65 12.52
CA TYR D 99 30.63 21.65 12.04
C TYR D 99 31.12 23.01 11.51
N ALA D 100 30.26 24.04 11.59
CA ALA D 100 30.60 25.38 11.11
C ALA D 100 31.76 26.00 11.88
N GLY D 101 32.72 26.56 11.14
CA GLY D 101 33.86 27.24 11.76
C GLY D 101 35.00 26.34 12.17
N VAL D 102 34.82 25.03 12.02
CA VAL D 102 35.91 24.08 12.28
C VAL D 102 36.34 23.41 10.98
N ASP D 103 37.65 23.25 10.79
CA ASP D 103 38.20 22.73 9.55
C ASP D 103 39.33 21.73 9.86
N GLY D 104 39.68 20.87 8.91
CA GLY D 104 40.85 20.01 9.05
C GLY D 104 40.76 18.99 10.18
N TYR D 105 39.59 18.33 10.30
CA TYR D 105 39.30 17.41 11.40
C TYR D 105 39.27 15.93 11.01
N THR D 106 39.64 15.58 9.78
CA THR D 106 39.81 14.14 9.48
C THR D 106 41.08 13.61 10.14
N ILE D 107 41.15 12.31 10.35
CA ILE D 107 42.29 11.70 11.01
C ILE D 107 43.62 12.09 10.34
N LYS D 108 43.67 12.01 9.02
CA LYS D 108 44.91 12.36 8.30
C LYS D 108 45.28 13.82 8.51
N GLU D 109 44.28 14.71 8.44
CA GLU D 109 44.56 16.13 8.60
C GLU D 109 45.04 16.45 10.00
N VAL D 110 44.45 15.78 11.01
CA VAL D 110 44.89 16.00 12.40
C VAL D 110 46.33 15.53 12.63
N ALA D 111 46.70 14.38 12.07
CA ALA D 111 48.08 13.88 12.20
C ALA D 111 49.07 14.82 11.52
N VAL D 112 48.70 15.36 10.36
CA VAL D 112 49.49 16.41 9.68
C VAL D 112 49.69 17.66 10.56
N LYS D 113 48.61 18.21 11.14
CA LYS D 113 48.71 19.36 12.04
C LYS D 113 49.57 19.11 13.28
N VAL D 114 49.42 17.93 13.87
CA VAL D 114 50.20 17.53 15.05
C VAL D 114 51.69 17.50 14.67
N LYS D 115 52.01 16.87 13.54
CA LYS D 115 53.40 16.79 13.04
C LYS D 115 53.97 18.22 12.86
N GLN D 116 53.19 19.07 12.23
CA GLN D 116 53.59 20.48 12.00
C GLN D 116 53.73 21.29 13.28
N ASP D 117 52.77 21.17 14.20
CA ASP D 117 52.74 21.99 15.42
C ASP D 117 53.66 21.47 16.51
N LEU D 118 53.73 20.15 16.65
CA LEU D 118 54.39 19.50 17.79
C LEU D 118 55.59 18.60 17.46
N GLY D 119 55.65 18.09 16.24
CA GLY D 119 56.70 17.20 15.85
C GLY D 119 56.26 15.78 16.12
N ASN D 120 57.21 14.87 16.23
CA ASN D 120 56.93 13.48 16.48
C ASN D 120 56.31 13.26 17.86
N ILE D 121 55.50 12.22 17.98
CA ILE D 121 54.92 11.91 19.27
C ILE D 121 55.42 10.56 19.77
N ASP D 122 55.21 10.31 21.06
CA ASP D 122 55.65 9.08 21.73
C ASP D 122 54.46 8.21 22.16
N ILE D 123 53.30 8.84 22.33
CA ILE D 123 52.19 8.23 23.07
C ILE D 123 50.90 8.55 22.37
N LEU D 124 50.09 7.53 22.10
CA LEU D 124 48.86 7.71 21.35
C LEU D 124 47.74 7.02 22.09
N VAL D 125 46.67 7.74 22.37
CA VAL D 125 45.55 7.17 23.16
C VAL D 125 44.28 7.24 22.35
N HIS D 126 43.56 6.12 22.31
CA HIS D 126 42.28 6.04 21.63
C HIS D 126 41.22 5.78 22.71
N SER D 127 40.49 6.82 23.09
CA SER D 127 39.44 6.76 24.11
C SER D 127 38.11 7.28 23.53
N LEU D 128 37.62 6.60 22.52
CA LEU D 128 36.41 7.05 21.85
C LEU D 128 35.66 5.85 21.32
N ALA D 129 34.33 6.00 21.31
CA ALA D 129 33.42 4.94 20.87
C ALA D 129 32.10 5.64 20.58
N ASN D 130 31.33 5.08 19.66
CA ASN D 130 30.00 5.56 19.38
C ASN D 130 29.23 4.43 18.72
N GLY D 131 28.14 4.00 19.36
CA GLY D 131 27.26 3.01 18.78
C GLY D 131 25.83 3.56 18.78
N PRO D 132 25.31 3.97 17.61
CA PRO D 132 23.99 4.60 17.59
C PRO D 132 22.84 3.68 18.02
N GLU D 133 23.05 2.36 18.01
CA GLU D 133 21.97 1.44 18.43
C GLU D 133 22.36 0.64 19.67
N VAL D 134 23.22 1.24 20.50
CA VAL D 134 23.74 0.55 21.71
C VAL D 134 22.62 0.01 22.64
N THR D 135 21.44 0.65 22.66
CA THR D 135 20.34 0.17 23.52
C THR D 135 19.58 -1.02 22.91
N LYS D 136 19.91 -1.39 21.67
CA LYS D 136 19.19 -2.47 20.99
C LYS D 136 19.91 -3.80 21.21
N PRO D 137 19.16 -4.85 21.52
CA PRO D 137 19.79 -6.18 21.48
C PRO D 137 20.36 -6.46 20.06
N LEU D 138 21.28 -7.41 19.96
CA LEU D 138 21.87 -7.74 18.67
C LEU D 138 20.83 -8.30 17.67
N LEU D 139 19.84 -9.04 18.18
CA LEU D 139 18.70 -9.44 17.33
C LEU D 139 17.83 -8.28 16.83
N GLU D 140 18.05 -7.07 17.31
CA GLU D 140 17.27 -5.91 16.83
C GLU D 140 18.19 -4.82 16.28
N THR D 141 19.44 -5.16 16.06
CA THR D 141 20.40 -4.20 15.54
C THR D 141 20.48 -4.25 14.02
N SER D 142 20.38 -3.07 13.38
CA SER D 142 20.42 -3.00 11.89
C SER D 142 21.87 -3.08 11.38
N ARG D 143 22.03 -3.42 10.10
CA ARG D 143 23.36 -3.44 9.47
C ARG D 143 24.02 -2.07 9.60
N LYS D 144 23.24 -1.04 9.30
CA LYS D 144 23.79 0.32 9.34
C LYS D 144 24.28 0.66 10.77
N GLY D 145 23.50 0.35 11.79
CA GLY D 145 23.94 0.64 13.19
C GLY D 145 25.14 -0.19 13.61
N TYR D 146 25.14 -1.47 13.24
CA TYR D 146 26.29 -2.35 13.51
C TYR D 146 27.59 -1.84 12.88
N LEU D 147 27.50 -1.47 11.61
CA LEU D 147 28.68 -0.98 10.89
C LEU D 147 29.12 0.40 11.36
N ALA D 148 28.18 1.26 11.75
CA ALA D 148 28.55 2.53 12.35
C ALA D 148 29.31 2.30 13.68
N ALA D 149 28.83 1.37 14.53
CA ALA D 149 29.56 1.05 15.76
C ALA D 149 31.00 0.63 15.45
N SER D 150 31.16 -0.23 14.46
CA SER D 150 32.50 -0.73 14.08
C SER D 150 33.39 0.40 13.51
N SER D 151 32.81 1.22 12.64
CA SER D 151 33.53 2.33 12.01
C SER D 151 34.03 3.34 13.07
N ASN D 152 33.13 3.76 13.94
CA ASN D 152 33.42 4.73 14.99
C ASN D 152 34.37 4.21 16.08
N SER D 153 34.22 2.92 16.44
CA SER D 153 34.80 2.42 17.68
C SER D 153 35.97 1.46 17.46
N ALA D 154 36.02 0.78 16.30
CA ALA D 154 37.11 -0.16 16.03
C ALA D 154 38.01 0.32 14.90
N TYR D 155 37.46 0.54 13.69
CA TYR D 155 38.33 1.00 12.62
C TYR D 155 39.00 2.34 12.96
N SER D 156 38.33 3.23 13.72
CA SER D 156 38.96 4.50 14.15
C SER D 156 40.36 4.31 14.79
N PHE D 157 40.55 3.23 15.55
CA PHE D 157 41.86 2.91 16.15
C PHE D 157 42.87 2.48 15.08
N VAL D 158 42.45 1.66 14.14
CA VAL D 158 43.31 1.25 13.02
C VAL D 158 43.78 2.52 12.27
N SER D 159 42.84 3.40 11.97
CA SER D 159 43.14 4.60 11.17
C SER D 159 44.08 5.54 11.93
N LEU D 160 43.81 5.70 13.22
CA LEU D 160 44.67 6.49 14.09
C LEU D 160 46.11 5.97 14.02
N LEU D 161 46.30 4.66 14.15
CA LEU D 161 47.66 4.11 14.01
C LEU D 161 48.25 4.24 12.61
N GLN D 162 47.44 4.07 11.57
CA GLN D 162 47.95 4.28 10.20
C GLN D 162 48.51 5.69 10.01
N HIS D 163 47.81 6.70 10.51
CA HIS D 163 48.24 8.09 10.25
C HIS D 163 49.19 8.68 11.26
N PHE D 164 49.07 8.26 12.52
CA PHE D 164 50.07 8.67 13.53
C PHE D 164 51.33 7.80 13.62
N GLY D 165 51.23 6.51 13.30
CA GLY D 165 52.42 5.64 13.20
C GLY D 165 53.68 6.27 12.59
N PRO D 166 53.60 6.77 11.36
CA PRO D 166 54.77 7.39 10.74
C PRO D 166 55.38 8.55 11.55
N ILE D 167 54.63 9.18 12.46
CA ILE D 167 55.23 10.24 13.25
C ILE D 167 55.41 9.86 14.73
N MET D 168 55.38 8.57 15.03
CA MET D 168 55.64 8.07 16.38
C MET D 168 57.08 7.58 16.49
N ASN D 169 57.76 8.01 17.55
CA ASN D 169 59.14 7.57 17.80
C ASN D 169 59.21 6.08 18.13
N GLU D 170 60.32 5.46 17.75
CA GLU D 170 60.58 4.08 18.08
C GLU D 170 60.48 3.92 19.60
N GLY D 171 59.88 2.82 20.05
CA GLY D 171 59.66 2.63 21.50
C GLY D 171 58.41 3.31 22.02
N GLY D 172 57.73 4.07 21.17
CA GLY D 172 56.46 4.70 21.53
C GLY D 172 55.35 3.69 21.72
N SER D 173 54.15 4.18 22.05
CA SER D 173 53.15 3.35 22.66
C SER D 173 51.75 3.84 22.38
N ALA D 174 50.81 2.94 22.09
CA ALA D 174 49.41 3.26 21.87
C ALA D 174 48.52 2.43 22.76
N VAL D 175 47.43 3.00 23.26
CA VAL D 175 46.50 2.22 24.06
C VAL D 175 45.06 2.56 23.65
N THR D 176 44.19 1.55 23.70
CA THR D 176 42.78 1.77 23.48
C THR D 176 42.00 1.19 24.67
N LEU D 177 40.71 1.48 24.73
CA LEU D 177 39.83 1.05 25.79
C LEU D 177 38.77 0.09 25.27
N SER D 178 38.61 -1.03 25.96
CA SER D 178 37.62 -2.00 25.63
C SER D 178 36.80 -2.35 26.88
N TYR D 179 35.99 -3.39 26.75
CA TYR D 179 35.09 -3.78 27.81
C TYR D 179 34.84 -5.29 27.68
N LEU D 180 34.58 -5.93 28.82
CA LEU D 180 34.35 -7.37 28.97
C LEU D 180 33.37 -7.99 27.98
N ALA D 181 32.37 -7.20 27.59
CA ALA D 181 31.37 -7.62 26.59
C ALA D 181 31.97 -8.16 25.28
N ALA D 182 33.21 -7.77 24.97
CA ALA D 182 33.93 -8.31 23.80
C ALA D 182 34.20 -9.82 23.93
N GLU D 183 34.36 -10.27 25.17
CA GLU D 183 34.72 -11.68 25.45
C GLU D 183 33.58 -12.51 26.02
N ARG D 184 32.68 -11.86 26.76
CA ARG D 184 31.58 -12.58 27.37
C ARG D 184 30.30 -11.73 27.34
N VAL D 185 29.14 -12.36 27.44
CA VAL D 185 27.90 -11.67 27.16
C VAL D 185 27.52 -10.74 28.32
N VAL D 186 27.41 -9.44 28.02
CA VAL D 186 26.87 -8.49 28.95
C VAL D 186 25.55 -7.95 28.40
N PRO D 187 24.41 -8.42 28.93
CA PRO D 187 23.08 -7.91 28.51
C PRO D 187 23.01 -6.36 28.59
N GLY D 188 22.47 -5.71 27.57
CA GLY D 188 22.38 -4.25 27.60
C GLY D 188 23.50 -3.55 26.81
N TYR D 189 24.63 -4.22 26.57
CA TYR D 189 25.66 -3.62 25.74
C TYR D 189 25.41 -4.04 24.28
N GLY D 190 24.40 -3.44 23.66
CA GLY D 190 23.94 -3.87 22.34
C GLY D 190 24.45 -3.06 21.14
N GLY D 191 23.65 -3.08 20.08
CA GLY D 191 23.95 -2.32 18.87
C GLY D 191 25.22 -2.71 18.15
N GLY D 192 25.71 -3.92 18.41
CA GLY D 192 26.99 -4.34 17.84
C GLY D 192 28.20 -3.66 18.47
N MET D 193 28.01 -3.02 19.64
CA MET D 193 29.17 -2.52 20.37
C MET D 193 30.03 -3.66 20.97
N SER D 194 29.42 -4.78 21.36
CA SER D 194 30.23 -5.88 21.90
C SER D 194 31.13 -6.44 20.76
N SER D 195 30.57 -6.54 19.58
CA SER D 195 31.27 -7.03 18.39
C SER D 195 32.38 -6.05 18.02
N ALA D 196 32.08 -4.74 18.06
CA ALA D 196 33.14 -3.73 17.81
C ALA D 196 34.29 -3.80 18.81
N LYS D 197 34.01 -4.05 20.08
CA LYS D 197 35.08 -4.18 21.05
C LYS D 197 35.88 -5.48 20.83
N ALA D 198 35.24 -6.57 20.42
CA ALA D 198 35.98 -7.79 20.09
C ALA D 198 36.94 -7.49 18.89
N ALA D 199 36.42 -6.77 17.89
CA ALA D 199 37.22 -6.43 16.71
C ALA D 199 38.39 -5.54 17.16
N LEU D 200 38.08 -4.61 18.08
CA LEU D 200 39.09 -3.71 18.62
C LEU D 200 40.22 -4.43 19.39
N GLU D 201 39.89 -5.43 20.22
CA GLU D 201 40.93 -6.19 20.91
C GLU D 201 41.73 -7.05 19.95
N SER D 202 41.07 -7.58 18.93
CA SER D 202 41.77 -8.38 17.92
C SER D 202 42.75 -7.47 17.15
N ASP D 203 42.28 -6.29 16.77
CA ASP D 203 43.13 -5.32 16.12
C ASP D 203 44.29 -4.86 16.99
N THR D 204 44.08 -4.70 18.28
CA THR D 204 45.14 -4.43 19.20
C THR D 204 46.29 -5.43 19.03
N ARG D 205 45.97 -6.73 19.02
CA ARG D 205 46.96 -7.78 18.79
C ARG D 205 47.58 -7.69 17.38
N THR D 206 46.73 -7.59 16.34
CA THR D 206 47.26 -7.43 14.99
C THR D 206 48.19 -6.24 14.80
N LEU D 207 47.78 -5.10 15.34
CA LEU D 207 48.57 -3.89 15.18
C LEU D 207 49.84 -3.97 16.07
N ALA D 208 49.75 -4.65 17.23
CA ALA D 208 50.97 -4.91 18.01
C ALA D 208 52.02 -5.59 17.12
N TRP D 209 51.62 -6.63 16.38
CA TRP D 209 52.54 -7.26 15.44
C TRP D 209 52.99 -6.28 14.36
N GLU D 210 52.04 -5.66 13.64
CA GLU D 210 52.42 -4.84 12.45
C GLU D 210 53.16 -3.57 12.87
N ALA D 211 52.64 -2.86 13.86
CA ALA D 211 53.31 -1.64 14.31
C ALA D 211 54.60 -1.94 15.13
N GLY D 212 54.63 -3.08 15.83
CA GLY D 212 55.85 -3.51 16.55
C GLY D 212 56.98 -3.80 15.57
N GLN D 213 56.68 -4.53 14.49
CA GLN D 213 57.70 -4.82 13.45
C GLN D 213 58.07 -3.59 12.62
N LYS D 214 57.08 -2.79 12.27
CA LYS D 214 57.37 -1.71 11.32
C LYS D 214 57.99 -0.50 12.03
N TYR D 215 57.38 -0.11 13.14
CA TYR D 215 57.76 1.13 13.84
C TYR D 215 58.44 1.00 15.20
N GLY D 216 58.54 -0.24 15.74
CA GLY D 216 59.00 -0.46 17.14
C GLY D 216 58.02 0.12 18.17
N VAL D 217 56.74 0.19 17.81
CA VAL D 217 55.68 0.78 18.65
C VAL D 217 54.85 -0.33 19.30
N ARG D 218 54.53 -0.13 20.58
CA ARG D 218 53.75 -1.07 21.36
C ARG D 218 52.30 -0.69 21.28
N VAL D 219 51.45 -1.69 21.30
CA VAL D 219 50.01 -1.45 21.18
C VAL D 219 49.26 -2.35 22.17
N ASN D 220 48.45 -1.75 23.05
CA ASN D 220 47.76 -2.49 24.07
C ASN D 220 46.36 -1.96 24.30
N ALA D 221 45.59 -2.74 25.05
CA ALA D 221 44.21 -2.40 25.37
C ALA D 221 43.99 -2.52 26.88
N ILE D 222 43.15 -1.64 27.40
CA ILE D 222 42.67 -1.74 28.76
C ILE D 222 41.19 -2.11 28.65
N SER D 223 40.80 -3.24 29.26
CA SER D 223 39.38 -3.58 29.36
C SER D 223 38.92 -3.05 30.72
N ALA D 224 38.18 -1.94 30.69
CA ALA D 224 37.79 -1.21 31.90
C ALA D 224 36.44 -1.68 32.42
N GLY D 225 36.21 -1.40 33.70
CA GLY D 225 34.90 -1.61 34.27
C GLY D 225 34.00 -0.40 34.05
N PRO D 226 32.77 -0.46 34.56
CA PRO D 226 31.78 0.61 34.32
C PRO D 226 32.08 1.93 35.05
N LEU D 227 31.86 3.05 34.35
CA LEU D 227 32.14 4.39 34.81
C LEU D 227 30.99 5.32 34.39
N LYS D 228 30.57 6.18 35.32
CA LYS D 228 29.48 7.10 35.01
C LYS D 228 29.96 8.33 34.21
N SER D 229 30.38 8.10 32.97
CA SER D 229 30.87 9.15 32.11
C SER D 229 29.66 9.88 31.49
N ARG D 230 29.88 11.00 30.80
CA ARG D 230 28.77 11.65 30.11
C ARG D 230 28.13 10.73 29.08
N ALA D 231 28.94 10.03 28.29
CA ALA D 231 28.41 9.07 27.31
C ALA D 231 27.54 7.99 28.00
N ALA D 232 28.05 7.43 29.11
CA ALA D 232 27.32 6.35 29.84
C ALA D 232 25.99 6.83 30.44
N SER D 233 26.00 7.96 31.14
CA SER D 233 24.75 8.46 31.74
C SER D 233 23.73 9.00 30.72
N ALA D 234 24.13 9.22 29.47
CA ALA D 234 23.18 9.70 28.43
C ALA D 234 22.22 8.59 27.98
N ILE D 235 22.64 7.34 28.16
CA ILE D 235 21.94 6.16 27.65
C ILE D 235 20.73 5.77 28.51
N PHE D 243 20.63 2.78 34.16
CA PHE D 243 21.29 1.56 33.68
C PHE D 243 22.82 1.50 33.96
N ILE D 244 23.51 2.61 33.71
CA ILE D 244 24.93 2.63 34.06
C ILE D 244 25.04 2.42 35.59
N ASP D 245 24.05 2.94 36.34
CA ASP D 245 23.97 2.75 37.81
C ASP D 245 23.84 1.28 38.23
N TYR D 246 23.04 0.52 37.48
CA TYR D 246 22.89 -0.90 37.73
C TYR D 246 24.20 -1.67 37.47
N ALA D 247 24.89 -1.32 36.37
CA ALA D 247 26.16 -1.94 36.01
C ALA D 247 27.20 -1.67 37.11
N ILE D 248 27.21 -0.44 37.62
CA ILE D 248 28.14 -0.06 38.68
C ILE D 248 27.82 -0.84 39.98
N ASP D 249 26.53 -0.95 40.29
CA ASP D 249 26.09 -1.70 41.48
C ASP D 249 26.49 -3.17 41.40
N TYR D 250 26.24 -3.78 40.24
CA TYR D 250 26.61 -5.18 40.00
C TYR D 250 28.10 -5.41 40.26
N SER D 251 28.94 -4.54 39.72
CA SER D 251 30.41 -4.65 39.87
C SER D 251 30.83 -4.47 41.32
N TYR D 252 30.28 -3.44 41.98
CA TYR D 252 30.55 -3.22 43.40
C TYR D 252 30.21 -4.46 44.25
N ASN D 253 29.07 -5.08 43.96
CA ASN D 253 28.60 -6.24 44.75
C ASN D 253 29.20 -7.61 44.37
N ASN D 254 29.87 -7.71 43.24
CA ASN D 254 30.35 -9.01 42.75
C ASN D 254 31.85 -9.14 42.47
N ALA D 255 32.58 -8.03 42.50
CA ALA D 255 34.01 -8.06 42.20
C ALA D 255 34.85 -8.44 43.43
N PRO D 256 36.04 -9.05 43.22
CA PRO D 256 37.00 -9.35 44.30
C PRO D 256 37.31 -8.14 45.19
N LEU D 257 37.54 -6.99 44.56
CA LEU D 257 37.77 -5.74 45.33
C LEU D 257 36.46 -4.97 45.47
N ARG D 258 35.97 -4.84 46.69
CA ARG D 258 34.71 -4.15 46.92
C ARG D 258 35.05 -2.67 47.14
N ARG D 259 35.03 -1.88 46.08
CA ARG D 259 35.47 -0.48 46.13
C ARG D 259 34.89 0.21 44.89
N ASP D 260 34.80 1.54 44.90
CA ASP D 260 34.29 2.28 43.75
C ASP D 260 35.37 2.26 42.67
N LEU D 261 34.97 2.20 41.42
CA LEU D 261 35.88 2.31 40.32
C LEU D 261 35.90 3.77 39.87
N HIS D 262 37.08 4.40 39.95
CA HIS D 262 37.23 5.81 39.56
C HIS D 262 37.91 5.88 38.22
N SER D 263 37.68 6.96 37.46
CA SER D 263 38.36 7.10 36.17
C SER D 263 39.89 7.15 36.36
N ASP D 264 40.36 7.71 37.47
CA ASP D 264 41.78 7.71 37.77
C ASP D 264 42.42 6.33 37.84
N ASP D 265 41.61 5.30 38.15
CA ASP D 265 42.12 3.91 38.27
C ASP D 265 42.56 3.41 36.89
N VAL D 266 41.79 3.77 35.85
CA VAL D 266 42.18 3.49 34.48
C VAL D 266 43.26 4.44 33.99
N GLY D 267 43.19 5.71 34.39
CA GLY D 267 44.26 6.63 34.05
C GLY D 267 45.63 6.11 34.52
N GLY D 268 45.70 5.59 35.75
CA GLY D 268 46.94 5.03 36.30
C GLY D 268 47.45 3.82 35.53
N ALA D 269 46.55 2.89 35.22
CA ALA D 269 46.90 1.73 34.38
C ALA D 269 47.40 2.12 32.97
N ALA D 270 46.77 3.13 32.36
CA ALA D 270 47.18 3.61 31.03
C ALA D 270 48.55 4.25 31.12
N LEU D 271 48.82 5.00 32.20
CA LEU D 271 50.09 5.64 32.35
C LEU D 271 51.19 4.58 32.36
N PHE D 272 50.99 3.49 33.09
CA PHE D 272 51.94 2.36 33.01
C PHE D 272 52.17 1.85 31.56
N LEU D 273 51.10 1.47 30.88
CA LEU D 273 51.18 0.87 29.53
C LEU D 273 51.82 1.83 28.52
N LEU D 274 51.74 3.12 28.79
CA LEU D 274 52.28 4.12 27.90
C LEU D 274 53.66 4.62 28.33
N SER D 275 54.27 3.99 29.36
CA SER D 275 55.56 4.43 29.91
C SER D 275 56.67 3.40 29.62
N PRO D 276 57.95 3.80 29.79
CA PRO D 276 59.09 2.82 29.73
C PRO D 276 59.04 1.61 30.68
N LEU D 277 58.27 1.67 31.76
CA LEU D 277 58.11 0.50 32.60
C LEU D 277 57.49 -0.66 31.84
N ALA D 278 56.70 -0.32 30.82
CA ALA D 278 55.99 -1.32 30.01
C ALA D 278 56.69 -1.65 28.68
N ARG D 279 58.01 -1.45 28.64
CA ARG D 279 58.75 -1.59 27.38
C ARG D 279 58.74 -3.01 26.78
N ALA D 280 58.40 -4.03 27.57
CA ALA D 280 58.25 -5.41 27.04
C ALA D 280 56.79 -5.84 26.91
N VAL D 281 55.85 -4.89 27.02
CA VAL D 281 54.43 -5.23 27.07
C VAL D 281 53.77 -4.75 25.76
N SER D 282 53.25 -5.70 24.98
CA SER D 282 52.52 -5.35 23.77
C SER D 282 51.50 -6.42 23.42
N GLY D 283 50.41 -5.99 22.78
CA GLY D 283 49.31 -6.90 22.44
C GLY D 283 48.39 -7.36 23.57
N VAL D 284 48.50 -6.81 24.78
CA VAL D 284 47.71 -7.33 25.89
C VAL D 284 46.36 -6.62 26.02
N THR D 285 45.44 -7.28 26.73
CA THR D 285 44.19 -6.68 27.18
C THR D 285 44.28 -6.72 28.69
N LEU D 286 44.56 -5.57 29.31
CA LEU D 286 44.71 -5.49 30.75
C LEU D 286 43.37 -5.11 31.37
N TYR D 287 42.84 -5.96 32.27
CA TYR D 287 41.59 -5.66 32.97
C TYR D 287 41.83 -4.72 34.10
N VAL D 288 41.04 -3.65 34.07
CA VAL D 288 41.10 -2.66 35.11
C VAL D 288 39.67 -2.48 35.61
N ASP D 289 39.26 -3.39 36.49
CA ASP D 289 37.82 -3.60 36.70
C ASP D 289 37.54 -4.19 38.11
N ASN D 290 38.47 -3.97 39.03
CA ASN D 290 38.36 -4.45 40.40
C ASN D 290 38.34 -5.97 40.47
N GLY D 291 38.84 -6.62 39.41
CA GLY D 291 38.99 -8.07 39.39
C GLY D 291 37.74 -8.80 38.88
N LEU D 292 36.69 -8.06 38.52
CA LEU D 292 35.41 -8.69 38.11
C LEU D 292 35.56 -9.74 37.00
N HIS D 293 36.43 -9.48 36.02
CA HIS D 293 36.67 -10.41 34.93
C HIS D 293 37.04 -11.84 35.42
N ALA D 294 37.63 -11.96 36.61
CA ALA D 294 38.13 -13.26 37.10
C ALA D 294 37.01 -14.15 37.59
N MET D 295 35.82 -13.57 37.82
CA MET D 295 34.76 -14.31 38.48
C MET D 295 34.01 -15.19 37.50
N GLY D 296 33.71 -16.41 37.93
CA GLY D 296 32.88 -17.29 37.14
C GLY D 296 31.43 -17.39 37.62
N GLN D 297 31.08 -16.61 38.63
CA GLN D 297 29.74 -16.69 39.19
C GLN D 297 29.47 -15.39 39.94
N ALA D 298 28.26 -14.86 39.87
CA ALA D 298 27.88 -13.73 40.71
C ALA D 298 27.72 -14.26 42.13
N VAL D 299 28.02 -13.42 43.13
CA VAL D 299 27.84 -13.88 44.51
C VAL D 299 26.58 -13.28 45.13
N ASP D 300 25.87 -12.42 44.42
CA ASP D 300 24.58 -11.91 44.94
C ASP D 300 23.39 -12.37 44.07
N SER D 301 23.53 -13.55 43.46
CA SER D 301 22.44 -14.11 42.66
C SER D 301 21.25 -14.49 43.53
N ARG D 302 20.02 -14.23 43.05
CA ARG D 302 18.80 -14.71 43.75
C ARG D 302 18.70 -16.22 43.81
N SER D 303 19.54 -16.92 43.05
CA SER D 303 19.57 -18.39 43.10
C SER D 303 20.28 -18.88 44.38
N MET D 304 21.12 -18.02 44.95
CA MET D 304 21.94 -18.36 46.13
C MET D 304 21.39 -17.65 47.39
N PRO D 305 21.73 -18.17 48.61
CA PRO D 305 21.34 -17.40 49.80
C PRO D 305 22.22 -16.14 49.99
N PRO D 306 21.70 -15.11 50.71
CA PRO D 306 22.49 -13.88 50.99
C PRO D 306 23.75 -14.13 51.84
N PHE E 3 -11.95 15.08 -41.17
CA PHE E 3 -12.64 16.23 -40.51
C PHE E 3 -13.14 15.99 -39.06
N PRO E 4 -13.62 14.76 -38.72
CA PRO E 4 -14.16 14.67 -37.35
C PRO E 4 -13.09 14.89 -36.26
N ILE E 5 -11.88 14.35 -36.46
CA ILE E 5 -10.73 14.70 -35.58
C ILE E 5 -9.61 15.35 -36.42
N ASP E 6 -9.56 16.67 -36.36
CA ASP E 6 -8.58 17.41 -37.14
C ASP E 6 -7.68 18.17 -36.18
N LEU E 7 -6.44 17.72 -36.02
CA LEU E 7 -5.54 18.38 -35.08
C LEU E 7 -4.47 19.25 -35.78
N ARG E 8 -4.66 19.53 -37.07
CA ARG E 8 -3.70 20.36 -37.80
C ARG E 8 -3.63 21.73 -37.14
N GLY E 9 -2.42 22.23 -36.97
CA GLY E 9 -2.20 23.50 -36.26
C GLY E 9 -1.95 23.34 -34.78
N GLN E 10 -2.18 22.15 -34.22
CA GLN E 10 -1.97 21.91 -32.78
C GLN E 10 -0.61 21.21 -32.51
N THR E 11 -0.12 21.41 -31.31
CA THR E 11 1.16 20.84 -30.89
C THR E 11 0.93 19.99 -29.64
N ALA E 12 1.53 18.80 -29.63
CA ALA E 12 1.44 17.87 -28.50
C ALA E 12 2.81 17.63 -27.90
N PHE E 13 2.87 17.50 -26.59
CA PHE E 13 4.06 16.96 -25.92
C PHE E 13 3.72 15.63 -25.25
N VAL E 14 4.43 14.56 -25.64
CA VAL E 14 4.21 13.20 -25.08
C VAL E 14 5.42 12.78 -24.21
N ALA E 15 5.20 12.77 -22.90
CA ALA E 15 6.27 12.45 -21.94
C ALA E 15 6.27 10.95 -21.60
N GLY E 16 7.39 10.28 -21.82
CA GLY E 16 7.56 8.87 -21.52
C GLY E 16 7.53 7.98 -22.75
N VAL E 17 8.34 8.32 -23.75
CA VAL E 17 8.45 7.51 -24.95
C VAL E 17 9.93 7.21 -25.15
N ALA E 18 10.28 5.92 -25.08
CA ALA E 18 11.68 5.50 -25.28
C ALA E 18 11.85 4.37 -26.28
N ASP E 19 10.75 3.90 -26.88
CA ASP E 19 10.81 2.83 -27.88
C ASP E 19 9.39 2.75 -28.50
N SER E 20 9.19 1.81 -29.40
CA SER E 20 7.92 1.74 -30.10
C SER E 20 6.89 0.73 -29.55
N HIS E 21 7.20 0.12 -28.40
CA HIS E 21 6.37 -0.99 -27.92
C HIS E 21 5.39 -0.63 -26.81
N GLY E 22 5.42 0.61 -26.34
CA GLY E 22 4.53 0.99 -25.23
C GLY E 22 3.35 1.84 -25.66
N TYR E 23 2.56 2.25 -24.67
CA TYR E 23 1.39 3.06 -24.95
C TYR E 23 1.76 4.46 -25.43
N GLY E 24 2.85 5.02 -24.89
CA GLY E 24 3.29 6.38 -25.30
C GLY E 24 3.49 6.50 -26.82
N TRP E 25 4.18 5.55 -27.41
CA TRP E 25 4.39 5.55 -28.83
C TRP E 25 3.09 5.49 -29.61
N ALA E 26 2.19 4.61 -29.21
CA ALA E 26 0.90 4.52 -29.91
C ALA E 26 0.10 5.84 -29.83
N ILE E 27 0.13 6.49 -28.65
CA ILE E 27 -0.56 7.79 -28.51
C ILE E 27 0.07 8.84 -29.45
N ALA E 28 1.40 8.94 -29.45
CA ALA E 28 2.11 9.86 -30.35
C ALA E 28 1.76 9.59 -31.82
N LYS E 29 1.72 8.33 -32.18
CA LYS E 29 1.42 7.94 -33.56
C LYS E 29 -0.01 8.37 -34.00
N HIS E 30 -0.99 8.19 -33.11
CA HIS E 30 -2.34 8.63 -33.40
C HIS E 30 -2.49 10.14 -33.51
N LEU E 31 -1.87 10.87 -32.59
CA LEU E 31 -1.84 12.34 -32.63
C LEU E 31 -1.26 12.82 -33.98
N ALA E 32 -0.11 12.28 -34.38
CA ALA E 32 0.50 12.63 -35.66
C ALA E 32 -0.42 12.31 -36.84
N SER E 33 -1.11 11.16 -36.79
CA SER E 33 -1.95 10.77 -37.93
C SER E 33 -3.09 11.75 -38.09
N ALA E 34 -3.50 12.41 -37.00
CA ALA E 34 -4.60 13.36 -37.07
C ALA E 34 -4.11 14.79 -37.42
N GLY E 35 -2.81 14.93 -37.68
CA GLY E 35 -2.23 16.21 -38.10
C GLY E 35 -1.51 17.02 -37.02
N ALA E 36 -1.44 16.56 -35.77
CA ALA E 36 -0.70 17.30 -34.72
C ALA E 36 0.81 17.24 -34.94
N ARG E 37 1.52 18.33 -34.60
CA ARG E 37 2.98 18.25 -34.42
C ARG E 37 3.23 17.60 -33.06
N VAL E 38 4.17 16.65 -32.98
CA VAL E 38 4.34 15.87 -31.75
C VAL E 38 5.81 15.92 -31.32
N ALA E 39 6.07 16.48 -30.14
CA ALA E 39 7.37 16.38 -29.52
C ALA E 39 7.31 15.32 -28.41
N LEU E 40 8.46 14.70 -28.16
CA LEU E 40 8.61 13.66 -27.13
C LEU E 40 9.52 14.03 -25.94
N GLY E 41 9.19 13.49 -24.76
CA GLY E 41 10.08 13.47 -23.61
C GLY E 41 10.56 12.06 -23.34
N THR E 42 11.87 11.90 -23.21
CA THR E 42 12.45 10.57 -23.09
C THR E 42 13.43 10.53 -21.90
N TRP E 43 13.36 9.47 -21.09
CA TRP E 43 14.21 9.28 -19.92
C TRP E 43 15.70 9.31 -20.34
N PRO E 44 16.51 10.21 -19.73
CA PRO E 44 17.84 10.48 -20.30
C PRO E 44 18.74 9.29 -20.50
N PRO E 45 18.74 8.30 -19.58
CA PRO E 45 19.60 7.11 -19.79
C PRO E 45 19.32 6.32 -21.06
N VAL E 46 18.09 6.35 -21.55
CA VAL E 46 17.73 5.60 -22.77
C VAL E 46 17.57 6.48 -24.00
N LEU E 47 17.94 7.75 -23.90
CA LEU E 47 17.77 8.69 -24.98
C LEU E 47 18.65 8.34 -26.20
N GLY E 48 19.93 8.01 -25.92
CA GLY E 48 20.92 7.68 -26.95
C GLY E 48 20.46 6.55 -27.85
N LEU E 49 20.04 5.44 -27.21
CA LEU E 49 19.51 4.26 -27.88
C LEU E 49 18.25 4.58 -28.70
N PHE E 50 17.36 5.39 -28.13
CA PHE E 50 16.15 5.78 -28.83
C PHE E 50 16.46 6.65 -30.08
N GLN E 51 17.27 7.70 -29.91
CA GLN E 51 17.66 8.54 -31.06
C GLN E 51 18.39 7.73 -32.16
N LYS E 52 19.27 6.81 -31.73
CA LYS E 52 19.95 5.91 -32.68
C LYS E 52 18.97 5.05 -33.47
N SER E 53 18.01 4.44 -32.77
CA SER E 53 16.93 3.67 -33.42
C SER E 53 16.12 4.47 -34.40
N LEU E 54 15.73 5.69 -34.02
CA LEU E 54 15.00 6.56 -34.96
C LEU E 54 15.84 6.89 -36.19
N GLN E 55 17.06 7.33 -35.98
CA GLN E 55 17.91 7.74 -37.12
C GLN E 55 18.38 6.59 -38.02
N SER E 56 18.51 5.38 -37.49
CA SER E 56 19.06 4.23 -38.25
C SER E 56 18.04 3.67 -39.22
N GLY E 57 16.76 3.90 -38.99
CA GLY E 57 15.71 3.34 -39.82
C GLY E 57 15.08 2.10 -39.19
N ARG E 58 15.64 1.67 -38.06
CA ARG E 58 15.13 0.50 -37.32
C ARG E 58 13.63 0.68 -37.02
N LEU E 59 13.22 1.91 -36.73
CA LEU E 59 11.82 2.19 -36.37
C LEU E 59 10.92 2.58 -37.55
N ASP E 60 11.42 2.48 -38.79
CA ASP E 60 10.62 2.97 -39.92
C ASP E 60 9.26 2.25 -40.08
N GLU E 61 9.24 0.93 -39.95
CA GLU E 61 7.96 0.20 -40.03
C GLU E 61 6.98 0.65 -38.92
N ASP E 62 7.47 0.80 -37.69
CA ASP E 62 6.65 1.28 -36.56
C ASP E 62 6.21 2.74 -36.68
N ARG E 63 6.94 3.53 -37.47
CA ARG E 63 6.57 4.92 -37.76
C ARG E 63 5.48 5.10 -38.83
N LYS E 64 5.18 4.03 -39.55
CA LYS E 64 4.32 4.09 -40.74
C LYS E 64 2.86 4.36 -40.37
N LEU E 65 2.27 5.33 -41.06
CA LEU E 65 0.87 5.67 -40.85
C LEU E 65 -0.04 4.94 -41.85
N PRO E 66 -1.38 5.04 -41.68
CA PRO E 66 -2.28 4.35 -42.62
C PRO E 66 -2.06 4.79 -44.08
N ASP E 67 -1.85 6.10 -44.31
CA ASP E 67 -1.55 6.63 -45.65
C ASP E 67 -0.18 6.23 -46.25
N GLY E 68 0.75 5.79 -45.40
CA GLY E 68 2.07 5.37 -45.86
C GLY E 68 3.19 6.35 -45.59
N SER E 69 2.88 7.52 -45.08
CA SER E 69 3.95 8.43 -44.61
C SER E 69 4.45 7.95 -43.23
N LEU E 70 5.58 8.50 -42.81
CA LEU E 70 6.19 8.12 -41.55
C LEU E 70 5.99 9.27 -40.57
N ILE E 71 5.62 8.97 -39.34
CA ILE E 71 5.55 10.05 -38.34
C ILE E 71 6.93 10.70 -38.17
N GLU E 72 6.92 12.01 -37.95
CA GLU E 72 8.14 12.76 -37.69
C GLU E 72 7.90 13.49 -36.39
N PHE E 73 8.94 13.64 -35.54
CA PHE E 73 8.79 14.31 -34.26
C PHE E 73 9.34 15.71 -34.34
N ALA E 74 8.65 16.66 -33.69
CA ALA E 74 9.08 18.06 -33.69
C ALA E 74 10.25 18.29 -32.72
N GLY E 75 10.60 17.26 -31.97
CA GLY E 75 11.84 17.19 -31.20
C GLY E 75 11.72 16.04 -30.21
N VAL E 76 12.87 15.57 -29.74
CA VAL E 76 12.93 14.51 -28.74
C VAL E 76 13.77 15.05 -27.60
N TYR E 77 13.14 15.30 -26.45
CA TYR E 77 13.78 16.03 -25.37
C TYR E 77 14.14 15.08 -24.21
N PRO E 78 15.35 15.19 -23.67
CA PRO E 78 15.62 14.40 -22.46
C PRO E 78 14.78 14.95 -21.33
N LEU E 79 14.16 14.04 -20.57
CA LEU E 79 13.25 14.41 -19.51
C LEU E 79 13.31 13.35 -18.41
N ASP E 80 13.66 13.78 -17.21
CA ASP E 80 13.57 12.86 -16.11
C ASP E 80 12.51 13.43 -15.18
N ALA E 81 11.35 12.77 -15.17
CA ALA E 81 10.20 13.28 -14.41
C ALA E 81 10.26 13.09 -12.89
N ALA E 82 11.35 12.53 -12.38
CA ALA E 82 11.65 12.55 -10.94
C ALA E 82 12.16 13.93 -10.46
N PHE E 83 12.58 14.82 -11.37
CA PHE E 83 13.17 16.09 -10.96
C PHE E 83 12.41 17.27 -11.56
N ASP E 84 12.06 18.24 -10.70
CA ASP E 84 11.32 19.42 -11.15
C ASP E 84 12.19 20.57 -11.61
N LYS E 85 13.30 20.81 -10.92
CA LYS E 85 14.24 21.93 -11.13
C LYS E 85 15.68 21.41 -11.10
N PRO E 86 16.62 22.12 -11.76
CA PRO E 86 18.05 21.76 -11.69
C PRO E 86 18.62 21.52 -10.26
N GLU E 87 18.18 22.31 -9.28
CA GLU E 87 18.66 22.16 -7.88
C GLU E 87 18.23 20.85 -7.21
N ASP E 88 17.19 20.20 -7.74
CA ASP E 88 16.75 18.92 -7.17
C ASP E 88 17.60 17.73 -7.56
N VAL E 89 18.47 17.91 -8.54
CA VAL E 89 19.19 16.77 -9.08
C VAL E 89 20.42 16.52 -8.21
N PRO E 90 20.53 15.34 -7.59
CA PRO E 90 21.71 15.08 -6.74
C PRO E 90 22.99 14.92 -7.57
N GLN E 91 24.13 15.13 -6.92
CA GLN E 91 25.42 15.10 -7.58
C GLN E 91 25.71 13.74 -8.24
N ASP E 92 25.32 12.66 -7.57
CA ASP E 92 25.55 11.31 -8.10
C ASP E 92 24.74 11.01 -9.37
N ILE E 93 23.67 11.77 -9.61
CA ILE E 93 22.95 11.67 -10.89
C ILE E 93 23.67 12.48 -11.96
N LYS E 94 24.04 13.72 -11.64
CA LYS E 94 24.72 14.58 -12.61
C LYS E 94 26.01 13.95 -13.09
N ASP E 95 26.65 13.17 -12.21
CA ASP E 95 27.91 12.46 -12.52
C ASP E 95 27.72 11.06 -13.07
N ASN E 96 26.51 10.53 -13.01
CA ASN E 96 26.26 9.18 -13.49
C ASN E 96 26.55 9.10 -14.99
N LYS E 97 27.23 8.04 -15.42
CA LYS E 97 27.61 7.87 -16.84
C LYS E 97 26.39 7.76 -17.78
N ARG E 98 25.29 7.20 -17.26
CA ARG E 98 24.00 7.15 -17.96
C ARG E 98 23.43 8.54 -18.31
N TYR E 99 23.85 9.58 -17.59
CA TYR E 99 23.36 10.95 -17.79
C TYR E 99 24.40 11.86 -18.43
N ALA E 100 25.55 11.30 -18.80
CA ALA E 100 26.63 12.06 -19.41
C ALA E 100 26.21 12.52 -20.80
N GLY E 101 26.54 13.77 -21.15
CA GLY E 101 26.18 14.30 -22.46
C GLY E 101 24.75 14.82 -22.65
N VAL E 102 23.90 14.65 -21.64
CA VAL E 102 22.60 15.33 -21.66
C VAL E 102 22.47 16.39 -20.57
N ASP E 103 21.80 17.48 -20.92
CA ASP E 103 21.61 18.62 -20.05
C ASP E 103 20.14 19.05 -20.09
N GLY E 104 19.68 19.78 -19.08
CA GLY E 104 18.37 20.47 -19.15
C GLY E 104 17.16 19.53 -19.20
N TYR E 105 17.21 18.51 -18.35
CA TYR E 105 16.24 17.45 -18.42
C TYR E 105 15.22 17.44 -17.27
N THR E 106 15.26 18.45 -16.40
CA THR E 106 14.22 18.53 -15.35
C THR E 106 12.93 19.04 -15.98
N ILE E 107 11.79 18.81 -15.31
CA ILE E 107 10.49 19.17 -15.87
C ILE E 107 10.40 20.66 -16.24
N LYS E 108 10.82 21.53 -15.34
CA LYS E 108 10.80 22.97 -15.59
C LYS E 108 11.67 23.35 -16.79
N GLU E 109 12.88 22.81 -16.90
CA GLU E 109 13.75 23.14 -18.04
C GLU E 109 13.18 22.62 -19.38
N VAL E 110 12.57 21.44 -19.37
CA VAL E 110 11.95 20.91 -20.61
C VAL E 110 10.77 21.82 -21.04
N ALA E 111 9.94 22.23 -20.08
CA ALA E 111 8.83 23.12 -20.44
C ALA E 111 9.35 24.45 -21.00
N VAL E 112 10.41 25.01 -20.40
CA VAL E 112 11.09 26.19 -20.97
C VAL E 112 11.58 25.95 -22.42
N LYS E 113 12.27 24.82 -22.66
CA LYS E 113 12.78 24.53 -24.01
C LYS E 113 11.64 24.34 -25.02
N VAL E 114 10.57 23.66 -24.61
CA VAL E 114 9.39 23.49 -25.49
C VAL E 114 8.79 24.85 -25.89
N LYS E 115 8.61 25.73 -24.89
CA LYS E 115 8.11 27.09 -25.10
C LYS E 115 9.00 27.81 -26.10
N GLN E 116 10.31 27.75 -25.89
CA GLN E 116 11.24 28.45 -26.80
C GLN E 116 11.27 27.90 -28.23
N ASP E 117 11.23 26.57 -28.37
CA ASP E 117 11.40 25.89 -29.65
C ASP E 117 10.09 25.83 -30.43
N LEU E 118 8.99 25.59 -29.72
CA LEU E 118 7.72 25.25 -30.37
C LEU E 118 6.57 26.23 -30.06
N GLY E 119 6.70 27.00 -28.97
CA GLY E 119 5.62 27.91 -28.58
C GLY E 119 4.64 27.18 -27.67
N ASN E 120 3.42 27.69 -27.58
CA ASN E 120 2.38 27.07 -26.73
C ASN E 120 1.93 25.74 -27.28
N ILE E 121 1.47 24.86 -26.40
CA ILE E 121 1.00 23.57 -26.83
C ILE E 121 -0.47 23.41 -26.55
N ASP E 122 -1.07 22.37 -27.15
CA ASP E 122 -2.50 22.14 -27.02
C ASP E 122 -2.74 20.85 -26.24
N ILE E 123 -1.76 19.93 -26.28
CA ILE E 123 -1.99 18.54 -25.91
C ILE E 123 -0.80 18.03 -25.09
N LEU E 124 -1.09 17.42 -23.95
CA LEU E 124 -0.04 16.93 -23.04
C LEU E 124 -0.37 15.50 -22.63
N VAL E 125 0.61 14.62 -22.76
CA VAL E 125 0.42 13.19 -22.45
C VAL E 125 1.45 12.78 -21.42
N HIS E 126 0.97 12.06 -20.41
CA HIS E 126 1.85 11.54 -19.37
C HIS E 126 1.74 10.03 -19.44
N SER E 127 2.77 9.38 -19.99
CA SER E 127 2.77 7.93 -20.24
C SER E 127 4.04 7.33 -19.65
N LEU E 128 4.23 7.54 -18.37
CA LEU E 128 5.45 7.14 -17.69
C LEU E 128 5.10 6.70 -16.27
N ALA E 129 5.80 5.68 -15.80
CA ALA E 129 5.65 5.15 -14.43
C ALA E 129 6.95 4.42 -14.09
N ASN E 130 7.27 4.32 -12.79
CA ASN E 130 8.46 3.59 -12.38
C ASN E 130 8.27 3.23 -10.90
N GLY E 131 8.28 1.94 -10.60
CA GLY E 131 8.12 1.46 -9.24
C GLY E 131 9.22 0.48 -8.98
N PRO E 132 10.29 0.91 -8.29
CA PRO E 132 11.44 0.00 -8.07
C PRO E 132 11.09 -1.27 -7.26
N GLU E 133 9.98 -1.28 -6.52
CA GLU E 133 9.65 -2.47 -5.77
C GLU E 133 8.36 -3.16 -6.26
N VAL E 134 8.03 -2.96 -7.53
CA VAL E 134 6.75 -3.43 -8.08
C VAL E 134 6.51 -4.94 -7.90
N THR E 135 7.58 -5.75 -7.81
CA THR E 135 7.40 -7.19 -7.61
C THR E 135 7.16 -7.55 -6.14
N LYS E 136 7.22 -6.56 -5.25
CA LYS E 136 7.01 -6.84 -3.84
C LYS E 136 5.54 -6.63 -3.44
N PRO E 137 4.96 -7.58 -2.70
CA PRO E 137 3.67 -7.30 -2.10
C PRO E 137 3.74 -6.02 -1.24
N LEU E 138 2.61 -5.39 -1.03
CA LEU E 138 2.57 -4.20 -0.18
C LEU E 138 3.05 -4.45 1.25
N LEU E 139 2.78 -5.62 1.81
CA LEU E 139 3.33 -5.96 3.14
C LEU E 139 4.86 -6.14 3.14
N GLU E 140 5.51 -6.09 1.98
CA GLU E 140 6.98 -6.22 1.93
C GLU E 140 7.60 -5.03 1.23
N THR E 141 6.83 -3.96 1.06
CA THR E 141 7.27 -2.79 0.32
C THR E 141 7.79 -1.77 1.33
N SER E 142 9.00 -1.26 1.10
CA SER E 142 9.64 -0.25 1.99
C SER E 142 9.07 1.16 1.73
N ARG E 143 9.26 2.03 2.71
CA ARG E 143 8.83 3.42 2.58
C ARG E 143 9.53 4.05 1.38
N LYS E 144 10.83 3.81 1.28
CA LYS E 144 11.58 4.35 0.17
C LYS E 144 11.05 3.91 -1.20
N GLY E 145 10.70 2.62 -1.35
CA GLY E 145 10.15 2.14 -2.65
C GLY E 145 8.77 2.68 -2.94
N TYR E 146 7.94 2.75 -1.91
CA TYR E 146 6.56 3.25 -2.01
C TYR E 146 6.58 4.74 -2.43
N LEU E 147 7.47 5.51 -1.81
CA LEU E 147 7.58 6.96 -2.16
C LEU E 147 8.22 7.17 -3.54
N ALA E 148 9.21 6.35 -3.92
CA ALA E 148 9.72 6.44 -5.29
C ALA E 148 8.59 6.14 -6.31
N ALA E 149 7.78 5.11 -6.07
CA ALA E 149 6.69 4.82 -7.00
C ALA E 149 5.77 6.06 -7.16
N SER E 150 5.46 6.71 -6.04
CA SER E 150 4.57 7.87 -6.05
C SER E 150 5.25 9.08 -6.75
N SER E 151 6.51 9.32 -6.41
CA SER E 151 7.25 10.44 -7.00
C SER E 151 7.32 10.29 -8.55
N ASN E 152 7.75 9.13 -8.99
CA ASN E 152 7.94 8.86 -10.40
C ASN E 152 6.63 8.79 -11.20
N SER E 153 5.57 8.27 -10.59
CA SER E 153 4.40 7.85 -11.36
C SER E 153 3.19 8.70 -11.11
N ALA E 154 3.11 9.40 -9.96
CA ALA E 154 1.90 10.18 -9.66
C ALA E 154 2.26 11.68 -9.61
N TYR E 155 3.20 12.05 -8.73
CA TYR E 155 3.56 13.47 -8.62
C TYR E 155 4.11 14.01 -9.96
N SER E 156 4.79 13.17 -10.74
CA SER E 156 5.31 13.58 -12.05
C SER E 156 4.20 14.16 -12.95
N PHE E 157 2.98 13.66 -12.83
CA PHE E 157 1.85 14.21 -13.62
C PHE E 157 1.45 15.60 -13.12
N VAL E 158 1.39 15.74 -11.79
CA VAL E 158 1.15 17.05 -11.21
C VAL E 158 2.16 18.07 -11.66
N SER E 159 3.45 17.71 -11.58
CA SER E 159 4.50 18.61 -11.97
C SER E 159 4.43 18.96 -13.47
N LEU E 160 4.20 17.97 -14.32
CA LEU E 160 4.02 18.25 -15.76
C LEU E 160 2.93 19.33 -15.96
N LEU E 161 1.77 19.18 -15.32
CA LEU E 161 0.68 20.19 -15.47
C LEU E 161 1.10 21.55 -14.91
N GLN E 162 1.81 21.56 -13.79
CA GLN E 162 2.21 22.84 -13.21
C GLN E 162 3.12 23.63 -14.16
N HIS E 163 4.02 22.93 -14.86
CA HIS E 163 5.01 23.62 -15.69
C HIS E 163 4.55 23.77 -17.15
N PHE E 164 3.72 22.86 -17.62
CA PHE E 164 3.21 22.99 -18.98
C PHE E 164 1.91 23.79 -19.03
N GLY E 165 1.11 23.74 -17.96
CA GLY E 165 -0.14 24.49 -17.91
C GLY E 165 -0.04 25.94 -18.40
N PRO E 166 0.95 26.71 -17.89
CA PRO E 166 1.05 28.10 -18.34
C PRO E 166 1.32 28.23 -19.85
N ILE E 167 1.73 27.17 -20.52
CA ILE E 167 1.96 27.29 -21.98
C ILE E 167 1.00 26.43 -22.78
N MET E 168 -0.09 26.02 -22.13
CA MET E 168 -1.16 25.33 -22.81
C MET E 168 -2.25 26.30 -23.21
N ASN E 169 -2.71 26.18 -24.45
CA ASN E 169 -3.83 27.00 -24.94
C ASN E 169 -5.13 26.62 -24.23
N GLU E 170 -6.01 27.62 -24.04
CA GLU E 170 -7.32 27.36 -23.50
C GLU E 170 -8.04 26.34 -24.40
N GLY E 171 -8.78 25.40 -23.80
CA GLY E 171 -9.37 24.31 -24.57
C GLY E 171 -8.39 23.15 -24.83
N GLY E 172 -7.15 23.28 -24.39
CA GLY E 172 -6.20 22.17 -24.48
C GLY E 172 -6.57 21.03 -23.52
N SER E 173 -5.76 20.00 -23.53
CA SER E 173 -6.13 18.72 -22.97
C SER E 173 -4.90 17.93 -22.51
N ALA E 174 -5.01 17.24 -21.39
CA ALA E 174 -3.93 16.39 -20.88
C ALA E 174 -4.55 15.02 -20.57
N VAL E 175 -3.75 13.97 -20.74
CA VAL E 175 -4.18 12.64 -20.41
C VAL E 175 -3.04 11.87 -19.74
N THR E 176 -3.42 10.99 -18.81
CA THR E 176 -2.46 10.09 -18.18
C THR E 176 -2.97 8.68 -18.25
N LEU E 177 -2.12 7.72 -17.94
CA LEU E 177 -2.48 6.30 -17.98
C LEU E 177 -2.44 5.67 -16.61
N SER E 178 -3.51 4.95 -16.31
CA SER E 178 -3.65 4.26 -15.05
C SER E 178 -4.00 2.79 -15.32
N TYR E 179 -4.36 2.09 -14.27
CA TYR E 179 -4.65 0.68 -14.32
C TYR E 179 -5.65 0.36 -13.20
N LEU E 180 -6.46 -0.68 -13.44
CA LEU E 180 -7.53 -1.17 -12.51
C LEU E 180 -7.09 -1.39 -11.07
N ALA E 181 -5.80 -1.71 -10.89
CA ALA E 181 -5.23 -1.92 -9.57
C ALA E 181 -5.44 -0.72 -8.63
N ALA E 182 -5.61 0.48 -9.21
CA ALA E 182 -5.92 1.67 -8.41
C ALA E 182 -7.27 1.52 -7.68
N GLU E 183 -8.17 0.72 -8.21
CA GLU E 183 -9.55 0.64 -7.67
C GLU E 183 -9.87 -0.70 -7.03
N ARG E 184 -9.24 -1.77 -7.52
CA ARG E 184 -9.50 -3.11 -7.01
C ARG E 184 -8.19 -3.85 -6.99
N VAL E 185 -8.08 -4.84 -6.12
CA VAL E 185 -6.81 -5.52 -5.91
C VAL E 185 -6.39 -6.42 -7.09
N VAL E 186 -5.18 -6.17 -7.63
CA VAL E 186 -4.61 -7.05 -8.64
C VAL E 186 -3.31 -7.58 -8.05
N PRO E 187 -3.29 -8.86 -7.63
CA PRO E 187 -2.07 -9.50 -7.12
C PRO E 187 -0.91 -9.38 -8.08
N GLY E 188 0.27 -9.05 -7.57
CA GLY E 188 1.45 -8.90 -8.43
C GLY E 188 1.71 -7.48 -8.85
N TYR E 189 0.73 -6.57 -8.72
CA TYR E 189 1.01 -5.15 -9.03
C TYR E 189 1.39 -4.47 -7.71
N GLY E 190 2.62 -4.72 -7.27
CA GLY E 190 3.05 -4.34 -5.90
C GLY E 190 3.89 -3.07 -5.82
N GLY E 191 4.69 -3.00 -4.77
CA GLY E 191 5.63 -1.89 -4.59
C GLY E 191 4.99 -0.52 -4.36
N GLY E 192 3.72 -0.49 -3.98
CA GLY E 192 3.02 0.79 -3.91
C GLY E 192 2.61 1.38 -5.27
N MET E 193 2.69 0.60 -6.35
CA MET E 193 2.25 1.08 -7.63
C MET E 193 0.73 1.17 -7.69
N SER E 194 0.03 0.29 -6.97
CA SER E 194 -1.43 0.36 -7.00
C SER E 194 -1.86 1.69 -6.30
N SER E 195 -1.18 2.00 -5.22
CA SER E 195 -1.43 3.22 -4.43
C SER E 195 -1.07 4.47 -5.26
N ALA E 196 0.04 4.42 -6.00
CA ALA E 196 0.41 5.51 -6.92
C ALA E 196 -0.60 5.75 -8.03
N LYS E 197 -1.14 4.69 -8.60
CA LYS E 197 -2.18 4.88 -9.64
C LYS E 197 -3.47 5.42 -9.01
N ALA E 198 -3.82 5.01 -7.79
CA ALA E 198 -5.00 5.63 -7.10
C ALA E 198 -4.79 7.14 -6.86
N ALA E 199 -3.60 7.51 -6.42
CA ALA E 199 -3.26 8.93 -6.24
C ALA E 199 -3.31 9.67 -7.59
N LEU E 200 -2.81 9.03 -8.64
CA LEU E 200 -2.84 9.58 -10.01
C LEU E 200 -4.26 9.81 -10.54
N GLU E 201 -5.20 8.85 -10.28
CA GLU E 201 -6.60 9.07 -10.73
C GLU E 201 -7.25 10.19 -9.91
N SER E 202 -6.89 10.28 -8.63
CA SER E 202 -7.46 11.32 -7.78
C SER E 202 -6.93 12.70 -8.22
N ASP E 203 -5.62 12.78 -8.43
CA ASP E 203 -5.04 13.99 -9.02
C ASP E 203 -5.58 14.38 -10.40
N THR E 204 -5.90 13.39 -11.23
CA THR E 204 -6.61 13.65 -12.50
C THR E 204 -7.89 14.48 -12.22
N ARG E 205 -8.69 14.06 -11.25
CA ARG E 205 -9.92 14.82 -10.91
C ARG E 205 -9.58 16.18 -10.32
N THR E 206 -8.65 16.23 -9.36
CA THR E 206 -8.34 17.50 -8.71
C THR E 206 -7.78 18.48 -9.73
N LEU E 207 -6.87 18.01 -10.59
CA LEU E 207 -6.31 18.88 -11.62
C LEU E 207 -7.33 19.27 -12.70
N ALA E 208 -8.28 18.40 -12.98
CA ALA E 208 -9.41 18.77 -13.86
C ALA E 208 -10.08 20.03 -13.29
N TRP E 209 -10.30 20.05 -11.98
CA TRP E 209 -10.93 21.23 -11.36
C TRP E 209 -9.97 22.42 -11.43
N GLU E 210 -8.74 22.23 -10.95
CA GLU E 210 -7.82 23.36 -10.85
C GLU E 210 -7.42 23.90 -12.22
N ALA E 211 -7.02 23.00 -13.12
CA ALA E 211 -6.65 23.41 -14.47
C ALA E 211 -7.84 23.81 -15.33
N GLY E 212 -8.98 23.16 -15.13
CA GLY E 212 -10.21 23.58 -15.83
C GLY E 212 -10.60 25.02 -15.48
N GLN E 213 -10.53 25.39 -14.20
CA GLN E 213 -10.87 26.76 -13.76
C GLN E 213 -9.83 27.79 -14.18
N LYS E 214 -8.56 27.44 -14.06
CA LYS E 214 -7.51 28.41 -14.24
C LYS E 214 -7.15 28.55 -15.71
N TYR E 215 -6.99 27.42 -16.39
CA TYR E 215 -6.49 27.44 -17.77
C TYR E 215 -7.51 27.08 -18.85
N GLY E 216 -8.70 26.64 -18.44
CA GLY E 216 -9.69 26.04 -19.39
C GLY E 216 -9.13 24.80 -20.04
N VAL E 217 -8.28 24.08 -19.28
CA VAL E 217 -7.67 22.85 -19.79
C VAL E 217 -8.38 21.62 -19.20
N ARG E 218 -8.58 20.60 -20.05
CA ARG E 218 -9.21 19.35 -19.66
C ARG E 218 -8.16 18.36 -19.21
N VAL E 219 -8.50 17.54 -18.21
CA VAL E 219 -7.55 16.57 -17.68
C VAL E 219 -8.28 15.24 -17.47
N ASN E 220 -7.78 14.17 -18.10
CA ASN E 220 -8.44 12.88 -18.03
C ASN E 220 -7.42 11.75 -17.90
N ALA E 221 -7.92 10.59 -17.51
CA ALA E 221 -7.08 9.38 -17.44
C ALA E 221 -7.69 8.24 -18.25
N ILE E 222 -6.82 7.37 -18.80
CA ILE E 222 -7.24 6.12 -19.38
C ILE E 222 -6.77 5.02 -18.46
N SER E 223 -7.69 4.15 -18.04
CA SER E 223 -7.30 2.98 -17.28
C SER E 223 -7.18 1.85 -18.29
N ALA E 224 -5.93 1.47 -18.61
CA ALA E 224 -5.66 0.57 -19.71
C ALA E 224 -5.52 -0.89 -19.23
N GLY E 225 -5.78 -1.82 -20.12
CA GLY E 225 -5.48 -3.21 -19.91
C GLY E 225 -4.01 -3.54 -20.09
N PRO E 226 -3.68 -4.81 -19.87
CA PRO E 226 -2.28 -5.23 -19.91
C PRO E 226 -1.72 -5.27 -21.33
N LEU E 227 -0.46 -4.84 -21.45
CA LEU E 227 0.23 -4.70 -22.72
C LEU E 227 1.66 -5.19 -22.53
N LYS E 228 2.14 -6.03 -23.46
CA LYS E 228 3.54 -6.49 -23.37
C LYS E 228 4.52 -5.42 -23.93
N SER E 229 4.67 -4.34 -23.18
CA SER E 229 5.60 -3.25 -23.52
C SER E 229 6.98 -3.69 -23.06
N ARG E 230 8.02 -2.89 -23.35
CA ARG E 230 9.37 -3.20 -22.81
C ARG E 230 9.37 -3.13 -21.28
N ALA E 231 8.72 -2.12 -20.71
CA ALA E 231 8.67 -2.03 -19.23
C ALA E 231 8.04 -3.28 -18.60
N ALA E 232 6.95 -3.75 -19.21
CA ALA E 232 6.18 -4.87 -18.66
C ALA E 232 6.94 -6.19 -18.78
N SER E 233 7.58 -6.42 -19.92
CA SER E 233 8.26 -7.68 -20.12
C SER E 233 9.61 -7.75 -19.37
N ALA E 234 10.13 -6.61 -18.91
CA ALA E 234 11.39 -6.57 -18.15
C ALA E 234 11.24 -7.06 -16.70
N ILE E 235 10.03 -6.95 -16.15
CA ILE E 235 9.74 -7.36 -14.77
C ILE E 235 9.92 -8.88 -14.58
N SER E 242 6.39 -15.65 -16.27
CA SER E 242 6.27 -14.73 -17.39
C SER E 242 5.02 -13.88 -17.04
N PHE E 243 5.17 -12.98 -16.08
CA PHE E 243 4.00 -12.34 -15.48
C PHE E 243 3.05 -11.52 -16.38
N ILE E 244 3.62 -10.72 -17.28
CA ILE E 244 2.78 -9.94 -18.19
C ILE E 244 1.99 -10.89 -19.08
N ASP E 245 2.55 -12.05 -19.38
CA ASP E 245 1.88 -13.05 -20.23
C ASP E 245 0.64 -13.62 -19.57
N TYR E 246 0.76 -13.92 -18.27
CA TYR E 246 -0.38 -14.39 -17.49
C TYR E 246 -1.49 -13.34 -17.40
N ALA E 247 -1.09 -12.08 -17.21
CA ALA E 247 -2.08 -10.99 -17.10
C ALA E 247 -2.82 -10.84 -18.42
N ILE E 248 -2.09 -10.94 -19.53
CA ILE E 248 -2.70 -10.86 -20.85
C ILE E 248 -3.66 -12.01 -21.05
N ASP E 249 -3.22 -13.24 -20.72
CA ASP E 249 -4.08 -14.42 -20.86
C ASP E 249 -5.37 -14.28 -20.06
N TYR E 250 -5.24 -13.84 -18.82
CA TYR E 250 -6.40 -13.63 -17.95
C TYR E 250 -7.42 -12.67 -18.60
N SER E 251 -6.95 -11.52 -19.10
CA SER E 251 -7.83 -10.57 -19.80
C SER E 251 -8.49 -11.20 -21.02
N TYR E 252 -7.69 -11.88 -21.84
CA TYR E 252 -8.23 -12.53 -23.05
C TYR E 252 -9.35 -13.53 -22.72
N ASN E 253 -9.18 -14.26 -21.64
CA ASN E 253 -10.13 -15.31 -21.30
C ASN E 253 -11.29 -14.82 -20.44
N ASN E 254 -11.23 -13.59 -19.89
CA ASN E 254 -12.27 -13.18 -18.96
C ASN E 254 -13.02 -11.91 -19.32
N ALA E 255 -12.56 -11.19 -20.34
CA ALA E 255 -13.18 -9.91 -20.70
C ALA E 255 -14.41 -10.10 -21.63
N PRO E 256 -15.35 -9.14 -21.58
CA PRO E 256 -16.48 -9.15 -22.52
C PRO E 256 -16.08 -9.29 -23.99
N LEU E 257 -15.05 -8.57 -24.42
CA LEU E 257 -14.61 -8.67 -25.83
C LEU E 257 -13.43 -9.64 -25.87
N ARG E 258 -13.59 -10.75 -26.54
CA ARG E 258 -12.52 -11.73 -26.63
C ARG E 258 -11.65 -11.33 -27.81
N ARG E 259 -10.60 -10.54 -27.57
CA ARG E 259 -9.74 -10.07 -28.66
C ARG E 259 -8.42 -9.64 -28.00
N ASP E 260 -7.35 -9.52 -28.79
CA ASP E 260 -6.07 -9.01 -28.27
C ASP E 260 -6.21 -7.52 -28.02
N LEU E 261 -5.56 -7.03 -26.98
CA LEU E 261 -5.47 -5.59 -26.73
C LEU E 261 -4.16 -5.09 -27.34
N HIS E 262 -4.26 -4.14 -28.26
CA HIS E 262 -3.10 -3.57 -28.94
C HIS E 262 -2.85 -2.21 -28.38
N SER E 263 -1.59 -1.77 -28.44
CA SER E 263 -1.28 -0.43 -27.96
C SER E 263 -2.07 0.61 -28.76
N ASP E 264 -2.34 0.35 -30.03
CA ASP E 264 -3.17 1.27 -30.84
C ASP E 264 -4.59 1.49 -30.33
N ASP E 265 -5.11 0.53 -29.59
CA ASP E 265 -6.45 0.67 -29.00
C ASP E 265 -6.48 1.77 -27.96
N VAL E 266 -5.44 1.85 -27.15
CA VAL E 266 -5.28 2.97 -26.22
C VAL E 266 -4.91 4.24 -26.96
N GLY E 267 -4.07 4.13 -27.98
CA GLY E 267 -3.77 5.33 -28.80
C GLY E 267 -5.03 6.03 -29.37
N GLY E 268 -5.99 5.25 -29.85
CA GLY E 268 -7.23 5.79 -30.42
C GLY E 268 -8.12 6.43 -29.36
N ALA E 269 -8.19 5.84 -28.16
CA ALA E 269 -8.96 6.42 -27.07
C ALA E 269 -8.30 7.71 -26.56
N ALA E 270 -6.96 7.72 -26.46
CA ALA E 270 -6.27 8.93 -26.09
C ALA E 270 -6.52 10.03 -27.14
N LEU E 271 -6.50 9.68 -28.42
CA LEU E 271 -6.71 10.70 -29.47
C LEU E 271 -8.08 11.37 -29.25
N PHE E 272 -9.10 10.57 -28.96
CA PHE E 272 -10.41 11.15 -28.62
C PHE E 272 -10.33 12.14 -27.45
N LEU E 273 -9.80 11.68 -26.33
CA LEU E 273 -9.74 12.52 -25.14
C LEU E 273 -8.92 13.78 -25.34
N LEU E 274 -7.98 13.74 -26.28
CA LEU E 274 -7.14 14.88 -26.58
C LEU E 274 -7.64 15.74 -27.74
N SER E 275 -8.86 15.46 -28.25
CA SER E 275 -9.40 16.18 -29.42
C SER E 275 -10.59 17.07 -29.04
N PRO E 276 -10.98 17.98 -29.95
CA PRO E 276 -12.19 18.79 -29.77
C PRO E 276 -13.51 17.97 -29.67
N LEU E 277 -13.52 16.72 -30.12
CA LEU E 277 -14.68 15.83 -29.87
C LEU E 277 -14.96 15.62 -28.37
N ALA E 278 -13.91 15.74 -27.54
CA ALA E 278 -14.01 15.58 -26.08
C ALA E 278 -14.09 16.90 -25.32
N ARG E 279 -14.56 17.95 -25.97
CA ARG E 279 -14.53 19.29 -25.35
C ARG E 279 -15.34 19.43 -24.06
N ALA E 280 -16.27 18.50 -23.80
CA ALA E 280 -17.07 18.51 -22.55
C ALA E 280 -16.65 17.40 -21.58
N VAL E 281 -15.54 16.72 -21.89
CA VAL E 281 -15.08 15.61 -21.07
C VAL E 281 -13.85 15.99 -20.22
N SER E 282 -14.01 15.93 -18.91
CA SER E 282 -12.89 16.18 -18.03
C SER E 282 -13.08 15.47 -16.69
N GLY E 283 -11.92 15.10 -16.10
CA GLY E 283 -11.86 14.38 -14.84
C GLY E 283 -12.25 12.90 -14.90
N VAL E 284 -12.40 12.32 -16.10
CA VAL E 284 -12.84 10.92 -16.18
C VAL E 284 -11.69 9.92 -16.09
N THR E 285 -12.05 8.70 -15.69
CA THR E 285 -11.19 7.56 -15.90
C THR E 285 -11.86 6.66 -16.94
N LEU E 286 -11.33 6.65 -18.15
CA LEU E 286 -11.96 5.88 -19.21
C LEU E 286 -11.26 4.51 -19.31
N TYR E 287 -12.03 3.43 -19.15
CA TYR E 287 -11.46 2.09 -19.30
C TYR E 287 -11.28 1.69 -20.75
N VAL E 288 -10.05 1.28 -21.08
CA VAL E 288 -9.75 0.80 -22.41
C VAL E 288 -9.08 -0.59 -22.24
N ASP E 289 -9.91 -1.62 -22.11
CA ASP E 289 -9.43 -2.87 -21.50
C ASP E 289 -10.33 -4.03 -21.93
N ASN E 290 -11.02 -3.86 -23.05
CA ASN E 290 -11.89 -4.90 -23.64
C ASN E 290 -13.08 -5.21 -22.74
N GLY E 291 -13.38 -4.28 -21.83
CA GLY E 291 -14.55 -4.37 -20.98
C GLY E 291 -14.29 -5.08 -19.67
N LEU E 292 -13.03 -5.46 -19.40
CA LEU E 292 -12.72 -6.32 -18.23
C LEU E 292 -13.22 -5.70 -16.89
N HIS E 293 -13.04 -4.39 -16.75
CA HIS E 293 -13.44 -3.65 -15.56
C HIS E 293 -14.90 -3.92 -15.18
N ALA E 294 -15.75 -4.25 -16.16
CA ALA E 294 -17.17 -4.38 -15.88
C ALA E 294 -17.49 -5.69 -15.15
N MET E 295 -16.57 -6.66 -15.19
CA MET E 295 -16.83 -8.01 -14.69
C MET E 295 -16.73 -8.11 -13.17
N GLY E 296 -17.70 -8.80 -12.55
CA GLY E 296 -17.67 -9.06 -11.10
C GLY E 296 -17.20 -10.48 -10.75
N GLN E 297 -16.82 -11.25 -11.75
CA GLN E 297 -16.43 -12.63 -11.51
C GLN E 297 -15.62 -13.06 -12.72
N ALA E 298 -14.56 -13.85 -12.51
CA ALA E 298 -13.87 -14.53 -13.60
C ALA E 298 -14.78 -15.63 -14.16
N VAL E 299 -14.69 -15.89 -15.45
CA VAL E 299 -15.48 -16.97 -16.01
C VAL E 299 -14.66 -18.24 -16.27
N ASP E 300 -13.34 -18.19 -16.07
CA ASP E 300 -12.54 -19.40 -16.12
C ASP E 300 -11.94 -19.78 -14.75
N SER E 301 -12.63 -19.44 -13.66
CA SER E 301 -12.21 -19.88 -12.31
C SER E 301 -12.28 -21.39 -12.17
N ARG E 302 -11.29 -22.01 -11.49
CA ARG E 302 -11.36 -23.48 -11.20
C ARG E 302 -12.48 -23.83 -10.24
N SER E 303 -13.10 -22.82 -9.63
CA SER E 303 -14.26 -23.01 -8.74
C SER E 303 -15.51 -23.37 -9.56
N MET E 304 -15.53 -22.93 -10.83
CA MET E 304 -16.66 -23.12 -11.78
C MET E 304 -16.37 -24.24 -12.78
N PRO E 305 -17.43 -24.84 -13.39
CA PRO E 305 -17.18 -25.84 -14.46
C PRO E 305 -16.56 -25.20 -15.71
N PRO E 306 -15.75 -25.98 -16.48
CA PRO E 306 -15.15 -25.49 -17.73
C PRO E 306 -16.21 -25.23 -18.81
N PRO F 4 22.80 -42.99 16.31
CA PRO F 4 22.98 -42.00 17.39
C PRO F 4 22.82 -40.54 16.91
N ILE F 5 23.09 -40.26 15.62
CA ILE F 5 22.76 -38.95 15.01
C ILE F 5 21.73 -39.12 13.89
N ASP F 6 20.47 -38.92 14.24
CA ASP F 6 19.41 -39.16 13.30
C ASP F 6 18.70 -37.83 13.05
N LEU F 7 18.88 -37.25 11.86
CA LEU F 7 18.26 -35.94 11.55
C LEU F 7 17.05 -36.01 10.63
N ARG F 8 16.48 -37.20 10.46
CA ARG F 8 15.31 -37.39 9.62
C ARG F 8 14.15 -36.60 10.19
N GLY F 9 13.42 -35.92 9.30
CA GLY F 9 12.34 -35.02 9.68
C GLY F 9 12.82 -33.61 9.93
N GLN F 10 14.14 -33.41 9.94
CA GLN F 10 14.69 -32.09 10.18
C GLN F 10 15.06 -31.40 8.86
N THR F 11 14.98 -30.08 8.87
CA THR F 11 15.35 -29.31 7.69
C THR F 11 16.48 -28.32 8.02
N ALA F 12 17.46 -28.25 7.12
CA ALA F 12 18.61 -27.36 7.26
C ALA F 12 18.67 -26.35 6.11
N PHE F 13 19.16 -25.15 6.41
CA PHE F 13 19.50 -24.16 5.38
C PHE F 13 20.98 -23.86 5.53
N VAL F 14 21.75 -24.11 4.46
CA VAL F 14 23.20 -23.90 4.47
C VAL F 14 23.51 -22.73 3.53
N ALA F 15 23.89 -21.60 4.13
CA ALA F 15 24.22 -20.38 3.41
C ALA F 15 25.71 -20.34 3.09
N GLY F 16 26.04 -20.31 1.82
CA GLY F 16 27.42 -20.13 1.34
C GLY F 16 27.98 -21.38 0.67
N VAL F 17 27.24 -21.91 -0.31
CA VAL F 17 27.67 -23.10 -1.04
C VAL F 17 27.58 -22.77 -2.53
N ALA F 18 28.73 -22.75 -3.19
CA ALA F 18 28.81 -22.45 -4.63
C ALA F 18 29.59 -23.52 -5.41
N ASP F 19 30.15 -24.50 -4.72
CA ASP F 19 30.89 -25.59 -5.37
C ASP F 19 31.11 -26.68 -4.32
N SER F 20 31.86 -27.72 -4.67
CA SER F 20 32.01 -28.85 -3.79
C SER F 20 33.35 -28.85 -3.04
N HIS F 21 34.11 -27.78 -3.17
CA HIS F 21 35.49 -27.76 -2.60
C HIS F 21 35.61 -27.03 -1.25
N GLY F 22 34.53 -26.40 -0.78
CA GLY F 22 34.61 -25.65 0.48
C GLY F 22 33.98 -26.34 1.67
N TYR F 23 34.08 -25.68 2.83
CA TYR F 23 33.53 -26.24 4.04
C TYR F 23 31.99 -26.37 3.96
N GLY F 24 31.33 -25.45 3.25
CA GLY F 24 29.86 -25.42 3.15
C GLY F 24 29.32 -26.71 2.55
N TRP F 25 29.91 -27.15 1.44
CA TRP F 25 29.53 -28.41 0.80
C TRP F 25 29.66 -29.59 1.76
N ALA F 26 30.78 -29.62 2.51
CA ALA F 26 31.06 -30.79 3.34
C ALA F 26 30.06 -30.85 4.48
N ILE F 27 29.69 -29.68 5.02
CA ILE F 27 28.64 -29.59 6.05
C ILE F 27 27.29 -30.09 5.51
N ALA F 28 26.86 -29.55 4.37
CA ALA F 28 25.62 -30.00 3.67
C ALA F 28 25.60 -31.50 3.43
N LYS F 29 26.71 -32.06 2.96
CA LYS F 29 26.80 -33.47 2.69
C LYS F 29 26.60 -34.32 3.96
N HIS F 30 27.23 -33.89 5.06
CA HIS F 30 27.09 -34.57 6.35
C HIS F 30 25.65 -34.53 6.88
N LEU F 31 25.04 -33.36 6.81
CA LEU F 31 23.64 -33.20 7.19
C LEU F 31 22.70 -34.11 6.39
N ALA F 32 22.84 -34.12 5.06
CA ALA F 32 22.05 -35.00 4.19
C ALA F 32 22.29 -36.48 4.48
N SER F 33 23.55 -36.87 4.74
CA SER F 33 23.83 -38.26 5.06
C SER F 33 23.15 -38.68 6.36
N ALA F 34 22.98 -37.73 7.29
CA ALA F 34 22.30 -38.00 8.56
C ALA F 34 20.77 -37.97 8.44
N GLY F 35 20.26 -37.67 7.24
CA GLY F 35 18.83 -37.72 6.96
C GLY F 35 18.09 -36.39 6.94
N ALA F 36 18.79 -35.27 7.13
CA ALA F 36 18.15 -33.94 7.04
C ALA F 36 17.81 -33.57 5.59
N ARG F 37 16.70 -32.87 5.38
CA ARG F 37 16.46 -32.17 4.08
C ARG F 37 17.33 -30.92 4.13
N VAL F 38 18.04 -30.64 3.04
CA VAL F 38 19.04 -29.57 3.07
C VAL F 38 18.79 -28.62 1.88
N ALA F 39 18.55 -27.35 2.20
CA ALA F 39 18.48 -26.30 1.20
C ALA F 39 19.75 -25.47 1.26
N LEU F 40 20.12 -24.90 0.12
CA LEU F 40 21.32 -24.06 0.02
C LEU F 40 21.02 -22.59 -0.32
N GLY F 41 21.85 -21.70 0.22
CA GLY F 41 21.93 -20.34 -0.30
C GLY F 41 23.26 -20.14 -1.02
N THR F 42 23.19 -19.56 -2.20
CA THR F 42 24.32 -19.40 -3.09
C THR F 42 24.36 -17.95 -3.60
N TRP F 43 25.53 -17.35 -3.55
CA TRP F 43 25.81 -16.03 -4.06
C TRP F 43 25.34 -15.93 -5.52
N PRO F 44 24.48 -14.92 -5.84
CA PRO F 44 23.79 -15.02 -7.15
C PRO F 44 24.69 -15.02 -8.38
N PRO F 45 25.81 -14.27 -8.36
CA PRO F 45 26.63 -14.28 -9.58
C PRO F 45 27.19 -15.67 -9.92
N VAL F 46 27.36 -16.57 -8.94
CA VAL F 46 27.80 -17.93 -9.28
C VAL F 46 26.71 -18.98 -9.23
N LEU F 47 25.47 -18.56 -9.04
CA LEU F 47 24.36 -19.49 -8.91
C LEU F 47 24.17 -20.36 -10.15
N GLY F 48 24.17 -19.73 -11.34
CA GLY F 48 23.99 -20.41 -12.62
C GLY F 48 24.98 -21.52 -12.89
N LEU F 49 26.27 -21.21 -12.70
CA LEU F 49 27.34 -22.21 -12.81
C LEU F 49 27.15 -23.37 -11.82
N PHE F 50 26.85 -23.07 -10.55
CA PHE F 50 26.60 -24.11 -9.56
C PHE F 50 25.44 -25.04 -9.98
N GLN F 51 24.30 -24.46 -10.34
CA GLN F 51 23.15 -25.24 -10.81
C GLN F 51 23.47 -26.08 -12.04
N LYS F 52 24.28 -25.53 -12.95
CA LYS F 52 24.67 -26.26 -14.16
C LYS F 52 25.60 -27.42 -13.78
N SER F 53 26.56 -27.17 -12.89
CA SER F 53 27.43 -28.26 -12.50
C SER F 53 26.67 -29.39 -11.74
N LEU F 54 25.68 -29.02 -10.92
CA LEU F 54 24.73 -30.00 -10.36
C LEU F 54 23.93 -30.78 -11.44
N GLN F 55 23.26 -30.07 -12.32
CA GLN F 55 22.43 -30.73 -13.36
C GLN F 55 23.21 -31.57 -14.38
N SER F 56 24.45 -31.18 -14.64
CA SER F 56 25.29 -31.88 -15.61
C SER F 56 25.78 -33.28 -15.17
N GLY F 57 25.80 -33.52 -13.86
CA GLY F 57 26.37 -34.77 -13.32
C GLY F 57 27.87 -34.65 -13.03
N ARG F 58 28.43 -33.46 -13.22
CA ARG F 58 29.83 -33.20 -12.92
C ARG F 58 30.09 -33.37 -11.42
N LEU F 59 29.08 -33.10 -10.59
CA LEU F 59 29.28 -33.21 -9.13
C LEU F 59 28.81 -34.55 -8.57
N ASP F 60 28.52 -35.52 -9.44
CA ASP F 60 27.99 -36.79 -8.96
C ASP F 60 28.92 -37.54 -7.99
N GLU F 61 30.22 -37.56 -8.27
CA GLU F 61 31.20 -38.14 -7.37
C GLU F 61 31.21 -37.44 -6.00
N ASP F 62 31.18 -36.11 -6.02
CA ASP F 62 31.17 -35.31 -4.80
C ASP F 62 29.85 -35.40 -4.03
N ARG F 63 28.78 -35.82 -4.72
CA ARG F 63 27.47 -36.00 -4.11
C ARG F 63 27.25 -37.38 -3.51
N LYS F 64 28.14 -38.31 -3.80
CA LYS F 64 27.96 -39.73 -3.47
C LYS F 64 28.10 -39.93 -1.96
N LEU F 65 27.13 -40.63 -1.36
CA LEU F 65 27.14 -40.93 0.08
C LEU F 65 27.72 -42.32 0.35
N PRO F 66 28.05 -42.62 1.64
CA PRO F 66 28.69 -43.91 1.94
C PRO F 66 27.88 -45.12 1.43
N ASP F 67 26.55 -45.02 1.48
CA ASP F 67 25.67 -46.09 0.98
C ASP F 67 25.62 -46.21 -0.55
N GLY F 68 26.01 -45.15 -1.26
CA GLY F 68 25.99 -45.15 -2.73
C GLY F 68 24.93 -44.27 -3.39
N SER F 69 24.02 -43.72 -2.60
CA SER F 69 23.05 -42.78 -3.14
C SER F 69 23.71 -41.39 -3.26
N LEU F 70 23.03 -40.49 -3.95
CA LEU F 70 23.57 -39.15 -4.19
C LEU F 70 22.75 -38.16 -3.37
N ILE F 71 23.42 -37.26 -2.67
CA ILE F 71 22.67 -36.19 -1.96
C ILE F 71 21.81 -35.39 -2.94
N GLU F 72 20.66 -34.93 -2.45
CA GLU F 72 19.78 -34.08 -3.23
C GLU F 72 19.40 -32.91 -2.35
N PHE F 73 19.22 -31.75 -2.94
CA PHE F 73 18.90 -30.54 -2.21
C PHE F 73 17.42 -30.18 -2.27
N ALA F 74 16.87 -29.68 -1.17
CA ALA F 74 15.45 -29.28 -1.13
C ALA F 74 15.19 -27.98 -1.90
N GLY F 75 16.26 -27.26 -2.23
CA GLY F 75 16.20 -26.09 -3.10
C GLY F 75 17.53 -25.36 -3.04
N VAL F 76 17.83 -24.62 -4.09
CA VAL F 76 19.06 -23.84 -4.10
C VAL F 76 18.65 -22.40 -4.36
N TYR F 77 18.86 -21.55 -3.37
CA TYR F 77 18.26 -20.20 -3.37
C TYR F 77 19.36 -19.18 -3.64
N PRO F 78 19.13 -18.24 -4.56
CA PRO F 78 20.07 -17.12 -4.62
C PRO F 78 20.04 -16.31 -3.31
N LEU F 79 21.21 -16.01 -2.78
CA LEU F 79 21.36 -15.31 -1.53
C LEU F 79 22.61 -14.46 -1.59
N ASP F 80 22.43 -13.17 -1.42
CA ASP F 80 23.56 -12.27 -1.22
C ASP F 80 23.51 -11.71 0.21
N ALA F 81 24.43 -12.17 1.04
CA ALA F 81 24.40 -11.84 2.45
C ALA F 81 24.89 -10.44 2.79
N ALA F 82 25.25 -9.66 1.78
CA ALA F 82 25.56 -8.24 1.94
C ALA F 82 24.29 -7.40 2.09
N PHE F 83 23.13 -7.98 1.80
CA PHE F 83 21.90 -7.23 1.70
C PHE F 83 20.83 -7.87 2.55
N ASP F 84 20.21 -7.10 3.44
CA ASP F 84 19.13 -7.61 4.30
C ASP F 84 17.73 -7.53 3.71
N LYS F 85 17.48 -6.48 2.91
CA LYS F 85 16.15 -6.20 2.38
C LYS F 85 16.31 -5.49 1.01
N PRO F 86 15.27 -5.55 0.14
CA PRO F 86 15.37 -5.00 -1.22
C PRO F 86 15.87 -3.54 -1.30
N GLU F 87 15.47 -2.67 -0.38
CA GLU F 87 15.90 -1.27 -0.49
C GLU F 87 17.43 -1.10 -0.24
N ASP F 88 18.09 -2.13 0.30
CA ASP F 88 19.58 -2.05 0.51
C ASP F 88 20.37 -2.25 -0.79
N VAL F 89 19.75 -2.82 -1.81
CA VAL F 89 20.46 -3.18 -3.02
C VAL F 89 20.64 -1.97 -3.96
N PRO F 90 21.88 -1.59 -4.26
CA PRO F 90 22.10 -0.42 -5.11
C PRO F 90 21.72 -0.69 -6.56
N GLN F 91 21.53 0.37 -7.33
CA GLN F 91 21.11 0.27 -8.74
C GLN F 91 22.13 -0.48 -9.61
N ASP F 92 23.42 -0.25 -9.37
CA ASP F 92 24.54 -0.96 -10.04
C ASP F 92 24.52 -2.49 -9.89
N ILE F 93 24.05 -2.99 -8.75
CA ILE F 93 23.90 -4.41 -8.54
C ILE F 93 22.64 -4.95 -9.26
N LYS F 94 21.50 -4.29 -9.07
CA LYS F 94 20.24 -4.75 -9.69
C LYS F 94 20.40 -4.90 -11.21
N ASP F 95 21.11 -3.94 -11.80
CA ASP F 95 21.37 -3.93 -13.22
C ASP F 95 22.54 -4.81 -13.64
N ASN F 96 23.35 -5.26 -12.67
CA ASN F 96 24.50 -6.08 -13.04
C ASN F 96 24.04 -7.35 -13.74
N LYS F 97 24.67 -7.63 -14.88
CA LYS F 97 24.28 -8.74 -15.75
C LYS F 97 24.31 -10.10 -15.01
N ARG F 98 25.30 -10.29 -14.15
CA ARG F 98 25.41 -11.54 -13.39
C ARG F 98 24.32 -11.68 -12.30
N TYR F 99 23.56 -10.61 -12.04
CA TYR F 99 22.38 -10.66 -11.18
C TYR F 99 21.06 -10.63 -11.98
N ALA F 100 21.17 -10.55 -13.30
CA ALA F 100 19.97 -10.56 -14.15
C ALA F 100 19.29 -11.92 -14.06
N GLY F 101 17.96 -11.92 -14.01
CA GLY F 101 17.20 -13.18 -13.99
C GLY F 101 17.08 -13.88 -12.65
N VAL F 102 17.71 -13.33 -11.61
CA VAL F 102 17.42 -13.74 -10.23
C VAL F 102 16.71 -12.62 -9.46
N ASP F 103 15.75 -13.02 -8.64
CA ASP F 103 15.00 -12.10 -7.81
C ASP F 103 14.97 -12.63 -6.38
N GLY F 104 14.68 -11.75 -5.42
CA GLY F 104 14.42 -12.13 -4.04
C GLY F 104 15.60 -12.74 -3.28
N TYR F 105 16.78 -12.16 -3.46
CA TYR F 105 18.03 -12.76 -2.94
C TYR F 105 18.58 -12.06 -1.72
N THR F 106 17.83 -11.11 -1.15
CA THR F 106 18.24 -10.51 0.14
C THR F 106 17.91 -11.49 1.26
N ILE F 107 18.62 -11.37 2.38
CA ILE F 107 18.44 -12.29 3.47
C ILE F 107 16.96 -12.41 3.91
N LYS F 108 16.28 -11.27 4.10
CA LYS F 108 14.90 -11.33 4.56
C LYS F 108 13.99 -12.04 3.53
N GLU F 109 14.22 -11.78 2.25
CA GLU F 109 13.43 -12.43 1.20
C GLU F 109 13.67 -13.96 1.15
N VAL F 110 14.93 -14.35 1.33
CA VAL F 110 15.26 -15.80 1.33
C VAL F 110 14.58 -16.56 2.48
N ALA F 111 14.63 -15.99 3.69
CA ALA F 111 13.92 -16.56 4.82
C ALA F 111 12.42 -16.65 4.55
N VAL F 112 11.82 -15.62 3.96
CA VAL F 112 10.39 -15.69 3.56
C VAL F 112 10.13 -16.85 2.58
N LYS F 113 10.94 -16.99 1.53
CA LYS F 113 10.71 -18.09 0.57
C LYS F 113 10.95 -19.46 1.22
N VAL F 114 11.95 -19.56 2.11
CA VAL F 114 12.21 -20.85 2.78
C VAL F 114 10.99 -21.27 3.61
N LYS F 115 10.48 -20.33 4.40
CA LYS F 115 9.27 -20.55 5.19
C LYS F 115 8.11 -21.00 4.31
N GLN F 116 7.92 -20.34 3.18
CA GLN F 116 6.82 -20.68 2.27
C GLN F 116 7.01 -22.07 1.62
N ASP F 117 8.21 -22.37 1.17
CA ASP F 117 8.49 -23.61 0.42
C ASP F 117 8.62 -24.84 1.30
N LEU F 118 9.20 -24.65 2.49
CA LEU F 118 9.69 -25.78 3.27
C LEU F 118 9.13 -25.81 4.69
N GLY F 119 8.60 -24.69 5.18
CA GLY F 119 8.15 -24.57 6.55
C GLY F 119 9.29 -24.16 7.47
N ASN F 120 9.07 -24.34 8.77
CA ASN F 120 10.11 -24.10 9.78
C ASN F 120 11.34 -24.95 9.56
N ILE F 121 12.51 -24.42 9.93
CA ILE F 121 13.74 -25.20 9.89
C ILE F 121 14.29 -25.50 11.28
N ASP F 122 15.22 -26.44 11.31
CA ASP F 122 15.86 -26.84 12.55
C ASP F 122 17.33 -26.44 12.63
N ILE F 123 17.95 -26.23 11.48
CA ILE F 123 19.40 -26.16 11.40
C ILE F 123 19.79 -25.02 10.44
N LEU F 124 20.71 -24.17 10.88
CA LEU F 124 21.16 -23.05 10.10
C LEU F 124 22.67 -23.05 10.04
N VAL F 125 23.23 -22.96 8.85
CA VAL F 125 24.67 -22.90 8.69
C VAL F 125 25.12 -21.65 7.96
N HIS F 126 26.15 -20.98 8.50
CA HIS F 126 26.71 -19.76 7.91
C HIS F 126 28.16 -20.10 7.52
N SER F 127 28.38 -20.32 6.23
CA SER F 127 29.68 -20.73 5.71
C SER F 127 30.11 -19.77 4.60
N LEU F 128 30.23 -18.49 4.94
CA LEU F 128 30.50 -17.49 3.93
C LEU F 128 31.32 -16.38 4.52
N ALA F 129 32.16 -15.79 3.66
CA ALA F 129 33.03 -14.71 4.09
C ALA F 129 33.49 -14.01 2.86
N ASN F 130 33.78 -12.72 2.98
CA ASN F 130 34.37 -12.03 1.87
C ASN F 130 35.07 -10.79 2.35
N GLY F 131 36.35 -10.68 2.04
CA GLY F 131 37.09 -9.52 2.43
C GLY F 131 37.82 -9.00 1.23
N PRO F 132 37.34 -7.90 0.63
CA PRO F 132 37.91 -7.44 -0.63
C PRO F 132 39.39 -7.05 -0.48
N GLU F 133 39.85 -6.74 0.74
CA GLU F 133 41.25 -6.30 0.92
C GLU F 133 42.07 -7.29 1.75
N VAL F 134 41.67 -8.56 1.71
CA VAL F 134 42.30 -9.58 2.55
C VAL F 134 43.83 -9.71 2.35
N THR F 135 44.34 -9.39 1.15
CA THR F 135 45.81 -9.46 0.97
C THR F 135 46.55 -8.23 1.53
N LYS F 136 45.83 -7.23 2.05
CA LYS F 136 46.48 -6.02 2.57
C LYS F 136 46.67 -6.16 4.09
N PRO F 137 47.86 -5.78 4.60
CA PRO F 137 48.03 -5.69 6.06
C PRO F 137 47.00 -4.69 6.66
N LEU F 138 46.70 -4.81 7.97
CA LEU F 138 45.77 -3.89 8.61
C LEU F 138 46.20 -2.42 8.51
N LEU F 139 47.52 -2.16 8.60
CA LEU F 139 48.08 -0.82 8.37
C LEU F 139 47.88 -0.29 6.95
N GLU F 140 47.40 -1.13 6.03
CA GLU F 140 47.15 -0.66 4.65
C GLU F 140 45.70 -0.88 4.22
N THR F 141 44.84 -1.28 5.15
CA THR F 141 43.43 -1.52 4.90
C THR F 141 42.57 -0.23 5.02
N SER F 142 41.75 0.03 4.00
CA SER F 142 40.85 1.19 3.99
C SER F 142 39.61 0.92 4.85
N ARG F 143 38.95 2.00 5.27
CA ARG F 143 37.72 1.88 6.05
C ARG F 143 36.69 1.10 5.23
N LYS F 144 36.57 1.41 3.95
CA LYS F 144 35.59 0.72 3.09
C LYS F 144 35.87 -0.78 3.03
N GLY F 145 37.15 -1.17 2.89
CA GLY F 145 37.50 -2.60 2.87
C GLY F 145 37.22 -3.33 4.18
N TYR F 146 37.56 -2.67 5.27
CA TYR F 146 37.41 -3.20 6.61
C TYR F 146 35.92 -3.43 6.91
N LEU F 147 35.10 -2.42 6.61
CA LEU F 147 33.67 -2.48 6.86
C LEU F 147 32.98 -3.47 5.91
N ALA F 148 33.44 -3.56 4.65
CA ALA F 148 32.95 -4.63 3.76
C ALA F 148 33.27 -6.03 4.33
N ALA F 149 34.48 -6.24 4.86
CA ALA F 149 34.79 -7.51 5.51
C ALA F 149 33.79 -7.83 6.63
N SER F 150 33.55 -6.84 7.49
CA SER F 150 32.66 -7.03 8.60
C SER F 150 31.19 -7.23 8.13
N SER F 151 30.75 -6.43 7.17
CA SER F 151 29.42 -6.53 6.61
C SER F 151 29.14 -7.94 6.03
N ASN F 152 30.02 -8.38 5.12
CA ASN F 152 29.90 -9.67 4.43
C ASN F 152 30.11 -10.88 5.34
N SER F 153 30.98 -10.75 6.35
CA SER F 153 31.49 -11.90 7.10
C SER F 153 31.03 -12.05 8.56
N ALA F 154 30.67 -10.95 9.22
CA ALA F 154 30.22 -11.00 10.60
C ALA F 154 28.76 -10.59 10.66
N TYR F 155 28.40 -9.39 10.21
CA TYR F 155 27.00 -9.00 10.35
C TYR F 155 26.05 -9.95 9.57
N SER F 156 26.53 -10.53 8.47
CA SER F 156 25.72 -11.50 7.73
C SER F 156 25.18 -12.61 8.64
N PHE F 157 25.94 -13.01 9.66
CA PHE F 157 25.52 -14.10 10.57
C PHE F 157 24.43 -13.56 11.50
N VAL F 158 24.61 -12.34 11.98
CA VAL F 158 23.62 -11.71 12.84
C VAL F 158 22.30 -11.64 12.08
N SER F 159 22.34 -11.13 10.84
CA SER F 159 21.12 -10.95 10.02
C SER F 159 20.44 -12.29 9.73
N LEU F 160 21.27 -13.29 9.47
CA LEU F 160 20.74 -14.63 9.22
C LEU F 160 19.94 -15.12 10.43
N LEU F 161 20.47 -14.90 11.64
CA LEU F 161 19.75 -15.29 12.85
C LEU F 161 18.51 -14.43 13.05
N GLN F 162 18.58 -13.13 12.72
CA GLN F 162 17.40 -12.28 12.89
C GLN F 162 16.23 -12.72 12.02
N HIS F 163 16.53 -13.23 10.82
CA HIS F 163 15.48 -13.56 9.85
C HIS F 163 15.10 -15.03 9.85
N PHE F 164 16.07 -15.91 10.14
CA PHE F 164 15.75 -17.31 10.28
C PHE F 164 15.31 -17.71 11.69
N GLY F 165 15.82 -17.05 12.72
CA GLY F 165 15.42 -17.31 14.11
C GLY F 165 13.90 -17.46 14.31
N PRO F 166 13.09 -16.53 13.76
CA PRO F 166 11.63 -16.67 13.92
C PRO F 166 11.01 -17.92 13.27
N ILE F 167 11.74 -18.60 12.38
CA ILE F 167 11.17 -19.79 11.74
C ILE F 167 11.97 -21.05 12.10
N MET F 168 12.72 -20.98 13.20
CA MET F 168 13.49 -22.12 13.68
C MET F 168 12.70 -22.78 14.80
N ASN F 169 12.63 -24.09 14.75
CA ASN F 169 12.05 -24.85 15.83
C ASN F 169 12.88 -24.78 17.12
N GLU F 170 12.17 -24.83 18.24
CA GLU F 170 12.78 -24.80 19.54
C GLU F 170 13.77 -26.00 19.63
N GLY F 171 14.99 -25.78 20.12
CA GLY F 171 15.97 -26.85 20.15
C GLY F 171 16.84 -26.94 18.90
N GLY F 172 16.55 -26.10 17.92
CA GLY F 172 17.35 -26.04 16.72
C GLY F 172 18.69 -25.40 17.00
N SER F 173 19.52 -25.32 15.97
CA SER F 173 20.88 -24.87 16.15
C SER F 173 21.45 -24.19 14.91
N ALA F 174 22.41 -23.32 15.14
CA ALA F 174 23.10 -22.57 14.09
C ALA F 174 24.57 -22.70 14.31
N VAL F 175 25.34 -22.75 13.23
CA VAL F 175 26.80 -22.77 13.35
C VAL F 175 27.41 -21.83 12.31
N THR F 176 28.54 -21.25 12.67
CA THR F 176 29.31 -20.47 11.70
C THR F 176 30.77 -20.91 11.73
N LEU F 177 31.56 -20.43 10.77
CA LEU F 177 32.97 -20.79 10.69
C LEU F 177 33.87 -19.58 10.91
N SER F 178 34.87 -19.78 11.76
CA SER F 178 35.83 -18.76 12.07
C SER F 178 37.24 -19.32 11.85
N TYR F 179 38.24 -18.56 12.35
CA TYR F 179 39.63 -18.89 12.16
C TYR F 179 40.44 -18.29 13.32
N LEU F 180 41.53 -18.97 13.65
CA LEU F 180 42.44 -18.62 14.77
C LEU F 180 42.87 -17.15 14.78
N ALA F 181 42.97 -16.57 13.59
CA ALA F 181 43.34 -15.15 13.39
C ALA F 181 42.44 -14.18 14.20
N ALA F 182 41.24 -14.64 14.55
CA ALA F 182 40.33 -13.88 15.42
C ALA F 182 40.93 -13.69 16.85
N GLU F 183 41.76 -14.65 17.29
CA GLU F 183 42.30 -14.66 18.66
C GLU F 183 43.77 -14.34 18.76
N ARG F 184 44.53 -14.68 17.73
CA ARG F 184 45.98 -14.52 17.70
C ARG F 184 46.41 -14.12 16.30
N VAL F 185 47.58 -13.48 16.20
CA VAL F 185 47.98 -12.87 14.94
C VAL F 185 48.42 -13.91 13.94
N VAL F 186 47.75 -13.94 12.78
CA VAL F 186 48.20 -14.73 11.64
C VAL F 186 48.56 -13.83 10.47
N PRO F 187 49.87 -13.59 10.22
CA PRO F 187 50.29 -12.75 9.08
C PRO F 187 49.67 -13.21 7.75
N GLY F 188 49.21 -12.26 6.93
CA GLY F 188 48.60 -12.55 5.63
C GLY F 188 47.09 -12.61 5.67
N TYR F 189 46.47 -12.78 6.85
CA TYR F 189 45.01 -12.78 6.91
C TYR F 189 44.58 -11.34 7.19
N GLY F 190 44.61 -10.51 6.16
CA GLY F 190 44.50 -9.07 6.36
C GLY F 190 43.14 -8.50 5.98
N GLY F 191 43.09 -7.21 5.65
CA GLY F 191 41.89 -6.58 5.16
C GLY F 191 40.80 -6.43 6.20
N GLY F 192 41.15 -6.60 7.47
CA GLY F 192 40.14 -6.55 8.51
C GLY F 192 39.36 -7.86 8.62
N MET F 193 39.83 -8.92 7.96
CA MET F 193 39.18 -10.26 8.10
C MET F 193 39.44 -10.86 9.50
N SER F 194 40.62 -10.62 10.08
CA SER F 194 40.88 -11.08 11.47
C SER F 194 39.88 -10.38 12.45
N SER F 195 39.68 -9.07 12.27
CA SER F 195 38.74 -8.27 13.09
C SER F 195 37.31 -8.78 12.87
N ALA F 196 36.93 -9.07 11.62
CA ALA F 196 35.60 -9.59 11.33
C ALA F 196 35.35 -10.96 11.97
N LYS F 197 36.34 -11.86 11.91
CA LYS F 197 36.23 -13.15 12.65
C LYS F 197 36.15 -13.00 14.18
N ALA F 198 36.87 -12.03 14.75
CA ALA F 198 36.72 -11.75 16.20
C ALA F 198 35.27 -11.28 16.54
N ALA F 199 34.73 -10.36 15.73
CA ALA F 199 33.35 -9.87 15.90
C ALA F 199 32.40 -11.05 15.77
N LEU F 200 32.66 -11.92 14.80
CA LEU F 200 31.79 -13.09 14.54
C LEU F 200 31.76 -14.10 15.72
N GLU F 201 32.91 -14.37 16.35
CA GLU F 201 32.95 -15.21 17.53
C GLU F 201 32.28 -14.54 18.71
N SER F 202 32.50 -13.25 18.86
CA SER F 202 31.82 -12.49 19.96
C SER F 202 30.28 -12.50 19.74
N ASP F 203 29.86 -12.36 18.49
CA ASP F 203 28.46 -12.43 18.14
C ASP F 203 27.87 -13.82 18.36
N THR F 204 28.69 -14.85 18.14
CA THR F 204 28.27 -16.23 18.41
C THR F 204 27.84 -16.35 19.87
N ARG F 205 28.63 -15.77 20.78
CA ARG F 205 28.27 -15.80 22.20
C ARG F 205 27.04 -14.98 22.47
N THR F 206 27.00 -13.77 21.93
CA THR F 206 25.86 -12.88 22.20
C THR F 206 24.56 -13.48 21.65
N LEU F 207 24.64 -14.04 20.46
CA LEU F 207 23.46 -14.64 19.87
C LEU F 207 23.08 -15.94 20.61
N ALA F 208 24.08 -16.68 21.10
CA ALA F 208 23.79 -17.83 21.94
C ALA F 208 22.89 -17.39 23.10
N TRP F 209 23.25 -16.29 23.76
CA TRP F 209 22.38 -15.75 24.83
C TRP F 209 21.00 -15.32 24.28
N GLU F 210 20.99 -14.43 23.26
CA GLU F 210 19.71 -13.84 22.82
C GLU F 210 18.81 -14.85 22.15
N ALA F 211 19.40 -15.67 21.28
CA ALA F 211 18.62 -16.68 20.56
C ALA F 211 18.29 -17.88 21.45
N GLY F 212 19.14 -18.17 22.41
CA GLY F 212 18.85 -19.21 23.40
C GLY F 212 17.64 -18.82 24.25
N GLN F 213 17.57 -17.57 24.67
CA GLN F 213 16.50 -17.16 25.53
C GLN F 213 15.18 -17.03 24.72
N LYS F 214 15.27 -16.46 23.53
CA LYS F 214 14.07 -16.09 22.79
C LYS F 214 13.49 -17.29 22.05
N TYR F 215 14.36 -18.11 21.47
CA TYR F 215 13.92 -19.17 20.58
C TYR F 215 14.25 -20.58 21.04
N GLY F 216 15.06 -20.69 22.08
CA GLY F 216 15.57 -21.99 22.53
C GLY F 216 16.54 -22.58 21.48
N VAL F 217 17.24 -21.70 20.78
CA VAL F 217 18.13 -22.11 19.68
C VAL F 217 19.58 -21.99 20.14
N ARG F 218 20.40 -22.97 19.80
CA ARG F 218 21.83 -23.01 20.15
C ARG F 218 22.62 -22.34 19.03
N VAL F 219 23.69 -21.64 19.40
CA VAL F 219 24.49 -20.94 18.40
C VAL F 219 25.94 -21.24 18.73
N ASN F 220 26.68 -21.78 17.76
CA ASN F 220 28.10 -22.08 17.98
C ASN F 220 28.97 -21.71 16.78
N ALA F 221 30.27 -21.71 17.01
CA ALA F 221 31.26 -21.50 15.96
C ALA F 221 32.27 -22.65 15.91
N ILE F 222 32.72 -22.94 14.70
CA ILE F 222 33.90 -23.82 14.47
C ILE F 222 35.05 -22.96 13.99
N SER F 223 36.16 -22.99 14.71
CA SER F 223 37.37 -22.33 14.27
C SER F 223 38.16 -23.41 13.51
N ALA F 224 38.16 -23.29 12.19
CA ALA F 224 38.72 -24.32 11.31
C ALA F 224 40.16 -24.03 10.96
N GLY F 225 40.87 -25.08 10.58
CA GLY F 225 42.21 -24.92 9.97
C GLY F 225 42.15 -24.63 8.48
N PRO F 226 43.32 -24.47 7.87
CA PRO F 226 43.41 -24.07 6.48
C PRO F 226 43.02 -25.18 5.50
N LEU F 227 42.28 -24.77 4.46
CA LEU F 227 41.67 -25.65 3.46
C LEU F 227 41.81 -24.98 2.08
N LYS F 228 42.25 -25.75 1.10
CA LYS F 228 42.40 -25.22 -0.26
C LYS F 228 41.05 -25.23 -0.97
N SER F 229 40.14 -24.38 -0.50
CA SER F 229 38.84 -24.16 -1.13
C SER F 229 39.07 -23.35 -2.40
N ARG F 230 38.05 -23.19 -3.23
CA ARG F 230 38.16 -22.21 -4.35
C ARG F 230 38.46 -20.76 -3.86
N ALA F 231 37.77 -20.28 -2.81
CA ALA F 231 38.04 -18.92 -2.29
C ALA F 231 39.49 -18.77 -1.81
N ALA F 232 39.99 -19.76 -1.05
CA ALA F 232 41.36 -19.68 -0.53
C ALA F 232 42.40 -19.76 -1.67
N SER F 233 42.13 -20.58 -2.68
CA SER F 233 43.14 -20.78 -3.73
C SER F 233 43.20 -19.59 -4.73
N ALA F 234 42.17 -18.73 -4.72
CA ALA F 234 42.11 -17.56 -5.62
C ALA F 234 42.98 -16.39 -5.15
N ILE F 235 43.30 -16.36 -3.85
CA ILE F 235 44.04 -15.26 -3.22
C ILE F 235 45.52 -15.14 -3.62
N SER F 242 52.47 -20.44 -3.55
CA SER F 242 51.07 -20.08 -3.29
C SER F 242 50.69 -20.04 -1.79
N PHE F 243 49.97 -18.98 -1.40
CA PHE F 243 49.81 -18.67 0.02
C PHE F 243 48.99 -19.66 0.90
N ILE F 244 47.95 -20.26 0.32
CA ILE F 244 47.16 -21.26 1.03
C ILE F 244 48.01 -22.51 1.20
N ASP F 245 48.84 -22.82 0.20
CA ASP F 245 49.77 -23.96 0.27
C ASP F 245 50.73 -23.82 1.43
N TYR F 246 51.23 -22.61 1.67
CA TYR F 246 52.11 -22.34 2.83
C TYR F 246 51.39 -22.51 4.17
N ALA F 247 50.16 -22.01 4.26
CA ALA F 247 49.41 -22.12 5.52
C ALA F 247 49.17 -23.61 5.85
N ILE F 248 48.86 -24.40 4.84
CA ILE F 248 48.62 -25.84 4.96
C ILE F 248 49.89 -26.57 5.39
N ASP F 249 51.01 -26.28 4.74
CA ASP F 249 52.30 -26.84 5.12
C ASP F 249 52.67 -26.49 6.58
N TYR F 250 52.50 -25.24 6.97
CA TYR F 250 52.73 -24.83 8.36
C TYR F 250 51.93 -25.73 9.35
N SER F 251 50.64 -25.91 9.05
CA SER F 251 49.78 -26.67 9.92
C SER F 251 50.25 -28.13 9.97
N TYR F 252 50.48 -28.71 8.80
CA TYR F 252 50.98 -30.09 8.72
C TYR F 252 52.26 -30.30 9.55
N ASN F 253 53.18 -29.35 9.48
CA ASN F 253 54.48 -29.44 10.17
C ASN F 253 54.48 -29.04 11.65
N ASN F 254 53.45 -28.36 12.09
CA ASN F 254 53.45 -27.85 13.48
C ASN F 254 52.27 -28.30 14.39
N ALA F 255 51.28 -28.98 13.83
CA ALA F 255 50.09 -29.35 14.63
C ALA F 255 50.33 -30.64 15.39
N PRO F 256 49.69 -30.82 16.55
CA PRO F 256 49.78 -32.12 17.30
C PRO F 256 49.47 -33.35 16.45
N LEU F 257 48.43 -33.28 15.61
CA LEU F 257 48.15 -34.39 14.70
C LEU F 257 48.76 -34.06 13.36
N ARG F 258 49.71 -34.87 12.93
CA ARG F 258 50.36 -34.69 11.66
C ARG F 258 49.54 -35.43 10.62
N ARG F 259 48.61 -34.73 9.98
CA ARG F 259 47.73 -35.36 9.01
C ARG F 259 47.15 -34.24 8.14
N ASP F 260 46.61 -34.55 6.96
CA ASP F 260 45.90 -33.55 6.11
C ASP F 260 44.57 -33.17 6.75
N LEU F 261 44.22 -31.90 6.69
CA LEU F 261 42.89 -31.45 7.10
C LEU F 261 41.96 -31.48 5.89
N HIS F 262 40.85 -32.23 5.96
CA HIS F 262 39.89 -32.37 4.85
C HIS F 262 38.63 -31.60 5.21
N SER F 263 37.91 -31.14 4.19
CA SER F 263 36.64 -30.44 4.43
C SER F 263 35.66 -31.32 5.21
N ASP F 264 35.70 -32.63 5.00
CA ASP F 264 34.88 -33.58 5.79
C ASP F 264 35.14 -33.57 7.31
N ASP F 265 36.34 -33.18 7.71
CA ASP F 265 36.68 -33.09 9.15
C ASP F 265 35.84 -32.01 9.81
N VAL F 266 35.65 -30.90 9.10
CA VAL F 266 34.80 -29.83 9.58
C VAL F 266 33.30 -30.17 9.40
N GLY F 267 32.97 -30.82 8.30
CA GLY F 267 31.61 -31.33 8.09
C GLY F 267 31.14 -32.20 9.23
N GLY F 268 31.99 -33.12 9.70
CA GLY F 268 31.66 -34.00 10.82
C GLY F 268 31.46 -33.27 12.15
N ALA F 269 32.38 -32.36 12.48
CA ALA F 269 32.24 -31.50 13.66
C ALA F 269 30.97 -30.63 13.65
N ALA F 270 30.64 -30.07 12.48
CA ALA F 270 29.42 -29.29 12.32
C ALA F 270 28.20 -30.18 12.53
N LEU F 271 28.22 -31.38 11.96
CA LEU F 271 27.10 -32.30 12.14
C LEU F 271 26.83 -32.52 13.65
N PHE F 272 27.90 -32.74 14.42
CA PHE F 272 27.74 -32.86 15.88
C PHE F 272 27.07 -31.62 16.50
N LEU F 273 27.63 -30.44 16.25
CA LEU F 273 27.09 -29.22 16.79
C LEU F 273 25.64 -28.95 16.40
N LEU F 274 25.22 -29.47 15.25
CA LEU F 274 23.88 -29.25 14.73
C LEU F 274 22.92 -30.40 15.07
N SER F 275 23.36 -31.35 15.90
CA SER F 275 22.57 -32.53 16.26
C SER F 275 22.13 -32.51 17.75
N PRO F 276 21.18 -33.39 18.10
CA PRO F 276 20.77 -33.52 19.52
C PRO F 276 21.91 -33.97 20.45
N LEU F 277 22.97 -34.59 19.92
CA LEU F 277 24.10 -34.92 20.78
C LEU F 277 24.69 -33.68 21.41
N ALA F 278 24.51 -32.52 20.78
CA ALA F 278 25.03 -31.26 21.31
C ALA F 278 23.96 -30.42 22.01
N ARG F 279 22.90 -31.02 22.51
CA ARG F 279 21.78 -30.22 23.03
C ARG F 279 22.14 -29.31 24.24
N ALA F 280 23.26 -29.56 24.90
CA ALA F 280 23.70 -28.68 26.01
C ALA F 280 24.86 -27.78 25.58
N VAL F 281 25.14 -27.73 24.28
CA VAL F 281 26.33 -27.01 23.82
C VAL F 281 25.90 -25.73 23.11
N SER F 282 26.35 -24.58 23.63
CA SER F 282 25.98 -23.29 23.01
C SER F 282 26.99 -22.23 23.37
N GLY F 283 27.25 -21.35 22.39
CA GLY F 283 28.24 -20.26 22.55
C GLY F 283 29.71 -20.67 22.42
N VAL F 284 29.99 -21.89 21.96
CA VAL F 284 31.37 -22.36 21.98
C VAL F 284 32.07 -21.99 20.67
N THR F 285 33.40 -21.92 20.76
CA THR F 285 34.25 -21.90 19.57
C THR F 285 35.01 -23.23 19.60
N LEU F 286 34.65 -24.13 18.72
CA LEU F 286 35.28 -25.45 18.69
C LEU F 286 36.36 -25.50 17.64
N TYR F 287 37.59 -25.77 18.08
CA TYR F 287 38.71 -25.82 17.13
C TYR F 287 38.70 -27.14 16.38
N VAL F 288 38.69 -27.02 15.07
CA VAL F 288 38.79 -28.16 14.19
C VAL F 288 39.98 -27.92 13.26
N ASP F 289 41.17 -28.23 13.77
CA ASP F 289 42.39 -27.70 13.18
C ASP F 289 43.59 -28.60 13.48
N ASN F 290 43.35 -29.89 13.73
CA ASN F 290 44.43 -30.86 14.07
C ASN F 290 45.20 -30.53 15.34
N GLY F 291 44.60 -29.66 16.16
CA GLY F 291 45.14 -29.29 17.47
C GLY F 291 46.06 -28.09 17.43
N LEU F 292 46.22 -27.46 16.27
CA LEU F 292 47.20 -26.38 16.11
C LEU F 292 47.01 -25.24 17.14
N HIS F 293 45.77 -24.86 17.39
CA HIS F 293 45.38 -23.83 18.41
C HIS F 293 46.08 -24.03 19.76
N ALA F 294 46.36 -25.28 20.11
CA ALA F 294 46.91 -25.59 21.44
C ALA F 294 48.39 -25.24 21.58
N MET F 295 49.10 -25.05 20.47
CA MET F 295 50.54 -24.86 20.48
C MET F 295 50.98 -23.45 20.83
N GLY F 296 52.08 -23.37 21.57
CA GLY F 296 52.62 -22.09 22.03
C GLY F 296 53.90 -21.77 21.29
N GLN F 297 54.30 -22.66 20.39
CA GLN F 297 55.60 -22.52 19.76
C GLN F 297 55.55 -23.38 18.51
N ALA F 298 56.09 -22.87 17.40
CA ALA F 298 56.29 -23.72 16.23
C ALA F 298 57.40 -24.68 16.56
N VAL F 299 57.32 -25.90 16.02
CA VAL F 299 58.41 -26.85 16.21
C VAL F 299 59.32 -26.93 14.99
N ASP F 300 59.02 -26.16 13.93
CA ASP F 300 59.96 -26.16 12.79
C ASP F 300 60.59 -24.79 12.51
N SER F 301 60.74 -24.01 13.57
CA SER F 301 61.28 -22.67 13.47
C SER F 301 62.75 -22.80 13.13
N ARG F 302 63.25 -21.90 12.28
CA ARG F 302 64.71 -21.79 12.03
C ARG F 302 65.51 -21.36 13.24
N SER F 303 64.84 -20.91 14.31
CA SER F 303 65.51 -20.61 15.59
C SER F 303 65.92 -21.89 16.33
N MET F 304 65.24 -22.99 16.02
CA MET F 304 65.49 -24.32 16.64
C MET F 304 66.25 -25.25 15.69
N PRO F 305 66.83 -26.35 16.21
CA PRO F 305 67.44 -27.34 15.32
C PRO F 305 66.39 -28.16 14.54
N PRO F 306 66.75 -28.64 13.31
CA PRO F 306 65.86 -29.45 12.45
C PRO F 306 65.39 -30.79 13.05
N LEU F 307 64.49 -31.47 12.34
CA LEU F 307 64.00 -32.84 12.64
C LEU F 307 64.33 -33.38 14.04
#